data_6JPP
#
_entry.id   6JPP
#
_entity_poly.entity_id   1
_entity_poly.type   'polypeptide(L)'
_entity_poly.pdbx_seq_one_letter_code
;GMPPPADIVKVAIEWPGAYPKLMEIDQKKPLSAIIKEVCDGWSLANHEYFALQHADSSNFYITEKNRNEIKNGTILRLTT
SPAQNAQQLHERIQSSSMDAKLEALKDLASLSRD
;
_entity_poly.pdbx_strand_id   A
#
# COMPACT_ATOMS: atom_id res chain seq x y z
N GLY A 1 -28.25 -18.80 5.08
CA GLY A 1 -27.54 -18.40 3.84
C GLY A 1 -26.07 -18.12 4.09
N MET A 2 -25.42 -17.40 3.16
CA MET A 2 -24.00 -17.02 3.21
C MET A 2 -23.76 -15.68 2.47
N PRO A 3 -22.95 -14.74 3.01
CA PRO A 3 -22.64 -13.47 2.35
C PRO A 3 -21.71 -13.64 1.12
N PRO A 4 -21.64 -12.64 0.23
CA PRO A 4 -20.68 -12.63 -0.90
C PRO A 4 -19.21 -12.72 -0.46
N PRO A 5 -18.30 -13.25 -1.30
CA PRO A 5 -16.87 -13.32 -1.00
C PRO A 5 -16.21 -11.94 -0.92
N ALA A 6 -15.18 -11.81 -0.08
CA ALA A 6 -14.41 -10.59 0.12
C ALA A 6 -13.52 -10.22 -1.09
N ASP A 7 -13.20 -8.94 -1.23
CA ASP A 7 -12.32 -8.36 -2.26
C ASP A 7 -10.83 -8.24 -1.81
N ILE A 8 -10.45 -9.00 -0.77
CA ILE A 8 -9.07 -9.16 -0.31
C ILE A 8 -8.23 -9.86 -1.40
N VAL A 9 -7.00 -9.39 -1.61
CA VAL A 9 -6.08 -9.88 -2.66
C VAL A 9 -4.67 -10.16 -2.11
N LYS A 10 -4.13 -11.34 -2.39
CA LYS A 10 -2.74 -11.72 -2.03
C LYS A 10 -1.73 -11.07 -2.98
N VAL A 11 -0.59 -10.64 -2.45
CA VAL A 11 0.49 -9.93 -3.17
C VAL A 11 1.87 -10.41 -2.73
N ALA A 12 2.88 -10.24 -3.60
CA ALA A 12 4.29 -10.47 -3.29
C ALA A 12 5.06 -9.15 -3.42
N ILE A 13 5.73 -8.71 -2.36
CA ILE A 13 6.36 -7.39 -2.26
C ILE A 13 7.89 -7.52 -2.27
N GLU A 14 8.54 -6.81 -3.19
CA GLU A 14 9.99 -6.72 -3.31
C GLU A 14 10.62 -5.70 -2.33
N TRP A 15 11.86 -5.97 -1.90
CA TRP A 15 12.74 -5.06 -1.16
C TRP A 15 14.22 -5.48 -1.35
N PRO A 16 15.20 -4.56 -1.46
CA PRO A 16 16.60 -4.93 -1.70
C PRO A 16 17.22 -5.79 -0.60
N GLY A 17 18.03 -6.78 -1.01
CA GLY A 17 18.73 -7.69 -0.09
C GLY A 17 17.84 -8.70 0.65
N ALA A 18 16.58 -8.88 0.23
CA ALA A 18 15.60 -9.77 0.86
C ALA A 18 14.75 -10.52 -0.17
N TYR A 19 14.25 -11.71 0.22
CA TYR A 19 13.25 -12.45 -0.55
C TYR A 19 11.88 -11.73 -0.53
N PRO A 20 11.03 -11.85 -1.58
CA PRO A 20 9.74 -11.17 -1.63
C PRO A 20 8.80 -11.56 -0.48
N LYS A 21 8.23 -10.56 0.20
CA LYS A 21 7.25 -10.72 1.29
C LYS A 21 5.86 -11.02 0.72
N LEU A 22 5.34 -12.22 0.98
CA LEU A 22 3.94 -12.56 0.70
C LEU A 22 3.04 -11.98 1.80
N MET A 23 1.97 -11.28 1.42
CA MET A 23 0.93 -10.78 2.34
C MET A 23 -0.41 -10.59 1.62
N GLU A 24 -1.45 -10.20 2.35
CA GLU A 24 -2.80 -9.96 1.81
C GLU A 24 -3.24 -8.51 2.03
N ILE A 25 -3.59 -7.84 0.95
CA ILE A 25 -4.15 -6.48 0.92
C ILE A 25 -5.67 -6.57 1.00
N ASP A 26 -6.23 -6.16 2.14
CA ASP A 26 -7.67 -5.97 2.31
C ASP A 26 -8.08 -4.59 1.79
N GLN A 27 -8.95 -4.55 0.78
CA GLN A 27 -9.43 -3.32 0.17
C GLN A 27 -10.29 -2.45 1.12
N LYS A 28 -10.72 -2.97 2.28
CA LYS A 28 -11.37 -2.19 3.36
C LYS A 28 -10.38 -1.49 4.30
N LYS A 29 -9.15 -2.00 4.45
CA LYS A 29 -8.12 -1.45 5.36
C LYS A 29 -7.44 -0.20 4.78
N PRO A 30 -7.00 0.74 5.63
CA PRO A 30 -6.23 1.91 5.19
C PRO A 30 -4.82 1.49 4.73
N LEU A 31 -4.33 2.13 3.67
CA LEU A 31 -2.99 1.88 3.13
C LEU A 31 -1.89 2.18 4.13
N SER A 32 -2.08 3.15 5.03
CA SER A 32 -1.14 3.45 6.13
C SER A 32 -0.92 2.24 7.06
N ALA A 33 -1.99 1.54 7.45
CA ALA A 33 -1.88 0.32 8.27
C ALA A 33 -1.24 -0.84 7.48
N ILE A 34 -1.58 -0.98 6.20
CA ILE A 34 -0.97 -2.00 5.32
C ILE A 34 0.53 -1.76 5.16
N ILE A 35 0.95 -0.53 4.86
CA ILE A 35 2.37 -0.14 4.71
C ILE A 35 3.15 -0.36 6.02
N LYS A 36 2.54 -0.07 7.18
CA LYS A 36 3.10 -0.42 8.49
C LYS A 36 3.31 -1.93 8.66
N GLU A 37 2.38 -2.75 8.19
CA GLU A 37 2.49 -4.21 8.16
C GLU A 37 3.51 -4.73 7.13
N VAL A 38 3.81 -3.98 6.05
CA VAL A 38 4.93 -4.32 5.13
C VAL A 38 6.28 -4.10 5.83
N CYS A 39 6.57 -2.86 6.24
CA CYS A 39 7.89 -2.45 6.73
C CYS A 39 8.28 -3.17 8.03
N ASP A 40 7.32 -3.47 8.92
CA ASP A 40 7.56 -4.27 10.13
C ASP A 40 8.05 -5.70 9.80
N GLY A 41 7.68 -6.26 8.64
CA GLY A 41 8.17 -7.55 8.15
C GLY A 41 9.67 -7.59 7.85
N TRP A 42 10.29 -6.43 7.60
CA TRP A 42 11.74 -6.23 7.44
C TRP A 42 12.36 -5.37 8.55
N SER A 43 11.62 -5.10 9.64
CA SER A 43 12.00 -4.22 10.76
C SER A 43 12.40 -2.79 10.34
N LEU A 44 11.86 -2.29 9.21
CA LEU A 44 12.11 -0.95 8.68
C LEU A 44 11.33 0.11 9.48
N ALA A 45 12.02 1.14 9.95
CA ALA A 45 11.46 2.22 10.77
C ALA A 45 10.66 3.26 9.96
N ASN A 46 9.85 4.07 10.67
CA ASN A 46 9.12 5.23 10.15
C ASN A 46 8.24 4.92 8.92
N HIS A 47 7.17 4.14 9.11
CA HIS A 47 6.29 3.70 8.01
C HIS A 47 5.61 4.86 7.26
N GLU A 48 5.50 6.03 7.91
CA GLU A 48 5.03 7.30 7.30
C GLU A 48 5.84 7.69 6.05
N TYR A 49 7.11 7.29 5.98
CA TYR A 49 8.02 7.57 4.86
C TYR A 49 7.75 6.70 3.63
N PHE A 50 7.05 5.57 3.79
CA PHE A 50 6.92 4.53 2.77
C PHE A 50 5.63 4.59 1.95
N ALA A 51 5.70 3.97 0.77
CA ALA A 51 4.61 3.69 -0.16
C ALA A 51 4.84 2.34 -0.86
N LEU A 52 3.75 1.71 -1.31
CA LEU A 52 3.80 0.56 -2.20
C LEU A 52 3.85 1.04 -3.66
N GLN A 53 4.49 0.24 -4.51
CA GLN A 53 4.72 0.49 -5.92
C GLN A 53 4.46 -0.80 -6.73
N HIS A 54 3.91 -0.68 -7.93
CA HIS A 54 3.76 -1.81 -8.86
C HIS A 54 5.10 -2.15 -9.51
N ALA A 55 5.52 -3.42 -9.42
CA ALA A 55 6.76 -3.91 -10.01
C ALA A 55 6.55 -4.62 -11.36
N ASP A 56 5.40 -5.27 -11.56
CA ASP A 56 5.10 -6.05 -12.78
C ASP A 56 4.88 -5.17 -14.03
N SER A 57 4.20 -4.04 -13.87
CA SER A 57 3.84 -3.07 -14.94
C SER A 57 3.46 -1.71 -14.34
N SER A 58 3.19 -0.71 -15.20
CA SER A 58 2.70 0.66 -14.93
C SER A 58 3.59 1.60 -14.09
N ASN A 59 4.32 1.09 -13.09
CA ASN A 59 5.05 1.84 -12.07
C ASN A 59 4.22 2.93 -11.36
N PHE A 60 2.91 2.72 -11.20
CA PHE A 60 2.03 3.57 -10.39
C PHE A 60 2.21 3.29 -8.88
N TYR A 61 2.54 4.33 -8.11
CA TYR A 61 2.51 4.27 -6.64
C TYR A 61 1.07 4.00 -6.17
N ILE A 62 0.90 3.19 -5.12
CA ILE A 62 -0.42 2.85 -4.59
C ILE A 62 -1.01 4.00 -3.78
N THR A 63 -2.30 4.27 -4.01
CA THR A 63 -3.11 5.37 -3.45
C THR A 63 -4.52 4.86 -3.20
N GLU A 64 -5.38 5.67 -2.57
CA GLU A 64 -6.79 5.33 -2.34
C GLU A 64 -7.57 5.00 -3.63
N LYS A 65 -7.10 5.48 -4.78
CA LYS A 65 -7.57 5.10 -6.12
C LYS A 65 -6.79 3.91 -6.70
N ASN A 66 -5.46 3.98 -6.73
CA ASN A 66 -4.60 2.99 -7.41
C ASN A 66 -4.59 1.60 -6.75
N ARG A 67 -5.02 1.48 -5.49
CA ARG A 67 -5.27 0.18 -4.81
C ARG A 67 -6.22 -0.74 -5.58
N ASN A 68 -7.14 -0.19 -6.37
CA ASN A 68 -8.08 -0.94 -7.20
C ASN A 68 -7.41 -1.61 -8.42
N GLU A 69 -6.20 -1.21 -8.80
CA GLU A 69 -5.40 -1.87 -9.86
C GLU A 69 -4.71 -3.15 -9.36
N ILE A 70 -4.64 -3.38 -8.05
CA ILE A 70 -4.07 -4.59 -7.44
C ILE A 70 -5.04 -5.77 -7.60
N LYS A 71 -4.49 -6.92 -8.01
CA LYS A 71 -5.17 -8.22 -8.15
C LYS A 71 -4.47 -9.33 -7.36
N ASN A 72 -5.11 -10.49 -7.21
CA ASN A 72 -4.48 -11.66 -6.59
C ASN A 72 -3.24 -12.12 -7.39
N GLY A 73 -2.08 -12.19 -6.73
CA GLY A 73 -0.79 -12.45 -7.37
C GLY A 73 -0.18 -11.23 -8.08
N THR A 74 -0.37 -10.01 -7.54
CA THR A 74 0.35 -8.81 -8.01
C THR A 74 1.77 -8.77 -7.42
N ILE A 75 2.77 -8.52 -8.26
CA ILE A 75 4.14 -8.23 -7.81
C ILE A 75 4.25 -6.72 -7.51
N LEU A 76 4.43 -6.38 -6.24
CA LEU A 76 4.63 -5.03 -5.73
C LEU A 76 6.09 -4.83 -5.26
N ARG A 77 6.42 -3.62 -4.83
CA ARG A 77 7.72 -3.22 -4.26
C ARG A 77 7.52 -2.17 -3.17
N LEU A 78 8.24 -2.28 -2.06
CA LEU A 78 8.31 -1.26 -1.02
C LEU A 78 9.32 -0.18 -1.41
N THR A 79 8.98 1.09 -1.20
CA THR A 79 9.82 2.24 -1.56
C THR A 79 9.44 3.48 -0.72
N THR A 80 10.37 4.40 -0.48
CA THR A 80 10.05 5.69 0.18
C THR A 80 9.26 6.60 -0.76
N SER A 81 8.20 7.22 -0.25
CA SER A 81 7.21 7.98 -1.01
C SER A 81 7.75 9.29 -1.60
N PRO A 82 7.33 9.69 -2.83
CA PRO A 82 7.61 11.02 -3.38
C PRO A 82 7.06 12.19 -2.52
N ALA A 83 6.12 11.92 -1.60
CA ALA A 83 5.58 12.88 -0.64
C ALA A 83 6.49 13.12 0.59
N GLN A 84 7.49 12.27 0.83
CA GLN A 84 8.27 12.25 2.08
C GLN A 84 9.16 13.49 2.28
N ASN A 85 9.71 14.02 1.19
CA ASN A 85 10.51 15.26 1.17
C ASN A 85 9.68 16.50 1.51
N ALA A 86 10.20 17.37 2.39
CA ALA A 86 9.57 18.62 2.84
C ALA A 86 10.63 19.66 3.28
N GLN A 87 10.24 20.94 3.36
CA GLN A 87 11.12 22.03 3.79
C GLN A 87 11.47 21.92 5.28
N GLN A 88 12.76 21.96 5.61
CA GLN A 88 13.31 21.77 6.97
C GLN A 88 13.27 23.05 7.82
N LEU A 89 12.12 23.73 7.86
CA LEU A 89 11.93 25.04 8.48
C LEU A 89 12.02 25.02 10.02
N HIS A 90 11.52 23.94 10.65
CA HIS A 90 11.36 23.79 12.11
C HIS A 90 11.55 22.33 12.56
N GLU A 91 11.74 22.13 13.87
CA GLU A 91 11.85 20.81 14.52
C GLU A 91 11.20 20.83 15.92
N ARG A 92 10.51 19.75 16.30
CA ARG A 92 9.80 19.61 17.59
C ARG A 92 10.75 19.27 18.75
N ILE A 93 11.66 20.19 19.06
CA ILE A 93 12.67 20.08 20.14
C ILE A 93 12.08 20.01 21.56
N GLN A 94 10.78 20.26 21.72
CA GLN A 94 10.04 20.19 22.99
C GLN A 94 10.01 18.78 23.61
N SER A 95 10.41 17.74 22.86
CA SER A 95 10.63 16.37 23.37
C SER A 95 11.77 16.28 24.41
N SER A 96 12.69 17.25 24.44
CA SER A 96 13.80 17.32 25.41
C SER A 96 13.30 17.61 26.85
N SER A 97 12.31 18.48 27.01
CA SER A 97 11.60 18.75 28.27
C SER A 97 10.30 19.52 28.02
N MET A 98 9.20 19.09 28.64
CA MET A 98 7.88 19.75 28.54
C MET A 98 7.83 21.10 29.28
N ASP A 99 8.50 21.20 30.43
CA ASP A 99 8.58 22.42 31.25
C ASP A 99 9.81 22.36 32.18
N ALA A 100 10.81 23.22 31.94
CA ALA A 100 12.03 23.31 32.74
C ALA A 100 11.79 24.03 34.08
N LYS A 101 11.66 23.26 35.17
CA LYS A 101 11.52 23.78 36.55
C LYS A 101 12.81 24.47 37.03
N LEU A 102 12.68 25.49 37.88
CA LEU A 102 13.82 26.24 38.45
C LEU A 102 14.59 25.43 39.51
N GLU A 103 13.91 24.54 40.22
CA GLU A 103 14.45 23.56 41.17
C GLU A 103 13.68 22.23 41.07
N ALA A 104 14.33 21.12 41.47
CA ALA A 104 13.68 19.81 41.56
C ALA A 104 12.69 19.77 42.76
N LEU A 105 11.39 19.78 42.46
CA LEU A 105 10.30 19.75 43.45
C LEU A 105 9.94 18.31 43.89
N LYS A 106 9.49 18.18 45.15
CA LYS A 106 9.06 16.92 45.80
C LYS A 106 8.15 17.20 47.01
N ASP A 107 7.38 16.19 47.41
CA ASP A 107 6.44 16.24 48.55
C ASP A 107 6.49 14.98 49.47
N LEU A 108 7.50 14.13 49.29
CA LEU A 108 7.70 12.89 50.07
C LEU A 108 8.11 13.22 51.52
N ALA A 109 7.43 12.61 52.50
CA ALA A 109 7.69 12.73 53.93
C ALA A 109 7.36 11.43 54.69
N SER A 110 7.89 11.29 55.91
CA SER A 110 7.71 10.12 56.78
C SER A 110 7.79 10.48 58.27
N LEU A 111 7.26 9.60 59.14
CA LEU A 111 7.24 9.78 60.60
C LEU A 111 8.63 9.64 61.24
N SER A 112 9.48 8.76 60.70
CA SER A 112 10.82 8.42 61.23
C SER A 112 11.73 7.81 60.15
N ARG A 113 13.05 7.79 60.42
CA ARG A 113 14.08 7.19 59.54
C ARG A 113 13.97 5.66 59.46
N ASP A 114 14.41 5.09 58.34
CA ASP A 114 14.52 3.64 58.08
C ASP A 114 15.62 2.96 58.92
N GLY A 1 -20.19 -14.27 16.05
CA GLY A 1 -19.14 -13.60 15.24
C GLY A 1 -19.68 -13.16 13.89
N MET A 2 -18.79 -12.84 12.95
CA MET A 2 -19.10 -12.38 11.59
C MET A 2 -17.98 -12.79 10.59
N PRO A 3 -18.29 -13.20 9.35
CA PRO A 3 -17.29 -13.51 8.33
C PRO A 3 -16.37 -12.33 7.97
N PRO A 4 -15.11 -12.58 7.54
CA PRO A 4 -14.21 -11.54 7.04
C PRO A 4 -14.67 -10.96 5.68
N PRO A 5 -14.19 -9.76 5.28
CA PRO A 5 -14.50 -9.17 3.97
C PRO A 5 -14.07 -10.04 2.78
N ALA A 6 -14.83 -9.99 1.69
CA ALA A 6 -14.46 -10.59 0.40
C ALA A 6 -13.48 -9.71 -0.44
N ASP A 7 -13.22 -8.49 0.04
CA ASP A 7 -12.46 -7.42 -0.62
C ASP A 7 -10.93 -7.57 -0.47
N ILE A 8 -10.42 -8.80 -0.41
CA ILE A 8 -9.03 -9.12 -0.04
C ILE A 8 -8.30 -9.85 -1.19
N VAL A 9 -7.06 -9.45 -1.47
CA VAL A 9 -6.20 -9.98 -2.54
C VAL A 9 -4.78 -10.29 -2.04
N LYS A 10 -4.26 -11.49 -2.37
CA LYS A 10 -2.88 -11.91 -2.05
C LYS A 10 -1.87 -11.24 -2.98
N VAL A 11 -0.73 -10.79 -2.44
CA VAL A 11 0.35 -10.11 -3.17
C VAL A 11 1.73 -10.56 -2.70
N ALA A 12 2.73 -10.38 -3.56
CA ALA A 12 4.16 -10.53 -3.24
C ALA A 12 4.84 -9.15 -3.29
N ILE A 13 5.81 -8.89 -2.41
CA ILE A 13 6.45 -7.57 -2.26
C ILE A 13 7.97 -7.70 -2.26
N GLU A 14 8.62 -6.97 -3.16
CA GLU A 14 10.09 -6.87 -3.28
C GLU A 14 10.69 -5.78 -2.37
N TRP A 15 11.89 -6.04 -1.84
CA TRP A 15 12.74 -5.08 -1.12
C TRP A 15 14.22 -5.50 -1.21
N PRO A 16 15.21 -4.58 -1.34
CA PRO A 16 16.61 -4.94 -1.54
C PRO A 16 17.22 -5.72 -0.38
N GLY A 17 18.05 -6.73 -0.69
CA GLY A 17 18.74 -7.56 0.30
C GLY A 17 17.84 -8.51 1.11
N ALA A 18 16.59 -8.73 0.68
CA ALA A 18 15.59 -9.56 1.36
C ALA A 18 14.82 -10.47 0.39
N TYR A 19 14.26 -11.57 0.92
CA TYR A 19 13.34 -12.44 0.21
C TYR A 19 11.98 -11.75 -0.04
N PRO A 20 11.24 -12.08 -1.12
CA PRO A 20 9.93 -11.50 -1.40
C PRO A 20 8.91 -11.79 -0.28
N LYS A 21 8.29 -10.76 0.27
CA LYS A 21 7.27 -10.88 1.33
C LYS A 21 5.90 -11.17 0.72
N LEU A 22 5.35 -12.35 1.01
CA LEU A 22 3.96 -12.69 0.70
C LEU A 22 3.03 -12.13 1.79
N MET A 23 1.92 -11.51 1.38
CA MET A 23 0.90 -10.94 2.29
C MET A 23 -0.45 -10.78 1.58
N GLU A 24 -1.47 -10.29 2.30
CA GLU A 24 -2.82 -10.06 1.77
C GLU A 24 -3.26 -8.60 2.01
N ILE A 25 -3.54 -7.89 0.91
CA ILE A 25 -4.08 -6.53 0.91
C ILE A 25 -5.61 -6.59 1.00
N ASP A 26 -6.16 -6.11 2.11
CA ASP A 26 -7.60 -5.88 2.28
C ASP A 26 -7.94 -4.46 1.80
N GLN A 27 -8.77 -4.34 0.77
CA GLN A 27 -9.14 -3.06 0.18
C GLN A 27 -9.98 -2.16 1.13
N LYS A 28 -10.53 -2.72 2.22
CA LYS A 28 -11.21 -1.98 3.29
C LYS A 28 -10.28 -1.48 4.41
N LYS A 29 -9.06 -2.02 4.54
CA LYS A 29 -8.02 -1.51 5.47
C LYS A 29 -7.32 -0.27 4.89
N PRO A 30 -6.88 0.69 5.73
CA PRO A 30 -6.11 1.85 5.27
C PRO A 30 -4.71 1.43 4.80
N LEU A 31 -4.25 2.07 3.73
CA LEU A 31 -2.91 1.80 3.18
C LEU A 31 -1.80 2.11 4.18
N SER A 32 -1.98 3.08 5.09
CA SER A 32 -1.02 3.37 6.17
C SER A 32 -0.79 2.18 7.10
N ALA A 33 -1.87 1.46 7.50
CA ALA A 33 -1.76 0.25 8.31
C ALA A 33 -1.13 -0.92 7.54
N ILE A 34 -1.48 -1.06 6.26
CA ILE A 34 -0.89 -2.08 5.37
C ILE A 34 0.61 -1.83 5.18
N ILE A 35 1.03 -0.59 4.87
CA ILE A 35 2.43 -0.21 4.70
C ILE A 35 3.23 -0.43 6.00
N LYS A 36 2.64 -0.16 7.18
CA LYS A 36 3.23 -0.51 8.48
C LYS A 36 3.46 -2.02 8.61
N GLU A 37 2.50 -2.85 8.19
CA GLU A 37 2.60 -4.31 8.22
C GLU A 37 3.64 -4.86 7.21
N VAL A 38 3.87 -4.18 6.08
CA VAL A 38 4.98 -4.48 5.16
C VAL A 38 6.32 -4.13 5.82
N CYS A 39 6.47 -2.89 6.30
CA CYS A 39 7.72 -2.39 6.89
C CYS A 39 8.15 -3.20 8.12
N ASP A 40 7.21 -3.54 9.02
CA ASP A 40 7.47 -4.38 10.20
C ASP A 40 7.97 -5.79 9.82
N GLY A 41 7.55 -6.32 8.67
CA GLY A 41 8.04 -7.59 8.12
C GLY A 41 9.54 -7.62 7.81
N TRP A 42 10.16 -6.45 7.59
CA TRP A 42 11.61 -6.26 7.44
C TRP A 42 12.22 -5.40 8.56
N SER A 43 11.48 -5.17 9.66
CA SER A 43 11.87 -4.33 10.81
C SER A 43 12.24 -2.87 10.43
N LEU A 44 11.67 -2.35 9.34
CA LEU A 44 11.88 -0.99 8.86
C LEU A 44 11.15 0.05 9.73
N ALA A 45 11.90 1.01 10.26
CA ALA A 45 11.39 2.16 11.00
C ALA A 45 10.74 3.22 10.07
N ASN A 46 9.96 4.13 10.65
CA ASN A 46 9.36 5.28 9.98
C ASN A 46 8.51 4.91 8.74
N HIS A 47 7.59 3.95 8.89
CA HIS A 47 6.70 3.50 7.81
C HIS A 47 5.84 4.63 7.20
N GLU A 48 5.66 5.74 7.92
CA GLU A 48 5.03 6.98 7.43
C GLU A 48 5.70 7.53 6.15
N TYR A 49 7.01 7.27 5.97
CA TYR A 49 7.78 7.71 4.80
C TYR A 49 7.55 6.81 3.57
N PHE A 50 6.99 5.61 3.75
CA PHE A 50 6.91 4.57 2.71
C PHE A 50 5.61 4.60 1.91
N ALA A 51 5.68 3.98 0.72
CA ALA A 51 4.58 3.71 -0.19
C ALA A 51 4.81 2.36 -0.90
N LEU A 52 3.71 1.67 -1.23
CA LEU A 52 3.75 0.53 -2.13
C LEU A 52 3.77 1.01 -3.59
N GLN A 53 4.34 0.20 -4.47
CA GLN A 53 4.63 0.52 -5.87
C GLN A 53 4.57 -0.75 -6.72
N HIS A 54 4.21 -0.65 -8.00
CA HIS A 54 4.16 -1.81 -8.91
C HIS A 54 5.56 -2.27 -9.33
N ALA A 55 5.83 -3.58 -9.31
CA ALA A 55 7.07 -4.19 -9.81
C ALA A 55 7.05 -4.36 -11.35
N ASP A 56 6.52 -3.36 -12.06
CA ASP A 56 6.25 -3.38 -13.51
C ASP A 56 6.49 -1.97 -14.14
N SER A 57 6.39 -1.87 -15.47
CA SER A 57 6.46 -0.60 -16.22
C SER A 57 5.38 0.40 -15.78
N SER A 58 5.73 1.69 -15.82
CA SER A 58 4.98 2.84 -15.26
C SER A 58 4.89 2.78 -13.72
N ASN A 59 5.52 3.76 -13.05
CA ASN A 59 5.71 3.80 -11.60
C ASN A 59 4.46 4.24 -10.81
N PHE A 60 3.34 3.53 -10.96
CA PHE A 60 2.11 3.75 -10.19
C PHE A 60 2.28 3.47 -8.69
N TYR A 61 2.52 4.52 -7.89
CA TYR A 61 2.47 4.44 -6.43
C TYR A 61 1.04 4.12 -5.98
N ILE A 62 0.90 3.26 -4.97
CA ILE A 62 -0.41 2.82 -4.47
C ILE A 62 -1.03 3.87 -3.55
N THR A 63 -2.29 4.19 -3.80
CA THR A 63 -3.08 5.26 -3.16
C THR A 63 -4.56 4.84 -3.12
N GLU A 64 -5.42 5.59 -2.44
CA GLU A 64 -6.88 5.35 -2.47
C GLU A 64 -7.49 5.46 -3.88
N LYS A 65 -6.80 6.16 -4.81
CA LYS A 65 -7.17 6.28 -6.24
C LYS A 65 -6.65 5.10 -7.09
N ASN A 66 -5.54 4.46 -6.70
CA ASN A 66 -4.82 3.45 -7.51
C ASN A 66 -4.93 2.01 -6.99
N ARG A 67 -5.25 1.79 -5.71
CA ARG A 67 -5.25 0.47 -5.06
C ARG A 67 -6.19 -0.56 -5.68
N ASN A 68 -7.26 -0.11 -6.35
CA ASN A 68 -8.22 -0.96 -7.07
C ASN A 68 -7.58 -1.75 -8.24
N GLU A 69 -6.44 -1.29 -8.77
CA GLU A 69 -5.72 -1.96 -9.85
C GLU A 69 -4.96 -3.22 -9.38
N ILE A 70 -4.78 -3.40 -8.07
CA ILE A 70 -4.18 -4.59 -7.46
C ILE A 70 -5.16 -5.77 -7.54
N LYS A 71 -4.68 -6.93 -7.97
CA LYS A 71 -5.38 -8.21 -8.03
C LYS A 71 -4.63 -9.34 -7.30
N ASN A 72 -5.27 -10.49 -7.10
CA ASN A 72 -4.60 -11.67 -6.54
C ASN A 72 -3.41 -12.11 -7.42
N GLY A 73 -2.24 -12.28 -6.80
CA GLY A 73 -0.98 -12.60 -7.47
C GLY A 73 -0.19 -11.39 -7.98
N THR A 74 -0.58 -10.14 -7.66
CA THR A 74 0.18 -8.94 -8.04
C THR A 74 1.56 -8.91 -7.36
N ILE A 75 2.62 -8.61 -8.12
CA ILE A 75 3.95 -8.34 -7.58
C ILE A 75 4.14 -6.82 -7.41
N LEU A 76 4.41 -6.41 -6.18
CA LEU A 76 4.69 -5.04 -5.77
C LEU A 76 6.15 -4.90 -5.30
N ARG A 77 6.55 -3.67 -4.98
CA ARG A 77 7.81 -3.32 -4.31
C ARG A 77 7.57 -2.21 -3.28
N LEU A 78 8.37 -2.24 -2.22
CA LEU A 78 8.38 -1.21 -1.17
C LEU A 78 9.39 -0.11 -1.53
N THR A 79 9.02 1.15 -1.28
CA THR A 79 9.85 2.33 -1.59
C THR A 79 9.45 3.53 -0.72
N THR A 80 10.36 4.48 -0.46
CA THR A 80 9.99 5.76 0.17
C THR A 80 9.22 6.65 -0.81
N SER A 81 8.15 7.28 -0.33
CA SER A 81 7.22 8.09 -1.12
C SER A 81 7.89 9.36 -1.66
N PRO A 82 7.59 9.80 -2.91
CA PRO A 82 8.06 11.08 -3.44
C PRO A 82 7.53 12.28 -2.64
N ALA A 83 6.43 12.11 -1.87
CA ALA A 83 5.85 13.14 -1.02
C ALA A 83 6.50 13.25 0.38
N GLN A 84 7.33 12.28 0.82
CA GLN A 84 7.80 12.19 2.22
C GLN A 84 8.75 13.33 2.67
N ASN A 85 9.19 14.20 1.76
CA ASN A 85 10.00 15.39 2.04
C ASN A 85 9.47 16.65 1.30
N ALA A 86 8.29 16.56 0.68
CA ALA A 86 7.66 17.63 -0.10
C ALA A 86 6.73 18.54 0.74
N GLN A 87 6.37 19.69 0.18
CA GLN A 87 5.31 20.57 0.70
C GLN A 87 3.92 19.89 0.60
N GLN A 88 2.96 20.29 1.42
CA GLN A 88 1.58 19.79 1.40
C GLN A 88 0.92 20.00 0.02
N LEU A 89 0.49 18.90 -0.62
CA LEU A 89 0.04 18.90 -2.02
C LEU A 89 -1.38 19.48 -2.19
N HIS A 90 -2.29 19.19 -1.27
CA HIS A 90 -3.70 19.62 -1.26
C HIS A 90 -4.34 19.42 0.13
N GLU A 91 -5.52 20.03 0.33
CA GLU A 91 -6.38 19.80 1.50
C GLU A 91 -7.86 20.06 1.16
N ARG A 92 -8.77 19.24 1.69
CA ARG A 92 -10.23 19.34 1.54
C ARG A 92 -10.86 19.78 2.86
N ILE A 93 -11.02 21.10 3.03
CA ILE A 93 -11.68 21.70 4.20
C ILE A 93 -13.18 21.34 4.20
N GLN A 94 -13.76 21.01 5.36
CA GLN A 94 -15.17 20.63 5.53
C GLN A 94 -16.12 21.85 5.59
N SER A 95 -15.88 22.86 4.74
CA SER A 95 -16.64 24.13 4.70
C SER A 95 -17.99 24.02 4.00
N SER A 96 -18.20 23.01 3.14
CA SER A 96 -19.44 22.77 2.42
C SER A 96 -20.57 22.31 3.35
N SER A 97 -21.67 23.07 3.38
CA SER A 97 -22.87 22.82 4.21
C SER A 97 -24.10 23.57 3.66
N MET A 98 -25.30 23.12 4.02
CA MET A 98 -26.59 23.72 3.64
C MET A 98 -27.66 23.48 4.71
N ASP A 99 -28.37 24.54 5.11
CA ASP A 99 -29.43 24.52 6.14
C ASP A 99 -30.64 25.42 5.82
N ALA A 100 -30.61 26.18 4.71
CA ALA A 100 -31.68 27.07 4.27
C ALA A 100 -32.79 26.39 3.44
N LYS A 101 -32.73 25.05 3.28
CA LYS A 101 -33.64 24.25 2.45
C LYS A 101 -35.09 24.29 2.95
N LEU A 102 -36.04 24.39 2.01
CA LEU A 102 -37.50 24.42 2.22
C LEU A 102 -38.12 23.06 2.61
N GLU A 103 -37.51 22.35 3.57
CA GLU A 103 -37.95 21.03 4.06
C GLU A 103 -39.38 21.06 4.65
N ALA A 104 -40.16 20.00 4.36
CA ALA A 104 -41.54 19.81 4.80
C ALA A 104 -41.91 18.31 4.85
N LEU A 105 -43.01 17.98 5.55
CA LEU A 105 -43.54 16.62 5.70
C LEU A 105 -45.07 16.58 5.47
N LYS A 106 -45.58 15.43 5.00
CA LYS A 106 -47.02 15.16 4.81
C LYS A 106 -47.75 14.98 6.14
N ASP A 107 -49.04 15.30 6.18
CA ASP A 107 -49.92 15.04 7.33
C ASP A 107 -50.20 13.53 7.49
N LEU A 108 -50.20 13.04 8.75
CA LEU A 108 -50.52 11.65 9.08
C LEU A 108 -52.03 11.38 9.00
N ALA A 109 -52.44 10.44 8.14
CA ALA A 109 -53.82 9.94 8.08
C ALA A 109 -54.15 9.05 9.29
N SER A 110 -55.30 9.27 9.93
CA SER A 110 -55.80 8.50 11.08
C SER A 110 -57.32 8.67 11.27
N LEU A 111 -57.98 7.65 11.82
CA LEU A 111 -59.42 7.63 12.11
C LEU A 111 -59.81 6.87 13.39
N SER A 112 -58.85 6.27 14.11
CA SER A 112 -59.11 5.50 15.34
C SER A 112 -59.57 6.40 16.49
N ARG A 113 -60.78 6.15 17.01
CA ARG A 113 -61.46 6.92 18.08
C ARG A 113 -61.59 8.43 17.78
N ASP A 114 -61.66 8.80 16.49
CA ASP A 114 -61.83 10.18 15.99
C ASP A 114 -63.24 10.75 16.28
N GLY A 1 -28.13 -7.12 10.57
CA GLY A 1 -27.83 -7.13 9.13
C GLY A 1 -26.64 -8.02 8.81
N MET A 2 -26.55 -8.50 7.56
CA MET A 2 -25.45 -9.34 7.06
C MET A 2 -24.09 -8.58 7.02
N PRO A 3 -22.94 -9.26 7.18
CA PRO A 3 -21.62 -8.66 7.01
C PRO A 3 -21.34 -8.28 5.53
N PRO A 4 -20.47 -7.29 5.27
CA PRO A 4 -20.10 -6.88 3.92
C PRO A 4 -19.27 -7.95 3.18
N PRO A 5 -19.32 -8.02 1.84
CA PRO A 5 -18.49 -8.93 1.05
C PRO A 5 -17.00 -8.54 1.11
N ALA A 6 -16.11 -9.53 1.17
CA ALA A 6 -14.66 -9.34 1.21
C ALA A 6 -14.07 -9.01 -0.19
N ASP A 7 -13.07 -8.13 -0.21
CA ASP A 7 -12.36 -7.65 -1.41
C ASP A 7 -10.83 -7.92 -1.37
N ILE A 8 -10.40 -8.80 -0.47
CA ILE A 8 -8.99 -9.08 -0.14
C ILE A 8 -8.25 -9.73 -1.34
N VAL A 9 -7.00 -9.32 -1.57
CA VAL A 9 -6.11 -9.82 -2.64
C VAL A 9 -4.71 -10.16 -2.11
N LYS A 10 -4.20 -11.36 -2.46
CA LYS A 10 -2.85 -11.83 -2.11
C LYS A 10 -1.81 -11.21 -3.04
N VAL A 11 -0.67 -10.79 -2.50
CA VAL A 11 0.43 -10.10 -3.22
C VAL A 11 1.82 -10.60 -2.78
N ALA A 12 2.83 -10.36 -3.62
CA ALA A 12 4.24 -10.61 -3.31
C ALA A 12 5.05 -9.30 -3.41
N ILE A 13 5.64 -8.84 -2.31
CA ILE A 13 6.28 -7.52 -2.20
C ILE A 13 7.81 -7.64 -2.23
N GLU A 14 8.46 -6.92 -3.13
CA GLU A 14 9.91 -6.82 -3.27
C GLU A 14 10.53 -5.77 -2.33
N TRP A 15 11.71 -6.07 -1.79
CA TRP A 15 12.58 -5.15 -1.04
C TRP A 15 14.06 -5.62 -1.11
N PRO A 16 15.07 -4.74 -1.21
CA PRO A 16 16.46 -5.13 -1.38
C PRO A 16 17.03 -5.94 -0.19
N GLY A 17 17.92 -6.90 -0.49
CA GLY A 17 18.60 -7.73 0.51
C GLY A 17 17.72 -8.77 1.23
N ALA A 18 16.50 -9.02 0.73
CA ALA A 18 15.51 -9.94 1.32
C ALA A 18 14.70 -10.70 0.25
N TYR A 19 14.13 -11.84 0.63
CA TYR A 19 13.17 -12.58 -0.18
C TYR A 19 11.82 -11.84 -0.26
N PRO A 20 10.99 -12.06 -1.31
CA PRO A 20 9.69 -11.40 -1.45
C PRO A 20 8.74 -11.70 -0.28
N LYS A 21 8.15 -10.65 0.31
CA LYS A 21 7.15 -10.76 1.38
C LYS A 21 5.78 -11.09 0.78
N LEU A 22 5.33 -12.33 0.95
CA LEU A 22 3.96 -12.75 0.64
C LEU A 22 3.01 -12.25 1.73
N MET A 23 1.96 -11.51 1.35
CA MET A 23 0.92 -11.03 2.27
C MET A 23 -0.42 -10.80 1.55
N GLU A 24 -1.44 -10.40 2.30
CA GLU A 24 -2.76 -10.04 1.77
C GLU A 24 -3.07 -8.55 2.00
N ILE A 25 -3.40 -7.86 0.91
CA ILE A 25 -3.92 -6.49 0.93
C ILE A 25 -5.44 -6.57 1.05
N ASP A 26 -5.95 -6.20 2.23
CA ASP A 26 -7.38 -6.01 2.45
C ASP A 26 -7.81 -4.64 1.94
N GLN A 27 -8.65 -4.61 0.90
CA GLN A 27 -9.13 -3.37 0.30
C GLN A 27 -10.08 -2.56 1.22
N LYS A 28 -10.55 -3.13 2.34
CA LYS A 28 -11.27 -2.41 3.40
C LYS A 28 -10.33 -1.59 4.30
N LYS A 29 -9.11 -2.07 4.57
CA LYS A 29 -8.11 -1.44 5.45
C LYS A 29 -7.40 -0.26 4.75
N PRO A 30 -7.04 0.82 5.47
CA PRO A 30 -6.28 1.93 4.91
C PRO A 30 -4.87 1.50 4.52
N LEU A 31 -4.35 2.04 3.40
CA LEU A 31 -2.99 1.76 2.96
C LEU A 31 -1.94 2.17 4.00
N SER A 32 -2.17 3.22 4.78
CA SER A 32 -1.25 3.64 5.86
C SER A 32 -1.03 2.53 6.90
N ALA A 33 -2.08 1.81 7.30
CA ALA A 33 -1.97 0.67 8.21
C ALA A 33 -1.30 -0.55 7.55
N ILE A 34 -1.62 -0.82 6.28
CA ILE A 34 -1.00 -1.92 5.51
C ILE A 34 0.50 -1.66 5.31
N ILE A 35 0.89 -0.45 4.89
CA ILE A 35 2.30 -0.04 4.68
C ILE A 35 3.11 -0.15 5.98
N LYS A 36 2.53 0.19 7.14
CA LYS A 36 3.15 -0.08 8.45
C LYS A 36 3.44 -1.58 8.62
N GLU A 37 2.48 -2.45 8.32
CA GLU A 37 2.62 -3.90 8.39
C GLU A 37 3.61 -4.47 7.35
N VAL A 38 3.79 -3.83 6.19
CA VAL A 38 4.88 -4.16 5.24
C VAL A 38 6.24 -3.82 5.86
N CYS A 39 6.40 -2.58 6.35
CA CYS A 39 7.65 -2.08 6.94
C CYS A 39 8.05 -2.88 8.18
N ASP A 40 7.10 -3.17 9.08
CA ASP A 40 7.27 -4.03 10.26
C ASP A 40 7.71 -5.47 9.89
N GLY A 41 7.33 -5.96 8.70
CA GLY A 41 7.79 -7.25 8.18
C GLY A 41 9.31 -7.32 7.91
N TRP A 42 9.96 -6.18 7.71
CA TRP A 42 11.42 -6.02 7.59
C TRP A 42 12.03 -5.15 8.71
N SER A 43 11.28 -4.88 9.78
CA SER A 43 11.65 -4.01 10.92
C SER A 43 12.07 -2.58 10.52
N LEU A 44 11.54 -2.07 9.40
CA LEU A 44 11.80 -0.73 8.86
C LEU A 44 11.09 0.35 9.69
N ALA A 45 11.85 1.33 10.17
CA ALA A 45 11.34 2.52 10.87
C ALA A 45 10.71 3.54 9.92
N ASN A 46 9.93 4.47 10.48
CA ASN A 46 9.33 5.62 9.78
C ASN A 46 8.49 5.24 8.54
N HIS A 47 7.53 4.32 8.71
CA HIS A 47 6.62 3.86 7.63
C HIS A 47 5.81 5.01 6.99
N GLU A 48 5.69 6.15 7.67
CA GLU A 48 5.11 7.40 7.12
C GLU A 48 5.80 7.87 5.83
N TYR A 49 7.10 7.55 5.66
CA TYR A 49 7.88 7.87 4.46
C TYR A 49 7.61 6.90 3.30
N PHE A 50 7.01 5.73 3.57
CA PHE A 50 6.88 4.62 2.61
C PHE A 50 5.56 4.62 1.83
N ALA A 51 5.61 3.92 0.69
CA ALA A 51 4.50 3.62 -0.19
C ALA A 51 4.72 2.24 -0.85
N LEU A 52 3.62 1.56 -1.19
CA LEU A 52 3.66 0.39 -2.07
C LEU A 52 3.69 0.87 -3.53
N GLN A 53 4.20 0.02 -4.42
CA GLN A 53 4.37 0.31 -5.85
C GLN A 53 4.22 -0.96 -6.68
N HIS A 54 3.75 -0.84 -7.93
CA HIS A 54 3.69 -1.97 -8.86
C HIS A 54 5.08 -2.47 -9.29
N ALA A 55 5.19 -3.78 -9.53
CA ALA A 55 6.38 -4.43 -10.09
C ALA A 55 6.06 -5.53 -11.13
N ASP A 56 4.86 -6.11 -11.13
CA ASP A 56 4.41 -7.09 -12.14
C ASP A 56 4.32 -6.49 -13.57
N SER A 57 3.81 -5.26 -13.66
CA SER A 57 3.76 -4.45 -14.89
C SER A 57 3.68 -2.96 -14.52
N SER A 58 4.56 -2.15 -15.12
CA SER A 58 4.80 -0.74 -14.74
C SER A 58 5.22 -0.55 -13.27
N ASN A 59 5.45 0.70 -12.87
CA ASN A 59 5.92 1.13 -11.54
C ASN A 59 5.06 2.27 -10.96
N PHE A 60 3.74 2.22 -11.17
CA PHE A 60 2.78 3.13 -10.53
C PHE A 60 2.82 2.96 -9.00
N TYR A 61 2.88 4.07 -8.26
CA TYR A 61 2.70 4.07 -6.80
C TYR A 61 1.25 3.73 -6.42
N ILE A 62 1.06 2.96 -5.35
CA ILE A 62 -0.27 2.60 -4.81
C ILE A 62 -0.82 3.74 -3.95
N THR A 63 -2.09 4.08 -4.16
CA THR A 63 -2.85 5.11 -3.42
C THR A 63 -4.30 4.66 -3.25
N GLU A 64 -5.09 5.35 -2.42
CA GLU A 64 -6.53 5.07 -2.28
C GLU A 64 -7.33 5.27 -3.59
N LYS A 65 -6.73 5.92 -4.59
CA LYS A 65 -7.25 6.12 -5.96
C LYS A 65 -6.68 5.14 -7.01
N ASN A 66 -5.69 4.30 -6.65
CA ASN A 66 -4.97 3.41 -7.56
C ASN A 66 -4.90 1.94 -7.09
N ARG A 67 -5.18 1.65 -5.82
CA ARG A 67 -5.15 0.29 -5.21
C ARG A 67 -6.13 -0.70 -5.83
N ASN A 68 -7.16 -0.22 -6.52
CA ASN A 68 -8.12 -1.03 -7.28
C ASN A 68 -7.45 -1.81 -8.43
N GLU A 69 -6.29 -1.36 -8.92
CA GLU A 69 -5.51 -2.03 -9.97
C GLU A 69 -4.75 -3.28 -9.46
N ILE A 70 -4.64 -3.46 -8.13
CA ILE A 70 -4.06 -4.66 -7.52
C ILE A 70 -5.06 -5.82 -7.62
N LYS A 71 -4.58 -6.98 -8.08
CA LYS A 71 -5.33 -8.25 -8.17
C LYS A 71 -4.61 -9.39 -7.44
N ASN A 72 -5.28 -10.53 -7.27
CA ASN A 72 -4.68 -11.73 -6.70
C ASN A 72 -3.43 -12.17 -7.50
N GLY A 73 -2.29 -12.33 -6.81
CA GLY A 73 -0.99 -12.68 -7.39
C GLY A 73 -0.16 -11.49 -7.92
N THR A 74 -0.54 -10.24 -7.62
CA THR A 74 0.21 -9.05 -8.06
C THR A 74 1.58 -8.97 -7.38
N ILE A 75 2.64 -8.80 -8.18
CA ILE A 75 3.98 -8.48 -7.68
C ILE A 75 4.08 -6.97 -7.45
N LEU A 76 4.48 -6.57 -6.24
CA LEU A 76 4.64 -5.20 -5.78
C LEU A 76 6.08 -4.95 -5.31
N ARG A 77 6.39 -3.70 -4.96
CA ARG A 77 7.66 -3.21 -4.41
C ARG A 77 7.39 -2.25 -3.26
N LEU A 78 8.10 -2.40 -2.15
CA LEU A 78 8.13 -1.39 -1.07
C LEU A 78 9.16 -0.31 -1.45
N THR A 79 8.81 0.95 -1.23
CA THR A 79 9.65 2.10 -1.63
C THR A 79 9.32 3.33 -0.79
N THR A 80 10.29 4.24 -0.62
CA THR A 80 9.97 5.57 -0.06
C THR A 80 9.18 6.38 -1.09
N SER A 81 8.16 7.10 -0.62
CA SER A 81 7.25 7.93 -1.42
C SER A 81 7.99 9.10 -2.09
N PRO A 82 7.50 9.61 -3.25
CA PRO A 82 7.98 10.86 -3.84
C PRO A 82 7.52 12.11 -3.05
N ALA A 83 6.49 11.99 -2.19
CA ALA A 83 5.90 13.08 -1.41
C ALA A 83 6.18 12.99 0.10
N GLN A 84 6.14 11.77 0.68
CA GLN A 84 6.44 11.46 2.10
C GLN A 84 5.58 12.27 3.10
N ASN A 85 4.34 12.59 2.72
CA ASN A 85 3.40 13.42 3.46
C ASN A 85 1.94 12.97 3.24
N ALA A 86 1.04 13.33 4.16
CA ALA A 86 -0.38 12.99 4.11
C ALA A 86 -1.14 13.68 2.95
N GLN A 87 -2.25 13.08 2.54
CA GLN A 87 -3.19 13.58 1.52
C GLN A 87 -4.61 13.13 1.84
N GLN A 88 -5.61 14.00 1.61
CA GLN A 88 -7.03 13.79 1.95
C GLN A 88 -8.00 13.96 0.77
N LEU A 89 -7.54 14.44 -0.39
CA LEU A 89 -8.34 14.55 -1.61
C LEU A 89 -8.43 13.18 -2.31
N HIS A 90 -9.50 12.43 -2.02
CA HIS A 90 -9.79 11.08 -2.55
C HIS A 90 -11.28 10.91 -2.91
N GLU A 91 -11.60 9.87 -3.68
CA GLU A 91 -12.97 9.46 -4.03
C GLU A 91 -13.34 8.11 -3.38
N ARG A 92 -14.64 7.89 -3.12
CA ARG A 92 -15.17 6.65 -2.52
C ARG A 92 -14.91 5.43 -3.42
N ILE A 93 -14.34 4.37 -2.84
CA ILE A 93 -14.15 3.08 -3.52
C ILE A 93 -15.50 2.35 -3.60
N GLN A 94 -15.96 2.06 -4.82
CA GLN A 94 -17.24 1.38 -5.10
C GLN A 94 -17.13 0.49 -6.37
N SER A 95 -15.93 -0.05 -6.62
CA SER A 95 -15.59 -0.86 -7.80
C SER A 95 -16.34 -2.21 -7.84
N SER A 96 -16.52 -2.75 -9.05
CA SER A 96 -17.15 -4.06 -9.30
C SER A 96 -16.29 -5.28 -8.92
N SER A 97 -15.02 -5.06 -8.55
CA SER A 97 -13.99 -6.08 -8.25
C SER A 97 -13.57 -6.96 -9.44
N MET A 98 -12.40 -7.60 -9.33
CA MET A 98 -11.78 -8.39 -10.41
C MET A 98 -12.37 -9.80 -10.56
N ASP A 99 -12.15 -10.40 -11.73
CA ASP A 99 -12.59 -11.76 -12.09
C ASP A 99 -11.43 -12.61 -12.64
N ALA A 100 -10.21 -12.35 -12.14
CA ALA A 100 -8.95 -12.95 -12.59
C ALA A 100 -8.69 -14.39 -12.07
N LYS A 101 -9.58 -14.93 -11.22
CA LYS A 101 -9.49 -16.30 -10.69
C LYS A 101 -9.67 -17.36 -11.80
N LEU A 102 -8.99 -18.48 -11.68
CA LEU A 102 -9.09 -19.67 -12.54
C LEU A 102 -9.29 -20.94 -11.70
N GLU A 103 -9.51 -22.08 -12.37
CA GLU A 103 -9.56 -23.43 -11.74
C GLU A 103 -9.02 -24.52 -12.68
N ALA A 104 -8.04 -24.17 -13.51
CA ALA A 104 -7.32 -25.09 -14.39
C ALA A 104 -6.48 -26.13 -13.60
N LEU A 105 -6.35 -27.34 -14.15
CA LEU A 105 -5.63 -28.47 -13.55
C LEU A 105 -4.83 -29.26 -14.61
N LYS A 106 -3.84 -30.04 -14.14
CA LYS A 106 -3.00 -30.94 -14.96
C LYS A 106 -2.65 -32.25 -14.25
N ASP A 107 -2.44 -32.21 -12.93
CA ASP A 107 -2.19 -33.37 -12.06
C ASP A 107 -2.70 -33.10 -10.63
N LEU A 108 -3.04 -34.16 -9.90
CA LEU A 108 -3.53 -34.16 -8.51
C LEU A 108 -2.77 -35.15 -7.60
N ALA A 109 -1.82 -35.92 -8.12
CA ALA A 109 -1.03 -36.90 -7.36
C ALA A 109 0.02 -36.26 -6.41
N SER A 110 0.34 -34.97 -6.60
CA SER A 110 1.30 -34.20 -5.78
C SER A 110 0.86 -34.05 -4.32
N LEU A 111 1.83 -34.05 -3.40
CA LEU A 111 1.64 -33.88 -1.95
C LEU A 111 2.67 -32.91 -1.34
N SER A 112 2.29 -32.25 -0.25
CA SER A 112 3.08 -31.22 0.45
C SER A 112 2.92 -31.29 1.98
N ARG A 113 3.91 -30.79 2.72
CA ARG A 113 3.87 -30.65 4.19
C ARG A 113 2.85 -29.59 4.64
N ASP A 114 2.34 -29.74 5.87
CA ASP A 114 1.36 -28.85 6.52
C ASP A 114 1.56 -28.78 8.05
N GLY A 1 -20.36 -15.65 10.36
CA GLY A 1 -20.85 -14.84 9.22
C GLY A 1 -20.23 -15.29 7.90
N MET A 2 -20.85 -14.90 6.78
CA MET A 2 -20.36 -15.20 5.42
C MET A 2 -19.06 -14.44 5.07
N PRO A 3 -18.18 -15.00 4.21
CA PRO A 3 -16.96 -14.33 3.75
C PRO A 3 -17.26 -13.12 2.85
N PRO A 4 -16.33 -12.15 2.73
CA PRO A 4 -16.49 -10.99 1.85
C PRO A 4 -16.50 -11.36 0.35
N PRO A 5 -17.14 -10.56 -0.53
CA PRO A 5 -17.21 -10.80 -1.97
C PRO A 5 -15.89 -10.44 -2.70
N ALA A 6 -14.82 -11.17 -2.37
CA ALA A 6 -13.47 -11.02 -2.94
C ALA A 6 -12.83 -9.62 -2.76
N ASP A 7 -13.11 -8.93 -1.64
CA ASP A 7 -12.52 -7.64 -1.27
C ASP A 7 -11.07 -7.73 -0.74
N ILE A 8 -10.42 -8.90 -0.86
CA ILE A 8 -9.06 -9.18 -0.37
C ILE A 8 -8.26 -9.89 -1.47
N VAL A 9 -7.01 -9.46 -1.68
CA VAL A 9 -6.11 -9.96 -2.72
C VAL A 9 -4.70 -10.21 -2.16
N LYS A 10 -4.11 -11.38 -2.45
CA LYS A 10 -2.73 -11.72 -2.08
C LYS A 10 -1.73 -11.03 -3.02
N VAL A 11 -0.58 -10.62 -2.48
CA VAL A 11 0.49 -9.89 -3.20
C VAL A 11 1.87 -10.35 -2.74
N ALA A 12 2.88 -10.19 -3.59
CA ALA A 12 4.29 -10.48 -3.30
C ALA A 12 5.13 -9.20 -3.40
N ILE A 13 5.67 -8.71 -2.29
CA ILE A 13 6.31 -7.39 -2.19
C ILE A 13 7.84 -7.52 -2.21
N GLU A 14 8.49 -6.80 -3.10
CA GLU A 14 9.95 -6.69 -3.25
C GLU A 14 10.59 -5.67 -2.28
N TRP A 15 11.81 -5.97 -1.84
CA TRP A 15 12.71 -5.07 -1.11
C TRP A 15 14.18 -5.47 -1.33
N PRO A 16 15.15 -4.54 -1.48
CA PRO A 16 16.55 -4.89 -1.77
C PRO A 16 17.21 -5.74 -0.67
N GLY A 17 17.98 -6.75 -1.08
CA GLY A 17 18.69 -7.66 -0.17
C GLY A 17 17.79 -8.65 0.60
N ALA A 18 16.52 -8.80 0.22
CA ALA A 18 15.54 -9.66 0.87
C ALA A 18 14.68 -10.46 -0.13
N TYR A 19 14.18 -11.62 0.30
CA TYR A 19 13.20 -12.41 -0.44
C TYR A 19 11.83 -11.69 -0.46
N PRO A 20 10.98 -11.88 -1.50
CA PRO A 20 9.68 -11.23 -1.59
C PRO A 20 8.75 -11.59 -0.42
N LYS A 21 8.16 -10.58 0.22
CA LYS A 21 7.18 -10.73 1.32
C LYS A 21 5.79 -11.01 0.75
N LEU A 22 5.30 -12.24 0.94
CA LEU A 22 3.92 -12.61 0.66
C LEU A 22 2.99 -12.07 1.77
N MET A 23 1.96 -11.33 1.39
CA MET A 23 0.91 -10.85 2.31
C MET A 23 -0.42 -10.58 1.57
N GLU A 24 -1.47 -10.19 2.28
CA GLU A 24 -2.76 -9.83 1.70
C GLU A 24 -3.10 -8.34 1.85
N ILE A 25 -3.60 -7.73 0.78
CA ILE A 25 -4.19 -6.39 0.76
C ILE A 25 -5.71 -6.54 0.87
N ASP A 26 -6.25 -6.15 2.02
CA ASP A 26 -7.69 -5.99 2.23
C ASP A 26 -8.11 -4.60 1.74
N GLN A 27 -8.96 -4.54 0.71
CA GLN A 27 -9.40 -3.28 0.09
C GLN A 27 -10.26 -2.40 1.02
N LYS A 28 -10.72 -2.93 2.17
CA LYS A 28 -11.39 -2.16 3.23
C LYS A 28 -10.42 -1.55 4.25
N LYS A 29 -9.18 -2.09 4.40
CA LYS A 29 -8.13 -1.53 5.28
C LYS A 29 -7.37 -0.38 4.60
N PRO A 30 -6.98 0.68 5.33
CA PRO A 30 -6.20 1.80 4.77
C PRO A 30 -4.79 1.35 4.38
N LEU A 31 -4.26 1.93 3.30
CA LEU A 31 -2.90 1.65 2.84
C LEU A 31 -1.85 2.03 3.90
N SER A 32 -2.08 3.06 4.71
CA SER A 32 -1.18 3.45 5.82
C SER A 32 -0.97 2.31 6.83
N ALA A 33 -2.04 1.60 7.22
CA ALA A 33 -1.96 0.43 8.09
C ALA A 33 -1.28 -0.77 7.40
N ILE A 34 -1.58 -0.98 6.11
CA ILE A 34 -0.97 -2.04 5.30
C ILE A 34 0.54 -1.80 5.15
N ILE A 35 0.99 -0.58 4.85
CA ILE A 35 2.41 -0.21 4.71
C ILE A 35 3.17 -0.43 6.03
N LYS A 36 2.55 -0.14 7.18
CA LYS A 36 3.10 -0.47 8.51
C LYS A 36 3.28 -1.98 8.72
N GLU A 37 2.34 -2.79 8.22
CA GLU A 37 2.43 -4.25 8.21
C GLU A 37 3.46 -4.79 7.19
N VAL A 38 3.79 -4.04 6.12
CA VAL A 38 4.92 -4.36 5.23
C VAL A 38 6.25 -4.14 5.95
N CYS A 39 6.51 -2.91 6.43
CA CYS A 39 7.82 -2.49 6.93
C CYS A 39 8.25 -3.28 8.17
N ASP A 40 7.31 -3.67 9.04
CA ASP A 40 7.55 -4.54 10.20
C ASP A 40 8.11 -5.93 9.82
N GLY A 41 7.80 -6.42 8.61
CA GLY A 41 8.33 -7.68 8.07
C GLY A 41 9.85 -7.65 7.79
N TRP A 42 10.42 -6.45 7.61
CA TRP A 42 11.85 -6.21 7.43
C TRP A 42 12.47 -5.31 8.53
N SER A 43 11.72 -5.06 9.62
CA SER A 43 12.07 -4.15 10.73
C SER A 43 12.43 -2.72 10.28
N LEU A 44 11.84 -2.23 9.19
CA LEU A 44 12.07 -0.90 8.64
C LEU A 44 11.29 0.15 9.46
N ALA A 45 11.99 1.19 9.92
CA ALA A 45 11.45 2.25 10.77
C ALA A 45 10.62 3.29 10.01
N ASN A 46 9.78 4.03 10.75
CA ASN A 46 9.02 5.22 10.31
C ASN A 46 8.22 4.99 9.01
N HIS A 47 7.18 4.17 9.08
CA HIS A 47 6.35 3.76 7.94
C HIS A 47 5.64 4.94 7.24
N GLU A 48 5.53 6.09 7.91
CA GLU A 48 5.06 7.37 7.35
C GLU A 48 5.86 7.80 6.11
N TYR A 49 7.14 7.40 6.01
CA TYR A 49 8.01 7.71 4.87
C TYR A 49 7.74 6.82 3.65
N PHE A 50 7.06 5.68 3.83
CA PHE A 50 6.94 4.62 2.84
C PHE A 50 5.62 4.64 2.06
N ALA A 51 5.66 4.00 0.89
CA ALA A 51 4.54 3.70 0.03
C ALA A 51 4.78 2.38 -0.73
N LEU A 52 3.70 1.66 -1.04
CA LEU A 52 3.75 0.54 -1.97
C LEU A 52 3.83 1.07 -3.41
N GLN A 53 4.39 0.26 -4.30
CA GLN A 53 4.58 0.53 -5.72
C GLN A 53 4.50 -0.80 -6.50
N HIS A 54 4.17 -0.77 -7.79
CA HIS A 54 4.27 -1.97 -8.63
C HIS A 54 5.72 -2.42 -8.83
N ALA A 55 5.94 -3.73 -9.03
CA ALA A 55 7.27 -4.30 -9.27
C ALA A 55 7.88 -3.96 -10.65
N ASP A 56 7.08 -3.41 -11.57
CA ASP A 56 7.52 -2.89 -12.87
C ASP A 56 8.53 -1.73 -12.74
N SER A 57 9.18 -1.34 -13.85
CA SER A 57 10.17 -0.26 -13.91
C SER A 57 9.59 1.13 -13.61
N SER A 58 8.36 1.41 -14.05
CA SER A 58 7.69 2.71 -13.87
C SER A 58 7.21 2.94 -12.42
N ASN A 59 7.23 4.20 -11.96
CA ASN A 59 7.00 4.58 -10.57
C ASN A 59 5.50 4.65 -10.16
N PHE A 60 4.73 3.59 -10.44
CA PHE A 60 3.31 3.48 -10.07
C PHE A 60 3.11 3.29 -8.56
N TYR A 61 3.30 4.34 -7.77
CA TYR A 61 2.97 4.38 -6.34
C TYR A 61 1.48 4.09 -6.12
N ILE A 62 1.18 3.24 -5.14
CA ILE A 62 -0.18 2.80 -4.82
C ILE A 62 -0.90 3.87 -3.97
N THR A 63 -2.14 4.17 -4.33
CA THR A 63 -3.00 5.19 -3.72
C THR A 63 -4.40 4.64 -3.41
N GLU A 64 -5.16 5.33 -2.55
CA GLU A 64 -6.53 4.93 -2.22
C GLU A 64 -7.49 4.93 -3.42
N LYS A 65 -7.12 5.58 -4.54
CA LYS A 65 -7.80 5.50 -5.84
C LYS A 65 -7.33 4.31 -6.68
N ASN A 66 -6.02 4.15 -6.90
CA ASN A 66 -5.47 3.20 -7.88
C ASN A 66 -5.27 1.77 -7.34
N ARG A 67 -5.34 1.56 -6.01
CA ARG A 67 -5.29 0.24 -5.35
C ARG A 67 -6.33 -0.77 -5.87
N ASN A 68 -7.42 -0.28 -6.44
CA ASN A 68 -8.47 -1.07 -7.09
C ASN A 68 -7.99 -1.82 -8.36
N GLU A 69 -6.87 -1.42 -8.95
CA GLU A 69 -6.21 -2.11 -10.07
C GLU A 69 -5.35 -3.32 -9.64
N ILE A 70 -5.06 -3.47 -8.34
CA ILE A 70 -4.33 -4.63 -7.79
C ILE A 70 -5.23 -5.87 -7.84
N LYS A 71 -4.67 -6.99 -8.30
CA LYS A 71 -5.32 -8.31 -8.37
C LYS A 71 -4.56 -9.38 -7.58
N ASN A 72 -5.22 -10.51 -7.33
CA ASN A 72 -4.61 -11.64 -6.62
C ASN A 72 -3.37 -12.17 -7.38
N GLY A 73 -2.22 -12.19 -6.72
CA GLY A 73 -0.91 -12.55 -7.29
C GLY A 73 -0.10 -11.38 -7.87
N THR A 74 -0.49 -10.11 -7.63
CA THR A 74 0.27 -8.93 -8.10
C THR A 74 1.63 -8.84 -7.39
N ILE A 75 2.71 -8.68 -8.15
CA ILE A 75 4.04 -8.38 -7.60
C ILE A 75 4.17 -6.87 -7.38
N LEU A 76 4.51 -6.47 -6.16
CA LEU A 76 4.69 -5.10 -5.70
C LEU A 76 6.13 -4.87 -5.22
N ARG A 77 6.43 -3.66 -4.76
CA ARG A 77 7.71 -3.19 -4.21
C ARG A 77 7.47 -2.17 -3.10
N LEU A 78 8.20 -2.29 -1.99
CA LEU A 78 8.26 -1.26 -0.94
C LEU A 78 9.31 -0.21 -1.30
N THR A 79 8.99 1.06 -1.08
CA THR A 79 9.87 2.20 -1.41
C THR A 79 9.46 3.44 -0.61
N THR A 80 10.37 4.39 -0.38
CA THR A 80 10.01 5.70 0.20
C THR A 80 9.21 6.55 -0.79
N SER A 81 8.32 7.38 -0.27
CA SER A 81 7.33 8.16 -1.04
C SER A 81 7.97 9.16 -2.03
N PRO A 82 7.25 9.62 -3.07
CA PRO A 82 7.76 10.62 -4.01
C PRO A 82 8.00 11.99 -3.35
N ALA A 83 7.31 12.29 -2.24
CA ALA A 83 7.53 13.48 -1.42
C ALA A 83 8.80 13.37 -0.56
N GLN A 84 9.10 12.20 0.02
CA GLN A 84 10.35 11.94 0.75
C GLN A 84 11.59 11.97 -0.17
N ASN A 85 11.44 11.52 -1.42
CA ASN A 85 12.46 11.64 -2.47
C ASN A 85 12.53 13.05 -3.10
N ALA A 86 11.62 13.96 -2.74
CA ALA A 86 11.49 15.37 -3.11
C ALA A 86 11.31 15.72 -4.62
N GLN A 87 11.79 14.87 -5.53
CA GLN A 87 11.81 15.08 -6.98
C GLN A 87 10.45 14.88 -7.65
N GLN A 88 9.50 14.21 -6.98
CA GLN A 88 8.07 14.09 -7.36
C GLN A 88 7.81 13.71 -8.83
N LEU A 89 8.54 12.69 -9.33
CA LEU A 89 8.44 12.21 -10.71
C LEU A 89 7.03 11.67 -11.03
N HIS A 90 6.58 11.89 -12.26
CA HIS A 90 5.23 11.51 -12.75
C HIS A 90 5.24 10.93 -14.17
N GLU A 91 6.36 11.05 -14.88
CA GLU A 91 6.59 10.58 -16.24
C GLU A 91 6.67 9.04 -16.29
N ARG A 92 5.71 8.41 -16.98
CA ARG A 92 5.64 6.93 -17.12
C ARG A 92 6.83 6.40 -17.91
N ILE A 93 7.51 5.38 -17.37
CA ILE A 93 8.65 4.73 -18.02
C ILE A 93 8.14 3.69 -19.02
N GLN A 94 8.38 3.92 -20.32
CA GLN A 94 7.99 3.02 -21.42
C GLN A 94 8.94 1.83 -21.59
N SER A 95 10.19 1.93 -21.13
CA SER A 95 11.22 0.88 -21.23
C SER A 95 10.93 -0.33 -20.34
N SER A 96 11.24 -1.53 -20.82
CA SER A 96 11.12 -2.81 -20.10
C SER A 96 12.10 -3.85 -20.65
N SER A 97 12.70 -4.67 -19.78
CA SER A 97 13.72 -5.66 -20.14
C SER A 97 13.13 -6.94 -20.77
N MET A 98 12.00 -7.43 -20.25
CA MET A 98 11.36 -8.70 -20.65
C MET A 98 9.86 -8.71 -20.29
N ASP A 99 9.06 -9.51 -21.01
CA ASP A 99 7.59 -9.59 -20.86
C ASP A 99 7.09 -10.11 -19.49
N ALA A 100 7.98 -10.72 -18.69
CA ALA A 100 7.73 -11.15 -17.31
C ALA A 100 8.99 -10.96 -16.44
N LYS A 101 8.80 -10.71 -15.14
CA LYS A 101 9.88 -10.51 -14.16
C LYS A 101 10.16 -11.78 -13.35
N LEU A 102 11.45 -12.07 -13.11
CA LEU A 102 11.94 -13.20 -12.31
C LEU A 102 13.11 -12.77 -11.42
N GLU A 103 13.23 -13.40 -10.25
CA GLU A 103 14.30 -13.17 -9.25
C GLU A 103 14.73 -14.49 -8.58
N ALA A 104 16.00 -14.59 -8.17
CA ALA A 104 16.54 -15.75 -7.46
C ALA A 104 16.04 -15.84 -6.00
N LEU A 105 15.81 -17.07 -5.52
CA LEU A 105 15.32 -17.39 -4.17
C LEU A 105 16.24 -18.37 -3.41
N LYS A 106 17.51 -18.50 -3.85
CA LYS A 106 18.52 -19.40 -3.25
C LYS A 106 18.91 -18.97 -1.84
N ASP A 107 19.27 -19.94 -0.99
CA ASP A 107 19.73 -19.70 0.39
C ASP A 107 21.09 -18.99 0.44
N LEU A 108 21.21 -17.95 1.26
CA LEU A 108 22.49 -17.26 1.54
C LEU A 108 23.35 -18.06 2.53
N ALA A 109 24.68 -18.00 2.36
CA ALA A 109 25.65 -18.63 3.27
C ALA A 109 25.72 -17.90 4.63
N SER A 110 25.87 -18.66 5.72
CA SER A 110 26.01 -18.15 7.09
C SER A 110 26.65 -19.20 8.03
N LEU A 111 27.23 -18.76 9.15
CA LEU A 111 27.82 -19.60 10.20
C LEU A 111 27.33 -19.13 11.58
N SER A 112 26.44 -19.92 12.20
CA SER A 112 25.80 -19.61 13.50
C SER A 112 26.67 -19.91 14.72
N ARG A 113 27.76 -20.69 14.55
CA ARG A 113 28.67 -21.12 15.64
C ARG A 113 29.58 -19.99 16.14
N ASP A 114 29.97 -20.09 17.41
CA ASP A 114 30.88 -19.18 18.15
C ASP A 114 30.50 -17.68 18.04
N GLY A 1 -27.07 -18.40 6.84
CA GLY A 1 -25.77 -18.94 6.39
C GLY A 1 -24.62 -17.98 6.68
N MET A 2 -23.39 -18.37 6.31
CA MET A 2 -22.18 -17.56 6.48
C MET A 2 -22.19 -16.30 5.59
N PRO A 3 -21.52 -15.18 6.01
CA PRO A 3 -21.39 -13.99 5.19
C PRO A 3 -20.48 -14.20 3.96
N PRO A 4 -20.61 -13.39 2.90
CA PRO A 4 -19.74 -13.43 1.72
C PRO A 4 -18.28 -13.02 2.05
N PRO A 5 -17.29 -13.46 1.25
CA PRO A 5 -15.89 -13.10 1.44
C PRO A 5 -15.61 -11.60 1.18
N ALA A 6 -14.63 -11.04 1.90
CA ALA A 6 -14.17 -9.66 1.73
C ALA A 6 -13.30 -9.48 0.46
N ASP A 7 -13.09 -8.22 0.05
CA ASP A 7 -12.29 -7.82 -1.12
C ASP A 7 -10.77 -7.88 -0.85
N ILE A 8 -10.26 -9.09 -0.60
CA ILE A 8 -8.87 -9.37 -0.25
C ILE A 8 -8.12 -10.05 -1.41
N VAL A 9 -6.88 -9.63 -1.66
CA VAL A 9 -6.00 -10.15 -2.73
C VAL A 9 -4.59 -10.43 -2.22
N LYS A 10 -4.02 -11.59 -2.59
CA LYS A 10 -2.62 -11.96 -2.30
C LYS A 10 -1.64 -11.23 -3.21
N VAL A 11 -0.50 -10.84 -2.65
CA VAL A 11 0.58 -10.09 -3.34
C VAL A 11 1.98 -10.56 -2.90
N ALA A 12 2.98 -10.32 -3.74
CA ALA A 12 4.40 -10.54 -3.43
C ALA A 12 5.17 -9.21 -3.53
N ILE A 13 5.84 -8.79 -2.46
CA ILE A 13 6.45 -7.45 -2.34
C ILE A 13 7.98 -7.54 -2.36
N GLU A 14 8.60 -6.80 -3.26
CA GLU A 14 10.06 -6.66 -3.40
C GLU A 14 10.65 -5.61 -2.44
N TRP A 15 11.85 -5.90 -1.91
CA TRP A 15 12.69 -4.97 -1.14
C TRP A 15 14.18 -5.40 -1.22
N PRO A 16 15.17 -4.47 -1.29
CA PRO A 16 16.57 -4.83 -1.50
C PRO A 16 17.17 -5.66 -0.34
N GLY A 17 18.04 -6.61 -0.67
CA GLY A 17 18.74 -7.46 0.30
C GLY A 17 17.87 -8.48 1.04
N ALA A 18 16.64 -8.74 0.58
CA ALA A 18 15.66 -9.63 1.20
C ALA A 18 14.86 -10.45 0.18
N TYR A 19 14.31 -11.59 0.62
CA TYR A 19 13.36 -12.39 -0.16
C TYR A 19 12.00 -11.66 -0.31
N PRO A 20 11.23 -11.92 -1.38
CA PRO A 20 9.91 -11.29 -1.57
C PRO A 20 8.93 -11.61 -0.43
N LYS A 21 8.32 -10.58 0.15
CA LYS A 21 7.31 -10.73 1.23
C LYS A 21 5.94 -11.06 0.61
N LEU A 22 5.47 -12.28 0.84
CA LEU A 22 4.08 -12.68 0.54
C LEU A 22 3.14 -12.15 1.63
N MET A 23 2.07 -11.47 1.24
CA MET A 23 1.02 -11.01 2.16
C MET A 23 -0.34 -10.81 1.45
N GLU A 24 -1.36 -10.42 2.22
CA GLU A 24 -2.70 -10.10 1.71
C GLU A 24 -3.01 -8.60 1.86
N ILE A 25 -3.47 -7.98 0.78
CA ILE A 25 -4.02 -6.63 0.74
C ILE A 25 -5.54 -6.72 0.80
N ASP A 26 -6.12 -6.27 1.91
CA ASP A 26 -7.57 -6.07 2.04
C ASP A 26 -7.92 -4.67 1.52
N GLN A 27 -8.74 -4.60 0.46
CA GLN A 27 -9.11 -3.33 -0.17
C GLN A 27 -9.97 -2.42 0.74
N LYS A 28 -10.54 -2.93 1.84
CA LYS A 28 -11.23 -2.16 2.87
C LYS A 28 -10.28 -1.51 3.89
N LYS A 29 -9.12 -2.12 4.18
CA LYS A 29 -8.11 -1.57 5.12
C LYS A 29 -7.36 -0.39 4.49
N PRO A 30 -7.00 0.66 5.26
CA PRO A 30 -6.23 1.79 4.76
C PRO A 30 -4.82 1.38 4.37
N LEU A 31 -4.30 1.96 3.28
CA LEU A 31 -2.92 1.69 2.83
C LEU A 31 -1.89 2.05 3.90
N SER A 32 -2.12 3.08 4.73
CA SER A 32 -1.22 3.44 5.83
C SER A 32 -1.01 2.30 6.84
N ALA A 33 -2.07 1.56 7.19
CA ALA A 33 -1.99 0.38 8.06
C ALA A 33 -1.31 -0.80 7.36
N ILE A 34 -1.64 -1.02 6.07
CA ILE A 34 -1.03 -2.09 5.26
C ILE A 34 0.47 -1.84 5.09
N ILE A 35 0.90 -0.62 4.76
CA ILE A 35 2.31 -0.23 4.60
C ILE A 35 3.08 -0.43 5.92
N LYS A 36 2.47 -0.15 7.09
CA LYS A 36 3.08 -0.49 8.38
C LYS A 36 3.30 -2.00 8.54
N GLU A 37 2.34 -2.82 8.12
CA GLU A 37 2.45 -4.28 8.11
C GLU A 37 3.49 -4.79 7.08
N VAL A 38 3.75 -4.07 5.98
CA VAL A 38 4.89 -4.35 5.08
C VAL A 38 6.20 -4.05 5.80
N CYS A 39 6.35 -2.82 6.33
CA CYS A 39 7.59 -2.33 6.94
C CYS A 39 8.01 -3.17 8.15
N ASP A 40 7.06 -3.56 9.01
CA ASP A 40 7.30 -4.43 10.17
C ASP A 40 7.84 -5.81 9.76
N GLY A 41 7.50 -6.31 8.57
CA GLY A 41 8.03 -7.55 8.00
C GLY A 41 9.54 -7.55 7.75
N TRP A 42 10.14 -6.36 7.59
CA TRP A 42 11.58 -6.12 7.47
C TRP A 42 12.14 -5.25 8.62
N SER A 43 11.37 -5.06 9.70
CA SER A 43 11.71 -4.22 10.87
C SER A 43 12.05 -2.76 10.52
N LEU A 44 11.49 -2.23 9.43
CA LEU A 44 11.69 -0.86 8.94
C LEU A 44 10.94 0.17 9.80
N ALA A 45 11.66 1.18 10.27
CA ALA A 45 11.11 2.33 11.00
C ALA A 45 10.44 3.36 10.05
N ASN A 46 9.65 4.27 10.63
CA ASN A 46 9.03 5.41 9.95
C ASN A 46 8.19 5.02 8.72
N HIS A 47 7.23 4.10 8.90
CA HIS A 47 6.35 3.61 7.82
C HIS A 47 5.55 4.73 7.13
N GLU A 48 5.37 5.87 7.80
CA GLU A 48 4.73 7.09 7.27
C GLU A 48 5.40 7.60 5.99
N TYR A 49 6.70 7.34 5.81
CA TYR A 49 7.47 7.75 4.63
C TYR A 49 7.27 6.82 3.44
N PHE A 50 6.76 5.60 3.66
CA PHE A 50 6.70 4.54 2.65
C PHE A 50 5.40 4.53 1.83
N ALA A 51 5.49 3.89 0.67
CA ALA A 51 4.42 3.58 -0.26
C ALA A 51 4.69 2.22 -0.94
N LEU A 52 3.62 1.53 -1.33
CA LEU A 52 3.72 0.38 -2.23
C LEU A 52 3.77 0.89 -3.68
N GLN A 53 4.29 0.07 -4.58
CA GLN A 53 4.47 0.41 -6.00
C GLN A 53 4.34 -0.85 -6.87
N HIS A 54 3.80 -0.73 -8.08
CA HIS A 54 3.79 -1.82 -9.07
C HIS A 54 5.20 -2.13 -9.57
N ALA A 55 5.59 -3.42 -9.53
CA ALA A 55 6.93 -3.87 -9.93
C ALA A 55 7.06 -4.23 -11.43
N ASP A 56 5.95 -4.22 -12.19
CA ASP A 56 5.88 -4.63 -13.60
C ASP A 56 4.85 -3.80 -14.39
N SER A 57 4.95 -3.80 -15.72
CA SER A 57 4.21 -3.00 -16.72
C SER A 57 4.42 -1.47 -16.62
N SER A 58 4.35 -0.89 -15.42
CA SER A 58 4.70 0.51 -15.13
C SER A 58 4.95 0.71 -13.63
N ASN A 59 5.85 1.64 -13.27
CA ASN A 59 6.30 1.92 -11.91
C ASN A 59 5.30 2.77 -11.07
N PHE A 60 3.99 2.57 -11.25
CA PHE A 60 2.94 3.34 -10.56
C PHE A 60 2.98 3.12 -9.03
N TYR A 61 3.03 4.21 -8.25
CA TYR A 61 2.85 4.16 -6.80
C TYR A 61 1.38 3.84 -6.46
N ILE A 62 1.15 3.06 -5.40
CA ILE A 62 -0.17 2.68 -4.90
C ILE A 62 -0.75 3.77 -3.99
N THR A 63 -2.01 4.12 -4.22
CA THR A 63 -2.79 5.15 -3.52
C THR A 63 -4.25 4.71 -3.38
N GLU A 64 -5.02 5.39 -2.51
CA GLU A 64 -6.46 5.14 -2.37
C GLU A 64 -7.27 5.43 -3.66
N LYS A 65 -6.66 6.08 -4.66
CA LYS A 65 -7.25 6.36 -5.99
C LYS A 65 -6.99 5.27 -7.05
N ASN A 66 -5.97 4.42 -6.88
CA ASN A 66 -5.55 3.43 -7.91
C ASN A 66 -5.25 2.02 -7.38
N ARG A 67 -5.34 1.76 -6.07
CA ARG A 67 -5.17 0.43 -5.45
C ARG A 67 -6.08 -0.67 -6.00
N ASN A 68 -7.20 -0.29 -6.63
CA ASN A 68 -8.14 -1.20 -7.30
C ASN A 68 -7.51 -1.95 -8.50
N GLU A 69 -6.39 -1.46 -9.04
CA GLU A 69 -5.61 -2.16 -10.09
C GLU A 69 -4.82 -3.38 -9.55
N ILE A 70 -4.65 -3.52 -8.23
CA ILE A 70 -4.06 -4.71 -7.61
C ILE A 70 -5.04 -5.89 -7.68
N LYS A 71 -4.56 -7.03 -8.18
CA LYS A 71 -5.26 -8.33 -8.20
C LYS A 71 -4.48 -9.41 -7.43
N ASN A 72 -5.08 -10.59 -7.29
CA ASN A 72 -4.39 -11.77 -6.76
C ASN A 72 -3.14 -12.10 -7.61
N GLY A 73 -2.00 -12.31 -6.94
CA GLY A 73 -0.71 -12.59 -7.59
C GLY A 73 0.05 -11.36 -8.11
N THR A 74 -0.36 -10.13 -7.77
CA THR A 74 0.35 -8.90 -8.19
C THR A 74 1.74 -8.82 -7.53
N ILE A 75 2.78 -8.58 -8.34
CA ILE A 75 4.12 -8.28 -7.85
C ILE A 75 4.23 -6.77 -7.58
N LEU A 76 4.55 -6.41 -6.34
CA LEU A 76 4.72 -5.05 -5.84
C LEU A 76 6.15 -4.80 -5.34
N ARG A 77 6.44 -3.56 -4.97
CA ARG A 77 7.71 -3.08 -4.43
C ARG A 77 7.46 -2.10 -3.28
N LEU A 78 8.19 -2.25 -2.18
CA LEU A 78 8.21 -1.24 -1.10
C LEU A 78 9.21 -0.13 -1.45
N THR A 79 8.84 1.12 -1.22
CA THR A 79 9.64 2.30 -1.62
C THR A 79 9.24 3.52 -0.78
N THR A 80 10.16 4.45 -0.51
CA THR A 80 9.80 5.75 0.11
C THR A 80 9.05 6.63 -0.91
N SER A 81 7.94 7.22 -0.47
CA SER A 81 7.04 8.04 -1.29
C SER A 81 7.75 9.29 -1.86
N PRO A 82 7.46 9.70 -3.12
CA PRO A 82 7.96 10.96 -3.68
C PRO A 82 7.41 12.21 -2.95
N ALA A 83 6.36 12.04 -2.13
CA ALA A 83 5.73 13.09 -1.32
C ALA A 83 6.01 12.96 0.20
N GLN A 84 6.95 12.11 0.61
CA GLN A 84 7.27 11.87 2.03
C GLN A 84 7.75 13.13 2.78
N ASN A 85 7.49 13.18 4.09
CA ASN A 85 7.90 14.26 4.99
C ASN A 85 7.92 13.77 6.46
N ALA A 86 8.62 14.49 7.34
CA ALA A 86 8.57 14.27 8.78
C ALA A 86 7.17 14.57 9.36
N GLN A 87 6.75 13.82 10.39
CA GLN A 87 5.44 13.97 11.03
C GLN A 87 5.35 15.30 11.80
N GLN A 88 4.36 16.13 11.46
CA GLN A 88 4.24 17.51 11.94
C GLN A 88 3.41 17.69 13.23
N LEU A 89 2.61 16.70 13.62
CA LEU A 89 1.68 16.78 14.77
C LEU A 89 1.53 15.46 15.55
N HIS A 90 1.30 14.34 14.86
CA HIS A 90 1.06 13.02 15.46
C HIS A 90 2.36 12.24 15.74
N GLU A 91 3.39 12.93 16.24
CA GLU A 91 4.76 12.44 16.40
C GLU A 91 4.92 11.45 17.58
N ARG A 92 4.42 10.22 17.40
CA ARG A 92 4.62 9.04 18.26
C ARG A 92 4.20 9.21 19.74
N ILE A 93 3.23 10.08 20.01
CA ILE A 93 2.74 10.36 21.37
C ILE A 93 2.09 9.10 21.99
N GLN A 94 2.51 8.74 23.20
CA GLN A 94 2.06 7.55 23.94
C GLN A 94 0.74 7.77 24.70
N SER A 95 -0.24 8.39 24.03
CA SER A 95 -1.55 8.76 24.61
C SER A 95 -2.52 7.58 24.80
N SER A 96 -2.30 6.46 24.08
CA SER A 96 -3.14 5.25 24.17
C SER A 96 -2.95 4.52 25.51
N SER A 97 -4.05 4.20 26.20
CA SER A 97 -4.06 3.54 27.51
C SER A 97 -3.65 2.07 27.46
N MET A 98 -2.98 1.58 28.51
CA MET A 98 -2.71 0.15 28.73
C MET A 98 -3.99 -0.63 29.10
N ASP A 99 -3.94 -1.96 28.96
CA ASP A 99 -5.03 -2.85 29.41
C ASP A 99 -5.14 -2.87 30.95
N ALA A 100 -6.35 -2.70 31.48
CA ALA A 100 -6.63 -2.74 32.92
C ALA A 100 -6.66 -4.18 33.47
N LYS A 101 -6.26 -4.35 34.74
CA LYS A 101 -6.38 -5.62 35.49
C LYS A 101 -7.83 -5.90 35.91
N LEU A 102 -8.19 -7.19 36.01
CA LEU A 102 -9.50 -7.64 36.52
C LEU A 102 -9.61 -7.45 38.04
N GLU A 103 -10.84 -7.21 38.51
CA GLU A 103 -11.17 -6.98 39.94
C GLU A 103 -12.52 -7.61 40.32
N ALA A 104 -12.71 -7.87 41.61
CA ALA A 104 -13.99 -8.34 42.17
C ALA A 104 -15.10 -7.26 42.13
N LEU A 105 -16.36 -7.69 42.16
CA LEU A 105 -17.53 -6.78 42.16
C LEU A 105 -17.61 -5.95 43.46
N LYS A 106 -17.92 -4.66 43.32
CA LYS A 106 -18.04 -3.66 44.41
C LYS A 106 -19.20 -2.68 44.18
N ASP A 107 -20.22 -3.11 43.45
CA ASP A 107 -21.45 -2.35 43.16
C ASP A 107 -22.42 -2.29 44.37
N LEU A 108 -22.32 -3.22 45.32
CA LEU A 108 -23.08 -3.23 46.57
C LEU A 108 -22.65 -2.07 47.50
N ALA A 109 -23.63 -1.37 48.08
CA ALA A 109 -23.44 -0.24 48.99
C ALA A 109 -24.59 -0.12 50.02
N SER A 110 -24.37 0.69 51.07
CA SER A 110 -25.35 0.97 52.13
C SER A 110 -25.12 2.39 52.70
N LEU A 111 -26.22 3.13 52.93
CA LEU A 111 -26.23 4.53 53.40
C LEU A 111 -27.27 4.75 54.49
N SER A 112 -27.08 5.79 55.32
CA SER A 112 -28.01 6.17 56.41
C SER A 112 -29.41 6.59 55.91
N ARG A 113 -29.53 6.94 54.63
CA ARG A 113 -30.79 7.25 53.92
C ARG A 113 -31.70 6.02 53.73
N ASP A 114 -31.14 4.81 53.68
CA ASP A 114 -31.83 3.54 53.38
C ASP A 114 -32.80 3.08 54.48
N GLY A 1 -27.91 -19.25 2.29
CA GLY A 1 -26.99 -19.13 1.14
C GLY A 1 -25.54 -19.04 1.58
N MET A 2 -24.60 -19.29 0.67
CA MET A 2 -23.15 -19.20 0.92
C MET A 2 -22.68 -17.74 1.14
N PRO A 3 -21.66 -17.47 1.97
CA PRO A 3 -21.11 -16.12 2.17
C PRO A 3 -20.53 -15.51 0.87
N PRO A 4 -20.59 -14.17 0.71
CA PRO A 4 -19.95 -13.47 -0.41
C PRO A 4 -18.42 -13.46 -0.29
N PRO A 5 -17.67 -13.31 -1.41
CA PRO A 5 -16.21 -13.16 -1.38
C PRO A 5 -15.77 -11.84 -0.72
N ALA A 6 -14.65 -11.87 0.00
CA ALA A 6 -14.06 -10.68 0.64
C ALA A 6 -13.29 -9.80 -0.36
N ASP A 7 -13.20 -8.49 -0.08
CA ASP A 7 -12.42 -7.52 -0.86
C ASP A 7 -10.91 -7.56 -0.52
N ILE A 8 -10.32 -8.75 -0.56
CA ILE A 8 -8.94 -9.03 -0.14
C ILE A 8 -8.17 -9.75 -1.25
N VAL A 9 -6.92 -9.34 -1.49
CA VAL A 9 -6.04 -9.87 -2.55
C VAL A 9 -4.64 -10.17 -2.02
N LYS A 10 -4.11 -11.36 -2.33
CA LYS A 10 -2.72 -11.76 -2.00
C LYS A 10 -1.71 -11.13 -2.96
N VAL A 11 -0.59 -10.66 -2.44
CA VAL A 11 0.49 -9.99 -3.19
C VAL A 11 1.87 -10.47 -2.75
N ALA A 12 2.86 -10.30 -3.63
CA ALA A 12 4.28 -10.49 -3.31
C ALA A 12 5.01 -9.13 -3.41
N ILE A 13 5.83 -8.79 -2.41
CA ILE A 13 6.43 -7.45 -2.26
C ILE A 13 7.95 -7.54 -2.24
N GLU A 14 8.60 -6.83 -3.15
CA GLU A 14 10.05 -6.72 -3.26
C GLU A 14 10.65 -5.68 -2.29
N TRP A 15 11.85 -5.97 -1.75
CA TRP A 15 12.70 -5.06 -0.99
C TRP A 15 14.18 -5.52 -1.05
N PRO A 16 15.19 -4.62 -1.11
CA PRO A 16 16.59 -5.02 -1.28
C PRO A 16 17.14 -5.88 -0.13
N GLY A 17 18.02 -6.82 -0.46
CA GLY A 17 18.69 -7.71 0.52
C GLY A 17 17.79 -8.78 1.15
N ALA A 18 16.58 -9.01 0.63
CA ALA A 18 15.60 -9.96 1.15
C ALA A 18 14.79 -10.65 0.02
N TYR A 19 14.26 -11.84 0.30
CA TYR A 19 13.29 -12.52 -0.55
C TYR A 19 11.92 -11.79 -0.52
N PRO A 20 11.09 -11.87 -1.58
CA PRO A 20 9.80 -11.17 -1.63
C PRO A 20 8.85 -11.58 -0.50
N LYS A 21 8.27 -10.59 0.19
CA LYS A 21 7.28 -10.79 1.27
C LYS A 21 5.91 -11.09 0.68
N LEU A 22 5.36 -12.26 0.98
CA LEU A 22 3.95 -12.59 0.69
C LEU A 22 3.06 -12.00 1.79
N MET A 23 1.98 -11.31 1.41
CA MET A 23 0.95 -10.81 2.34
C MET A 23 -0.39 -10.60 1.62
N GLU A 24 -1.42 -10.22 2.37
CA GLU A 24 -2.76 -9.89 1.83
C GLU A 24 -3.12 -8.41 2.05
N ILE A 25 -3.55 -7.76 0.97
CA ILE A 25 -4.05 -6.38 0.95
C ILE A 25 -5.58 -6.42 1.04
N ASP A 26 -6.12 -5.94 2.17
CA ASP A 26 -7.56 -5.72 2.37
C ASP A 26 -7.95 -4.34 1.86
N GLN A 27 -8.81 -4.29 0.85
CA GLN A 27 -9.25 -3.03 0.22
C GLN A 27 -10.12 -2.15 1.15
N LYS A 28 -10.63 -2.68 2.27
CA LYS A 28 -11.28 -1.87 3.33
C LYS A 28 -10.28 -1.15 4.25
N LYS A 29 -9.09 -1.72 4.49
CA LYS A 29 -8.06 -1.14 5.37
C LYS A 29 -7.31 0.02 4.71
N PRO A 30 -6.91 1.07 5.46
CA PRO A 30 -6.12 2.18 4.93
C PRO A 30 -4.71 1.71 4.52
N LEU A 31 -4.18 2.28 3.43
CA LEU A 31 -2.84 1.95 2.96
C LEU A 31 -1.76 2.28 4.00
N SER A 32 -1.93 3.28 4.86
CA SER A 32 -0.99 3.56 5.96
C SER A 32 -0.83 2.35 6.91
N ALA A 33 -1.95 1.73 7.33
CA ALA A 33 -1.92 0.53 8.16
C ALA A 33 -1.28 -0.68 7.42
N ILE A 34 -1.60 -0.84 6.14
CA ILE A 34 -1.04 -1.92 5.31
C ILE A 34 0.46 -1.73 5.09
N ILE A 35 0.93 -0.53 4.76
CA ILE A 35 2.35 -0.19 4.60
C ILE A 35 3.10 -0.41 5.92
N LYS A 36 2.49 -0.13 7.08
CA LYS A 36 3.07 -0.48 8.39
C LYS A 36 3.25 -2.00 8.56
N GLU A 37 2.28 -2.80 8.13
CA GLU A 37 2.37 -4.26 8.09
C GLU A 37 3.45 -4.76 7.09
N VAL A 38 3.71 -4.04 5.99
CA VAL A 38 4.86 -4.32 5.11
C VAL A 38 6.18 -4.04 5.84
N CYS A 39 6.33 -2.83 6.40
CA CYS A 39 7.56 -2.35 7.02
C CYS A 39 7.95 -3.20 8.23
N ASP A 40 6.99 -3.58 9.08
CA ASP A 40 7.22 -4.46 10.24
C ASP A 40 7.76 -5.85 9.83
N GLY A 41 7.40 -6.33 8.63
CA GLY A 41 7.93 -7.57 8.05
C GLY A 41 9.45 -7.58 7.81
N TRP A 42 10.06 -6.40 7.67
CA TRP A 42 11.51 -6.17 7.58
C TRP A 42 12.06 -5.31 8.74
N SER A 43 11.29 -5.15 9.83
CA SER A 43 11.57 -4.32 11.02
C SER A 43 11.87 -2.82 10.74
N LEU A 44 11.43 -2.32 9.58
CA LEU A 44 11.61 -0.94 9.13
C LEU A 44 10.80 0.06 9.99
N ALA A 45 11.49 1.07 10.52
CA ALA A 45 10.89 2.19 11.26
C ALA A 45 10.26 3.24 10.33
N ASN A 46 9.42 4.12 10.89
CA ASN A 46 8.82 5.29 10.23
C ASN A 46 8.09 4.93 8.91
N HIS A 47 7.05 4.09 8.98
CA HIS A 47 6.28 3.65 7.81
C HIS A 47 5.59 4.82 7.07
N GLU A 48 5.43 5.97 7.73
CA GLU A 48 4.99 7.24 7.15
C GLU A 48 5.82 7.68 5.93
N TYR A 49 7.11 7.32 5.89
CA TYR A 49 8.02 7.64 4.78
C TYR A 49 7.80 6.76 3.55
N PHE A 50 7.07 5.65 3.67
CA PHE A 50 6.95 4.61 2.65
C PHE A 50 5.64 4.65 1.85
N ALA A 51 5.71 4.03 0.67
CA ALA A 51 4.60 3.71 -0.21
C ALA A 51 4.85 2.36 -0.90
N LEU A 52 3.77 1.66 -1.23
CA LEU A 52 3.82 0.51 -2.13
C LEU A 52 3.87 1.01 -3.58
N GLN A 53 4.44 0.21 -4.47
CA GLN A 53 4.60 0.53 -5.89
C GLN A 53 4.44 -0.75 -6.74
N HIS A 54 3.84 -0.65 -7.91
CA HIS A 54 3.75 -1.77 -8.86
C HIS A 54 5.13 -2.18 -9.40
N ALA A 55 5.34 -3.48 -9.65
CA ALA A 55 6.61 -4.04 -10.12
C ALA A 55 6.48 -5.05 -11.29
N ASP A 56 5.30 -5.63 -11.53
CA ASP A 56 5.05 -6.57 -12.64
C ASP A 56 4.68 -5.90 -13.99
N SER A 57 4.67 -4.57 -14.08
CA SER A 57 4.37 -3.82 -15.31
C SER A 57 5.16 -2.51 -15.41
N SER A 58 4.94 -1.56 -14.49
CA SER A 58 5.68 -0.30 -14.39
C SER A 58 5.57 0.29 -12.97
N ASN A 59 6.47 1.21 -12.63
CA ASN A 59 6.69 1.76 -11.27
C ASN A 59 5.61 2.75 -10.79
N PHE A 60 4.32 2.46 -11.00
CA PHE A 60 3.20 3.26 -10.48
C PHE A 60 3.11 3.16 -8.95
N TYR A 61 3.10 4.29 -8.23
CA TYR A 61 2.85 4.29 -6.78
C TYR A 61 1.40 3.90 -6.46
N ILE A 62 1.20 3.14 -5.39
CA ILE A 62 -0.13 2.78 -4.86
C ILE A 62 -0.70 3.94 -4.03
N THR A 63 -1.98 4.21 -4.22
CA THR A 63 -2.76 5.29 -3.58
C THR A 63 -4.18 4.81 -3.32
N GLU A 64 -4.95 5.56 -2.53
CA GLU A 64 -6.36 5.25 -2.24
C GLU A 64 -7.30 5.30 -3.48
N LYS A 65 -6.78 5.69 -4.67
CA LYS A 65 -7.47 5.59 -5.96
C LYS A 65 -6.76 4.70 -7.00
N ASN A 66 -5.48 4.34 -6.81
CA ASN A 66 -4.74 3.38 -7.66
C ASN A 66 -4.85 1.92 -7.17
N ARG A 67 -5.13 1.70 -5.87
CA ARG A 67 -5.14 0.38 -5.22
C ARG A 67 -6.10 -0.66 -5.81
N ASN A 68 -7.12 -0.22 -6.57
CA ASN A 68 -8.06 -1.09 -7.28
C ASN A 68 -7.36 -1.95 -8.38
N GLU A 69 -6.22 -1.49 -8.92
CA GLU A 69 -5.46 -2.21 -9.95
C GLU A 69 -4.69 -3.43 -9.40
N ILE A 70 -4.51 -3.52 -8.08
CA ILE A 70 -3.91 -4.67 -7.40
C ILE A 70 -4.89 -5.86 -7.44
N LYS A 71 -4.36 -7.03 -7.81
CA LYS A 71 -5.07 -8.31 -7.94
C LYS A 71 -4.36 -9.43 -7.18
N ASN A 72 -5.00 -10.59 -7.08
CA ASN A 72 -4.37 -11.79 -6.53
C ASN A 72 -3.15 -12.19 -7.39
N GLY A 73 -1.97 -12.26 -6.77
CA GLY A 73 -0.69 -12.52 -7.43
C GLY A 73 0.02 -11.28 -8.02
N THR A 74 -0.46 -10.06 -7.77
CA THR A 74 0.23 -8.82 -8.18
C THR A 74 1.59 -8.71 -7.47
N ILE A 75 2.66 -8.44 -8.23
CA ILE A 75 3.99 -8.17 -7.67
C ILE A 75 4.15 -6.66 -7.46
N LEU A 76 4.46 -6.29 -6.22
CA LEU A 76 4.72 -4.92 -5.76
C LEU A 76 6.18 -4.78 -5.30
N ARG A 77 6.57 -3.55 -4.97
CA ARG A 77 7.85 -3.16 -4.37
C ARG A 77 7.61 -2.12 -3.27
N LEU A 78 8.27 -2.28 -2.12
CA LEU A 78 8.31 -1.26 -1.07
C LEU A 78 9.33 -0.16 -1.43
N THR A 79 8.97 1.10 -1.23
CA THR A 79 9.81 2.25 -1.61
C THR A 79 9.47 3.48 -0.75
N THR A 80 10.45 4.35 -0.45
CA THR A 80 10.18 5.64 0.20
C THR A 80 9.47 6.60 -0.77
N SER A 81 8.37 7.21 -0.34
CA SER A 81 7.42 7.96 -1.16
C SER A 81 7.95 9.34 -1.63
N PRO A 82 7.40 9.91 -2.73
CA PRO A 82 7.67 11.29 -3.11
C PRO A 82 7.01 12.30 -2.15
N ALA A 83 5.99 11.86 -1.39
CA ALA A 83 5.25 12.66 -0.41
C ALA A 83 6.00 12.90 0.94
N GLN A 84 7.25 12.47 1.06
CA GLN A 84 8.10 12.78 2.23
C GLN A 84 8.35 14.29 2.40
N ASN A 85 8.50 15.03 1.30
CA ASN A 85 8.79 16.48 1.32
C ASN A 85 7.54 17.34 1.65
N ALA A 86 6.38 16.96 1.10
CA ALA A 86 5.09 17.63 1.27
C ALA A 86 3.93 16.67 0.96
N GLN A 87 2.73 16.95 1.48
CA GLN A 87 1.52 16.14 1.28
C GLN A 87 0.95 16.24 -0.16
N GLN A 88 1.63 15.58 -1.10
CA GLN A 88 1.33 15.59 -2.54
C GLN A 88 0.05 14.81 -2.93
N LEU A 89 -0.38 13.89 -2.06
CA LEU A 89 -1.57 13.05 -2.25
C LEU A 89 -2.88 13.86 -2.21
N HIS A 90 -3.91 13.36 -2.90
CA HIS A 90 -5.27 13.91 -2.93
C HIS A 90 -6.01 13.75 -1.58
N GLU A 91 -7.10 14.50 -1.40
CA GLU A 91 -7.98 14.40 -0.23
C GLU A 91 -8.76 13.08 -0.24
N ARG A 92 -8.62 12.28 0.83
CA ARG A 92 -9.22 10.93 0.93
C ARG A 92 -10.69 11.00 1.33
N ILE A 93 -11.56 11.21 0.35
CA ILE A 93 -13.02 11.17 0.51
C ILE A 93 -13.51 9.77 0.92
N GLN A 94 -14.59 9.72 1.71
CA GLN A 94 -15.26 8.47 2.09
C GLN A 94 -16.24 7.96 1.00
N SER A 95 -16.75 8.86 0.16
CA SER A 95 -17.71 8.56 -0.91
C SER A 95 -17.10 7.73 -2.04
N SER A 96 -17.87 6.76 -2.55
CA SER A 96 -17.53 5.99 -3.76
C SER A 96 -17.76 6.79 -5.05
N SER A 97 -17.14 6.36 -6.15
CA SER A 97 -17.40 6.86 -7.53
C SER A 97 -18.75 6.35 -8.06
N MET A 98 -19.83 6.70 -7.36
CA MET A 98 -21.20 6.18 -7.54
C MET A 98 -22.01 6.80 -8.69
N ASP A 99 -21.42 7.68 -9.51
CA ASP A 99 -22.09 8.33 -10.65
C ASP A 99 -22.44 7.37 -11.81
N ALA A 100 -21.91 6.15 -11.80
CA ALA A 100 -22.27 5.03 -12.68
C ALA A 100 -22.06 3.69 -11.95
N LYS A 101 -22.96 2.72 -12.19
CA LYS A 101 -22.96 1.39 -11.53
C LYS A 101 -23.64 0.31 -12.37
N LEU A 102 -23.14 -0.93 -12.26
CA LEU A 102 -23.73 -2.16 -12.77
C LEU A 102 -23.41 -3.30 -11.78
N GLU A 103 -24.42 -4.02 -11.30
CA GLU A 103 -24.25 -5.05 -10.26
C GLU A 103 -23.53 -6.31 -10.78
N ALA A 104 -23.98 -6.85 -11.92
CA ALA A 104 -23.42 -8.04 -12.58
C ALA A 104 -23.92 -8.16 -14.04
N LEU A 105 -23.22 -8.93 -14.86
CA LEU A 105 -23.68 -9.36 -16.19
C LEU A 105 -24.76 -10.46 -16.06
N LYS A 106 -25.63 -10.60 -17.07
CA LYS A 106 -26.72 -11.60 -17.06
C LYS A 106 -26.20 -13.05 -17.09
N ASP A 107 -26.94 -13.94 -16.42
CA ASP A 107 -26.77 -15.40 -16.48
C ASP A 107 -27.65 -16.07 -17.56
N LEU A 108 -28.69 -15.38 -18.05
CA LEU A 108 -29.59 -15.84 -19.12
C LEU A 108 -28.90 -15.86 -20.49
N ALA A 109 -29.27 -16.82 -21.34
CA ALA A 109 -28.82 -16.87 -22.73
C ALA A 109 -29.38 -15.71 -23.56
N SER A 110 -28.64 -15.28 -24.59
CA SER A 110 -29.03 -14.19 -25.50
C SER A 110 -30.10 -14.61 -26.53
N LEU A 111 -30.39 -15.91 -26.65
CA LEU A 111 -31.46 -16.46 -27.49
C LEU A 111 -32.86 -16.18 -26.91
N SER A 112 -33.84 -15.97 -27.80
CA SER A 112 -35.25 -15.73 -27.42
C SER A 112 -35.93 -16.95 -26.74
N ARG A 113 -35.39 -18.16 -26.96
CA ARG A 113 -35.90 -19.44 -26.42
C ARG A 113 -35.83 -19.56 -24.89
N ASP A 114 -34.85 -18.91 -24.25
CA ASP A 114 -34.64 -18.94 -22.79
C ASP A 114 -35.57 -17.97 -22.01
N GLY A 1 -24.99 -9.71 13.05
CA GLY A 1 -24.68 -9.23 11.69
C GLY A 1 -23.84 -10.22 10.91
N MET A 2 -23.81 -10.10 9.58
CA MET A 2 -23.00 -10.94 8.69
C MET A 2 -21.49 -10.68 8.81
N PRO A 3 -20.61 -11.65 8.47
CA PRO A 3 -19.15 -11.46 8.44
C PRO A 3 -18.67 -10.36 7.46
N PRO A 4 -17.43 -9.84 7.62
CA PRO A 4 -16.84 -8.88 6.69
C PRO A 4 -16.74 -9.40 5.24
N PRO A 5 -16.78 -8.50 4.22
CA PRO A 5 -16.69 -8.88 2.81
C PRO A 5 -15.31 -9.41 2.43
N ALA A 6 -15.25 -10.29 1.42
CA ALA A 6 -14.04 -10.95 0.92
C ALA A 6 -13.14 -10.05 0.04
N ASP A 7 -13.04 -8.75 0.37
CA ASP A 7 -12.30 -7.72 -0.38
C ASP A 7 -10.78 -7.77 -0.15
N ILE A 8 -10.18 -8.96 -0.19
CA ILE A 8 -8.79 -9.23 0.21
C ILE A 8 -8.06 -9.99 -0.90
N VAL A 9 -6.82 -9.58 -1.21
CA VAL A 9 -5.97 -10.13 -2.29
C VAL A 9 -4.54 -10.38 -1.81
N LYS A 10 -3.98 -11.56 -2.12
CA LYS A 10 -2.58 -11.90 -1.84
C LYS A 10 -1.63 -11.20 -2.82
N VAL A 11 -0.47 -10.75 -2.34
CA VAL A 11 0.57 -10.05 -3.10
C VAL A 11 1.97 -10.48 -2.68
N ALA A 12 2.96 -10.30 -3.56
CA ALA A 12 4.38 -10.50 -3.28
C ALA A 12 5.14 -9.17 -3.43
N ILE A 13 5.86 -8.74 -2.39
CA ILE A 13 6.48 -7.41 -2.30
C ILE A 13 7.99 -7.50 -2.35
N GLU A 14 8.61 -6.81 -3.30
CA GLU A 14 10.07 -6.67 -3.44
C GLU A 14 10.66 -5.62 -2.48
N TRP A 15 11.87 -5.89 -1.98
CA TRP A 15 12.72 -4.95 -1.22
C TRP A 15 14.21 -5.33 -1.36
N PRO A 16 15.17 -4.38 -1.44
CA PRO A 16 16.57 -4.71 -1.70
C PRO A 16 17.23 -5.55 -0.59
N GLY A 17 18.10 -6.49 -0.99
CA GLY A 17 18.83 -7.36 -0.07
C GLY A 17 17.98 -8.43 0.65
N ALA A 18 16.74 -8.65 0.22
CA ALA A 18 15.78 -9.60 0.82
C ALA A 18 14.95 -10.35 -0.23
N TYR A 19 14.45 -11.53 0.14
CA TYR A 19 13.47 -12.29 -0.65
C TYR A 19 12.09 -11.60 -0.62
N PRO A 20 11.24 -11.75 -1.66
CA PRO A 20 9.92 -11.10 -1.71
C PRO A 20 9.01 -11.51 -0.53
N LYS A 21 8.41 -10.51 0.14
CA LYS A 21 7.45 -10.70 1.24
C LYS A 21 6.07 -11.03 0.69
N LEU A 22 5.54 -12.21 1.01
CA LEU A 22 4.14 -12.56 0.77
C LEU A 22 3.27 -11.95 1.88
N MET A 23 2.19 -11.26 1.50
CA MET A 23 1.16 -10.77 2.42
C MET A 23 -0.19 -10.60 1.71
N GLU A 24 -1.22 -10.17 2.44
CA GLU A 24 -2.56 -9.93 1.90
C GLU A 24 -3.02 -8.49 2.12
N ILE A 25 -3.41 -7.82 1.04
CA ILE A 25 -3.96 -6.46 1.01
C ILE A 25 -5.47 -6.54 1.16
N ASP A 26 -5.98 -5.96 2.26
CA ASP A 26 -7.40 -5.76 2.52
C ASP A 26 -7.85 -4.39 1.96
N GLN A 27 -8.70 -4.40 0.94
CA GLN A 27 -9.13 -3.18 0.25
C GLN A 27 -10.04 -2.27 1.10
N LYS A 28 -10.55 -2.74 2.25
CA LYS A 28 -11.26 -1.92 3.26
C LYS A 28 -10.32 -1.30 4.32
N LYS A 29 -9.07 -1.77 4.47
CA LYS A 29 -8.06 -1.16 5.35
C LYS A 29 -7.41 0.08 4.72
N PRO A 30 -6.99 1.08 5.50
CA PRO A 30 -6.17 2.19 5.02
C PRO A 30 -4.79 1.69 4.56
N LEU A 31 -4.24 2.33 3.53
CA LEU A 31 -2.92 2.00 3.01
C LEU A 31 -1.81 2.25 4.05
N SER A 32 -1.97 3.20 4.99
CA SER A 32 -1.05 3.37 6.12
C SER A 32 -0.95 2.10 6.99
N ALA A 33 -2.08 1.47 7.35
CA ALA A 33 -2.08 0.21 8.11
C ALA A 33 -1.39 -0.94 7.35
N ILE A 34 -1.65 -1.04 6.03
CA ILE A 34 -1.02 -2.04 5.17
C ILE A 34 0.50 -1.78 5.05
N ILE A 35 0.93 -0.55 4.78
CA ILE A 35 2.35 -0.18 4.66
C ILE A 35 3.09 -0.42 5.98
N LYS A 36 2.45 -0.19 7.14
CA LYS A 36 3.00 -0.57 8.46
C LYS A 36 3.25 -2.08 8.56
N GLU A 37 2.30 -2.91 8.09
CA GLU A 37 2.45 -4.36 8.01
C GLU A 37 3.52 -4.80 6.99
N VAL A 38 3.80 -4.02 5.94
CA VAL A 38 4.97 -4.27 5.06
C VAL A 38 6.26 -3.98 5.81
N CYS A 39 6.43 -2.77 6.34
CA CYS A 39 7.68 -2.31 6.97
C CYS A 39 8.08 -3.15 8.19
N ASP A 40 7.11 -3.55 9.03
CA ASP A 40 7.34 -4.44 10.18
C ASP A 40 7.88 -5.83 9.77
N GLY A 41 7.56 -6.30 8.55
CA GLY A 41 8.09 -7.54 7.99
C GLY A 41 9.61 -7.54 7.74
N TRP A 42 10.21 -6.35 7.58
CA TRP A 42 11.66 -6.13 7.48
C TRP A 42 12.22 -5.28 8.65
N SER A 43 11.46 -5.13 9.74
CA SER A 43 11.80 -4.32 10.93
C SER A 43 12.13 -2.84 10.62
N LEU A 44 11.58 -2.31 9.53
CA LEU A 44 11.77 -0.92 9.09
C LEU A 44 11.00 0.07 9.98
N ALA A 45 11.70 1.05 10.54
CA ALA A 45 11.12 2.12 11.35
C ALA A 45 10.36 3.17 10.49
N ASN A 46 9.42 3.87 11.13
CA ASN A 46 8.65 5.00 10.58
C ASN A 46 8.05 4.71 9.18
N HIS A 47 7.02 3.84 9.15
CA HIS A 47 6.33 3.44 7.92
C HIS A 47 5.66 4.63 7.19
N GLU A 48 5.48 5.76 7.88
CA GLU A 48 5.06 7.07 7.33
C GLU A 48 5.93 7.52 6.14
N TYR A 49 7.21 7.12 6.10
CA TYR A 49 8.13 7.45 5.01
C TYR A 49 7.87 6.63 3.73
N PHE A 50 7.11 5.53 3.81
CA PHE A 50 6.98 4.53 2.75
C PHE A 50 5.67 4.60 1.95
N ALA A 51 5.73 3.98 0.77
CA ALA A 51 4.61 3.70 -0.12
C ALA A 51 4.82 2.33 -0.81
N LEU A 52 3.72 1.66 -1.14
CA LEU A 52 3.73 0.51 -2.04
C LEU A 52 3.79 1.00 -3.48
N GLN A 53 4.33 0.18 -4.38
CA GLN A 53 4.52 0.50 -5.79
C GLN A 53 4.37 -0.76 -6.66
N HIS A 54 3.88 -0.63 -7.88
CA HIS A 54 3.85 -1.73 -8.85
C HIS A 54 5.26 -2.09 -9.32
N ALA A 55 5.59 -3.40 -9.33
CA ALA A 55 6.94 -3.86 -9.66
C ALA A 55 7.29 -3.78 -11.17
N ASP A 56 6.29 -3.67 -12.05
CA ASP A 56 6.46 -3.50 -13.49
C ASP A 56 7.11 -2.14 -13.86
N SER A 57 7.57 -2.00 -15.10
CA SER A 57 8.29 -0.81 -15.61
C SER A 57 7.49 0.51 -15.54
N SER A 58 6.17 0.43 -15.36
CA SER A 58 5.28 1.57 -15.08
C SER A 58 5.61 2.26 -13.75
N ASN A 59 6.08 1.51 -12.74
CA ASN A 59 6.50 1.99 -11.42
C ASN A 59 5.47 2.88 -10.69
N PHE A 60 4.16 2.65 -10.92
CA PHE A 60 3.09 3.43 -10.29
C PHE A 60 3.06 3.22 -8.76
N TYR A 61 3.07 4.31 -7.99
CA TYR A 61 2.82 4.26 -6.55
C TYR A 61 1.35 3.88 -6.27
N ILE A 62 1.09 3.08 -5.25
CA ILE A 62 -0.26 2.70 -4.80
C ILE A 62 -0.90 3.84 -4.00
N THR A 63 -2.14 4.18 -4.33
CA THR A 63 -2.94 5.26 -3.73
C THR A 63 -4.39 4.83 -3.53
N GLU A 64 -5.13 5.58 -2.72
CA GLU A 64 -6.57 5.40 -2.49
C GLU A 64 -7.44 5.62 -3.76
N LYS A 65 -6.83 6.09 -4.86
CA LYS A 65 -7.46 6.28 -6.18
C LYS A 65 -7.04 5.25 -7.23
N ASN A 66 -6.05 4.38 -6.97
CA ASN A 66 -5.59 3.33 -7.90
C ASN A 66 -5.39 1.92 -7.29
N ARG A 67 -5.53 1.75 -5.96
CA ARG A 67 -5.39 0.46 -5.27
C ARG A 67 -6.30 -0.67 -5.79
N ASN A 68 -7.43 -0.30 -6.43
CA ASN A 68 -8.36 -1.22 -7.07
C ASN A 68 -7.74 -2.01 -8.24
N GLU A 69 -6.63 -1.52 -8.83
CA GLU A 69 -5.90 -2.20 -9.89
C GLU A 69 -5.06 -3.40 -9.38
N ILE A 70 -4.85 -3.52 -8.07
CA ILE A 70 -4.21 -4.69 -7.44
C ILE A 70 -5.19 -5.88 -7.48
N LYS A 71 -4.69 -7.03 -7.94
CA LYS A 71 -5.38 -8.33 -7.97
C LYS A 71 -4.62 -9.42 -7.21
N ASN A 72 -5.25 -10.56 -6.98
CA ASN A 72 -4.60 -11.71 -6.33
C ASN A 72 -3.39 -12.20 -7.17
N GLY A 73 -2.21 -12.24 -6.55
CA GLY A 73 -0.94 -12.57 -7.20
C GLY A 73 -0.16 -11.38 -7.80
N THR A 74 -0.55 -10.13 -7.50
CA THR A 74 0.18 -8.93 -7.98
C THR A 74 1.59 -8.86 -7.36
N ILE A 75 2.61 -8.63 -8.18
CA ILE A 75 3.97 -8.32 -7.70
C ILE A 75 4.09 -6.80 -7.47
N LEU A 76 4.42 -6.42 -6.24
CA LEU A 76 4.61 -5.04 -5.78
C LEU A 76 6.05 -4.84 -5.28
N ARG A 77 6.37 -3.62 -4.85
CA ARG A 77 7.67 -3.18 -4.35
C ARG A 77 7.48 -2.16 -3.23
N LEU A 78 8.24 -2.29 -2.14
CA LEU A 78 8.32 -1.27 -1.10
C LEU A 78 9.32 -0.18 -1.51
N THR A 79 8.98 1.08 -1.27
CA THR A 79 9.80 2.24 -1.63
C THR A 79 9.48 3.43 -0.71
N THR A 80 10.44 4.33 -0.48
CA THR A 80 10.14 5.60 0.22
C THR A 80 9.29 6.50 -0.69
N SER A 81 8.22 7.04 -0.10
CA SER A 81 7.21 7.87 -0.74
C SER A 81 7.78 9.20 -1.30
N PRO A 82 7.16 9.80 -2.34
CA PRO A 82 7.48 11.15 -2.78
C PRO A 82 6.97 12.24 -1.80
N ALA A 83 6.05 11.90 -0.89
CA ALA A 83 5.43 12.83 0.08
C ALA A 83 5.77 12.52 1.56
N GLN A 84 5.99 11.25 1.91
CA GLN A 84 6.47 10.78 3.23
C GLN A 84 5.60 11.27 4.40
N ASN A 85 6.18 11.50 5.58
CA ASN A 85 5.46 11.91 6.80
C ASN A 85 4.77 13.29 6.69
N ALA A 86 5.08 14.09 5.67
CA ALA A 86 4.38 15.33 5.37
C ALA A 86 3.02 15.13 4.66
N GLN A 87 2.69 13.91 4.21
CA GLN A 87 1.44 13.57 3.54
C GLN A 87 0.22 13.77 4.47
N GLN A 88 -0.71 14.63 4.07
CA GLN A 88 -1.89 14.99 4.88
C GLN A 88 -3.05 13.98 4.77
N LEU A 89 -3.27 13.47 3.56
CA LEU A 89 -4.42 12.63 3.20
C LEU A 89 -4.06 11.13 3.13
N HIS A 90 -4.92 10.29 3.72
CA HIS A 90 -4.75 8.83 3.85
C HIS A 90 -6.08 8.09 3.56
N GLU A 91 -6.97 8.74 2.82
CA GLU A 91 -8.32 8.31 2.42
C GLU A 91 -8.73 8.99 1.10
N ARG A 92 -9.66 8.41 0.34
CA ARG A 92 -10.20 9.02 -0.88
C ARG A 92 -11.20 10.13 -0.53
N ILE A 93 -10.75 11.39 -0.54
CA ILE A 93 -11.60 12.57 -0.33
C ILE A 93 -12.52 12.78 -1.55
N GLN A 94 -13.80 12.46 -1.38
CA GLN A 94 -14.87 12.56 -2.38
C GLN A 94 -16.26 12.57 -1.72
N SER A 95 -17.28 13.00 -2.46
CA SER A 95 -18.70 12.86 -2.06
C SER A 95 -19.17 11.40 -2.22
N SER A 96 -18.77 10.75 -3.32
CA SER A 96 -18.94 9.30 -3.56
C SER A 96 -17.91 8.47 -2.77
N SER A 97 -18.11 7.15 -2.68
CA SER A 97 -17.13 6.20 -2.13
C SER A 97 -15.84 6.11 -2.99
N MET A 98 -15.96 6.33 -4.31
CA MET A 98 -14.85 6.37 -5.27
C MET A 98 -15.25 7.11 -6.56
N ASP A 99 -14.27 7.62 -7.31
CA ASP A 99 -14.46 8.39 -8.56
C ASP A 99 -13.56 7.95 -9.73
N ALA A 100 -12.66 6.99 -9.51
CA ALA A 100 -11.68 6.53 -10.50
C ALA A 100 -12.32 5.78 -11.68
N LYS A 101 -11.96 6.17 -12.91
CA LYS A 101 -12.45 5.63 -14.20
C LYS A 101 -11.52 6.05 -15.36
N LEU A 102 -11.65 5.40 -16.51
CA LEU A 102 -10.77 5.57 -17.68
C LEU A 102 -10.96 6.89 -18.44
N GLU A 103 -12.14 7.51 -18.34
CA GLU A 103 -12.45 8.82 -18.96
C GLU A 103 -11.89 10.01 -18.17
N ALA A 104 -11.71 11.15 -18.83
CA ALA A 104 -11.18 12.37 -18.23
C ALA A 104 -12.13 12.94 -17.14
N LEU A 105 -11.55 13.30 -15.99
CA LEU A 105 -12.28 13.86 -14.83
C LEU A 105 -12.40 15.40 -14.90
N LYS A 106 -13.37 15.95 -14.16
CA LYS A 106 -13.64 17.40 -14.03
C LYS A 106 -14.19 17.74 -12.64
N ASP A 107 -13.83 18.91 -12.12
CA ASP A 107 -14.29 19.40 -10.80
C ASP A 107 -15.80 19.76 -10.80
N LEU A 108 -16.40 19.77 -9.61
CA LEU A 108 -17.82 20.08 -9.39
C LEU A 108 -18.11 21.58 -9.60
N ALA A 109 -19.28 21.90 -10.17
CA ALA A 109 -19.74 23.28 -10.41
C ALA A 109 -20.18 24.02 -9.12
N SER A 110 -20.51 23.29 -8.06
CA SER A 110 -20.90 23.80 -6.73
C SER A 110 -20.63 22.76 -5.64
N LEU A 111 -20.65 23.19 -4.36
CA LEU A 111 -20.39 22.36 -3.18
C LEU A 111 -21.48 22.55 -2.10
N SER A 112 -21.67 21.53 -1.27
CA SER A 112 -22.68 21.48 -0.19
C SER A 112 -22.35 22.35 1.04
N ARG A 113 -21.18 23.00 1.08
CA ARG A 113 -20.67 23.82 2.19
C ARG A 113 -19.89 25.03 1.66
N ASP A 114 -20.01 26.17 2.35
CA ASP A 114 -19.32 27.43 2.07
C ASP A 114 -17.80 27.39 2.39
N GLY A 1 -14.16 -26.24 6.82
CA GLY A 1 -14.12 -25.79 5.41
C GLY A 1 -13.47 -24.41 5.29
N MET A 2 -13.00 -24.06 4.07
CA MET A 2 -12.38 -22.77 3.77
C MET A 2 -13.39 -21.59 3.88
N PRO A 3 -13.00 -20.41 4.41
CA PRO A 3 -13.86 -19.22 4.45
C PRO A 3 -14.36 -18.74 3.06
N PRO A 4 -15.51 -18.05 2.99
CA PRO A 4 -16.04 -17.49 1.75
C PRO A 4 -15.15 -16.35 1.18
N PRO A 5 -15.25 -16.05 -0.13
CA PRO A 5 -14.48 -14.98 -0.78
C PRO A 5 -14.86 -13.58 -0.27
N ALA A 6 -13.93 -12.62 -0.42
CA ALA A 6 -14.03 -11.23 0.03
C ALA A 6 -13.22 -10.28 -0.86
N ASP A 7 -13.32 -8.97 -0.62
CA ASP A 7 -12.56 -7.91 -1.32
C ASP A 7 -11.08 -7.83 -0.87
N ILE A 8 -10.38 -8.96 -0.97
CA ILE A 8 -9.01 -9.17 -0.48
C ILE A 8 -8.17 -9.85 -1.58
N VAL A 9 -6.93 -9.39 -1.76
CA VAL A 9 -5.99 -9.88 -2.78
C VAL A 9 -4.60 -10.15 -2.20
N LYS A 10 -4.03 -11.32 -2.49
CA LYS A 10 -2.64 -11.66 -2.14
C LYS A 10 -1.65 -10.90 -3.04
N VAL A 11 -0.53 -10.48 -2.48
CA VAL A 11 0.56 -9.76 -3.17
C VAL A 11 1.93 -10.26 -2.71
N ALA A 12 2.92 -10.19 -3.59
CA ALA A 12 4.33 -10.49 -3.28
C ALA A 12 5.17 -9.21 -3.34
N ILE A 13 5.63 -8.73 -2.19
CA ILE A 13 6.32 -7.44 -2.06
C ILE A 13 7.83 -7.66 -2.00
N GLU A 14 8.56 -7.01 -2.90
CA GLU A 14 10.03 -7.05 -2.99
C GLU A 14 10.71 -5.91 -2.21
N TRP A 15 11.91 -6.18 -1.70
CA TRP A 15 12.80 -5.22 -1.03
C TRP A 15 14.28 -5.66 -1.18
N PRO A 16 15.25 -4.74 -1.35
CA PRO A 16 16.65 -5.11 -1.60
C PRO A 16 17.27 -5.94 -0.46
N GLY A 17 18.06 -6.96 -0.82
CA GLY A 17 18.75 -7.85 0.12
C GLY A 17 17.84 -8.84 0.86
N ALA A 18 16.58 -9.01 0.44
CA ALA A 18 15.58 -9.88 1.07
C ALA A 18 14.74 -10.67 0.06
N TYR A 19 14.17 -11.80 0.49
CA TYR A 19 13.16 -12.57 -0.24
C TYR A 19 11.81 -11.83 -0.27
N PRO A 20 10.92 -12.08 -1.26
CA PRO A 20 9.65 -11.40 -1.36
C PRO A 20 8.70 -11.75 -0.20
N LYS A 21 8.14 -10.71 0.44
CA LYS A 21 7.13 -10.82 1.50
C LYS A 21 5.76 -11.05 0.87
N LEU A 22 5.26 -12.28 0.97
CA LEU A 22 3.87 -12.61 0.64
C LEU A 22 2.94 -12.11 1.74
N MET A 23 1.91 -11.34 1.38
CA MET A 23 0.86 -10.87 2.30
C MET A 23 -0.46 -10.60 1.55
N GLU A 24 -1.51 -10.20 2.27
CA GLU A 24 -2.83 -9.89 1.69
C GLU A 24 -3.22 -8.42 1.92
N ILE A 25 -3.61 -7.75 0.84
CA ILE A 25 -4.21 -6.41 0.85
C ILE A 25 -5.74 -6.56 0.92
N ASP A 26 -6.32 -6.22 2.06
CA ASP A 26 -7.76 -6.07 2.23
C ASP A 26 -8.16 -4.65 1.77
N GLN A 27 -9.01 -4.54 0.76
CA GLN A 27 -9.41 -3.25 0.19
C GLN A 27 -10.23 -2.36 1.17
N LYS A 28 -10.69 -2.90 2.30
CA LYS A 28 -11.32 -2.16 3.40
C LYS A 28 -10.31 -1.60 4.43
N LYS A 29 -9.11 -2.18 4.56
CA LYS A 29 -8.04 -1.68 5.45
C LYS A 29 -7.31 -0.48 4.83
N PRO A 30 -6.93 0.55 5.61
CA PRO A 30 -6.18 1.70 5.11
C PRO A 30 -4.76 1.32 4.70
N LEU A 31 -4.24 1.94 3.65
CA LEU A 31 -2.87 1.70 3.17
C LEU A 31 -1.81 2.06 4.21
N SER A 32 -2.04 3.05 5.08
CA SER A 32 -1.11 3.37 6.19
C SER A 32 -0.91 2.17 7.14
N ALA A 33 -2.00 1.51 7.55
CA ALA A 33 -1.92 0.32 8.40
C ALA A 33 -1.26 -0.87 7.66
N ILE A 34 -1.57 -1.05 6.38
CA ILE A 34 -0.96 -2.09 5.53
C ILE A 34 0.56 -1.84 5.38
N ILE A 35 0.98 -0.62 5.05
CA ILE A 35 2.40 -0.25 4.89
C ILE A 35 3.17 -0.40 6.20
N LYS A 36 2.54 -0.09 7.34
CA LYS A 36 3.10 -0.39 8.68
C LYS A 36 3.33 -1.88 8.90
N GLU A 37 2.43 -2.74 8.42
CA GLU A 37 2.57 -4.20 8.42
C GLU A 37 3.58 -4.73 7.38
N VAL A 38 3.86 -4.00 6.28
CA VAL A 38 4.96 -4.32 5.36
C VAL A 38 6.32 -4.06 6.03
N CYS A 39 6.58 -2.81 6.43
CA CYS A 39 7.90 -2.36 6.89
C CYS A 39 8.34 -3.06 8.19
N ASP A 40 7.41 -3.38 9.10
CA ASP A 40 7.68 -4.17 10.30
C ASP A 40 8.21 -5.58 9.98
N GLY A 41 7.82 -6.16 8.84
CA GLY A 41 8.33 -7.46 8.35
C GLY A 41 9.83 -7.46 8.04
N TRP A 42 10.42 -6.29 7.77
CA TRP A 42 11.85 -6.06 7.59
C TRP A 42 12.47 -5.15 8.67
N SER A 43 11.72 -4.87 9.74
CA SER A 43 12.10 -3.96 10.85
C SER A 43 12.48 -2.53 10.40
N LEU A 44 11.89 -2.06 9.29
CA LEU A 44 12.10 -0.73 8.73
C LEU A 44 11.28 0.33 9.49
N ALA A 45 11.93 1.43 9.88
CA ALA A 45 11.34 2.51 10.67
C ALA A 45 10.50 3.51 9.83
N ASN A 46 9.68 4.31 10.53
CA ASN A 46 8.93 5.46 9.99
C ASN A 46 8.06 5.11 8.75
N HIS A 47 7.00 4.31 8.94
CA HIS A 47 6.14 3.83 7.86
C HIS A 47 5.43 4.96 7.09
N GLU A 48 5.29 6.14 7.73
CA GLU A 48 4.80 7.38 7.12
C GLU A 48 5.59 7.79 5.85
N TYR A 49 6.89 7.45 5.80
CA TYR A 49 7.75 7.76 4.65
C TYR A 49 7.53 6.82 3.47
N PHE A 50 6.96 5.64 3.70
CA PHE A 50 6.86 4.55 2.74
C PHE A 50 5.55 4.52 1.95
N ALA A 51 5.62 3.85 0.80
CA ALA A 51 4.54 3.55 -0.13
C ALA A 51 4.82 2.19 -0.80
N LEU A 52 3.76 1.52 -1.25
CA LEU A 52 3.87 0.37 -2.15
C LEU A 52 3.90 0.86 -3.59
N GLN A 53 4.50 0.09 -4.49
CA GLN A 53 4.61 0.41 -5.92
C GLN A 53 4.52 -0.87 -6.76
N HIS A 54 3.93 -0.80 -7.95
CA HIS A 54 3.88 -1.92 -8.89
C HIS A 54 5.28 -2.31 -9.37
N ALA A 55 5.61 -3.61 -9.34
CA ALA A 55 6.88 -4.15 -9.83
C ALA A 55 6.74 -4.94 -11.15
N ASP A 56 5.58 -5.56 -11.38
CA ASP A 56 5.31 -6.37 -12.59
C ASP A 56 5.23 -5.53 -13.88
N SER A 57 4.64 -4.33 -13.81
CA SER A 57 4.45 -3.42 -14.95
C SER A 57 4.21 -1.96 -14.53
N SER A 58 4.59 -1.00 -15.38
CA SER A 58 4.29 0.45 -15.34
C SER A 58 4.74 1.28 -14.12
N ASN A 59 5.06 0.65 -12.98
CA ASN A 59 5.64 1.27 -11.78
C ASN A 59 4.80 2.43 -11.18
N PHE A 60 3.47 2.33 -11.24
CA PHE A 60 2.59 3.24 -10.50
C PHE A 60 2.71 3.02 -8.98
N TYR A 61 2.77 4.11 -8.21
CA TYR A 61 2.68 4.05 -6.75
C TYR A 61 1.24 3.72 -6.32
N ILE A 62 1.09 2.96 -5.23
CA ILE A 62 -0.21 2.59 -4.67
C ILE A 62 -0.75 3.71 -3.77
N THR A 63 -2.04 4.01 -3.94
CA THR A 63 -2.79 5.07 -3.25
C THR A 63 -4.23 4.61 -3.03
N GLU A 64 -5.01 5.32 -2.22
CA GLU A 64 -6.44 5.01 -2.03
C GLU A 64 -7.28 5.14 -3.32
N LYS A 65 -6.75 5.82 -4.35
CA LYS A 65 -7.29 5.90 -5.72
C LYS A 65 -6.81 4.77 -6.64
N ASN A 66 -5.56 4.31 -6.50
CA ASN A 66 -4.92 3.34 -7.40
C ASN A 66 -5.06 1.87 -6.95
N ARG A 67 -5.25 1.60 -5.65
CA ARG A 67 -5.22 0.26 -5.04
C ARG A 67 -6.23 -0.75 -5.61
N ASN A 68 -7.33 -0.28 -6.19
CA ASN A 68 -8.32 -1.12 -6.88
C ASN A 68 -7.80 -1.77 -8.18
N GLU A 69 -6.67 -1.32 -8.73
CA GLU A 69 -6.01 -1.93 -9.88
C GLU A 69 -5.18 -3.18 -9.51
N ILE A 70 -4.86 -3.38 -8.22
CA ILE A 70 -4.15 -4.56 -7.70
C ILE A 70 -5.04 -5.80 -7.85
N LYS A 71 -4.42 -6.92 -8.23
CA LYS A 71 -5.07 -8.23 -8.44
C LYS A 71 -4.39 -9.34 -7.65
N ASN A 72 -5.07 -10.47 -7.43
CA ASN A 72 -4.52 -11.60 -6.69
C ASN A 72 -3.26 -12.17 -7.38
N GLY A 73 -2.12 -12.14 -6.66
CA GLY A 73 -0.80 -12.52 -7.17
C GLY A 73 0.05 -11.37 -7.74
N THR A 74 -0.35 -10.10 -7.57
CA THR A 74 0.42 -8.93 -8.05
C THR A 74 1.79 -8.84 -7.36
N ILE A 75 2.86 -8.63 -8.15
CA ILE A 75 4.21 -8.35 -7.64
C ILE A 75 4.36 -6.84 -7.40
N LEU A 76 4.74 -6.47 -6.19
CA LEU A 76 4.93 -5.09 -5.72
C LEU A 76 6.37 -4.88 -5.20
N ARG A 77 6.72 -3.63 -4.90
CA ARG A 77 7.94 -3.22 -4.18
C ARG A 77 7.59 -2.24 -3.05
N LEU A 78 8.30 -2.34 -1.93
CA LEU A 78 8.29 -1.33 -0.88
C LEU A 78 9.29 -0.22 -1.27
N THR A 79 8.90 1.05 -1.09
CA THR A 79 9.71 2.21 -1.53
C THR A 79 9.33 3.47 -0.73
N THR A 80 10.25 4.42 -0.55
CA THR A 80 9.89 5.73 0.04
C THR A 80 9.09 6.57 -0.95
N SER A 81 8.03 7.23 -0.47
CA SER A 81 7.05 7.96 -1.26
C SER A 81 7.66 9.17 -2.00
N PRO A 82 7.17 9.51 -3.21
CA PRO A 82 7.56 10.75 -3.92
C PRO A 82 7.15 12.03 -3.18
N ALA A 83 6.29 11.94 -2.14
CA ALA A 83 5.94 13.06 -1.26
C ALA A 83 7.07 13.49 -0.30
N GLN A 84 8.14 12.70 -0.15
CA GLN A 84 9.30 13.04 0.71
C GLN A 84 10.06 14.28 0.20
N ASN A 85 10.67 15.02 1.14
CA ASN A 85 11.32 16.31 0.88
C ASN A 85 12.63 16.19 0.04
N ALA A 86 13.02 17.30 -0.62
CA ALA A 86 14.24 17.44 -1.41
C ALA A 86 14.82 18.87 -1.33
N GLN A 87 16.12 19.01 -1.61
CA GLN A 87 16.84 20.30 -1.52
C GLN A 87 16.45 21.33 -2.60
N GLN A 88 16.74 22.60 -2.33
CA GLN A 88 16.66 23.70 -3.32
C GLN A 88 17.86 23.66 -4.30
N LEU A 89 17.71 24.31 -5.46
CA LEU A 89 18.77 24.49 -6.45
C LEU A 89 19.79 25.57 -6.02
N HIS A 90 21.06 25.39 -6.42
CA HIS A 90 22.18 26.31 -6.13
C HIS A 90 22.36 27.46 -7.16
N GLU A 91 21.42 27.61 -8.10
CA GLU A 91 21.48 28.60 -9.20
C GLU A 91 21.36 30.07 -8.75
N ARG A 92 21.82 30.99 -9.59
CA ARG A 92 21.81 32.44 -9.39
C ARG A 92 21.54 33.19 -10.71
N ILE A 93 20.77 34.28 -10.67
CA ILE A 93 20.61 35.20 -11.80
C ILE A 93 21.91 35.99 -11.99
N GLN A 94 22.64 35.72 -13.08
CA GLN A 94 23.94 36.34 -13.37
C GLN A 94 23.83 37.73 -14.04
N SER A 95 22.70 38.00 -14.70
CA SER A 95 22.39 39.28 -15.36
C SER A 95 21.85 40.35 -14.39
N SER A 96 21.51 41.54 -14.90
CA SER A 96 20.82 42.61 -14.17
C SER A 96 19.41 42.19 -13.69
N SER A 97 18.89 42.88 -12.67
CA SER A 97 17.55 42.65 -12.11
C SER A 97 16.41 43.14 -13.02
N MET A 98 16.71 43.95 -14.05
CA MET A 98 15.73 44.42 -15.05
C MET A 98 15.21 43.28 -15.96
N ASP A 99 14.05 43.51 -16.59
CA ASP A 99 13.43 42.59 -17.57
C ASP A 99 12.68 43.36 -18.69
N ALA A 100 12.09 42.62 -19.64
CA ALA A 100 11.46 43.16 -20.85
C ALA A 100 10.09 43.85 -20.64
N LYS A 101 9.53 43.84 -19.42
CA LYS A 101 8.20 44.42 -19.11
C LYS A 101 8.20 45.95 -19.24
N LEU A 102 7.07 46.50 -19.70
CA LEU A 102 6.86 47.95 -19.87
C LEU A 102 6.79 48.69 -18.53
N GLU A 103 7.12 49.99 -18.54
CA GLU A 103 7.10 50.89 -17.37
C GLU A 103 5.68 51.38 -17.00
N ALA A 104 4.72 50.44 -16.91
CA ALA A 104 3.33 50.71 -16.52
C ALA A 104 3.21 51.15 -15.04
N LEU A 105 2.23 52.00 -14.74
CA LEU A 105 1.96 52.60 -13.42
C LEU A 105 0.46 52.61 -13.10
N LYS A 106 0.12 52.62 -11.80
CA LYS A 106 -1.26 52.66 -11.27
C LYS A 106 -1.28 53.32 -9.87
N ASP A 107 -2.33 54.08 -9.59
CA ASP A 107 -2.59 54.64 -8.25
C ASP A 107 -3.35 53.63 -7.37
N LEU A 108 -2.64 53.04 -6.39
CA LEU A 108 -3.20 52.03 -5.47
C LEU A 108 -3.95 52.64 -4.27
N ALA A 109 -3.86 53.97 -4.05
CA ALA A 109 -4.53 54.66 -2.94
C ALA A 109 -6.07 54.61 -3.05
N SER A 110 -6.75 54.36 -1.93
CA SER A 110 -8.21 54.25 -1.85
C SER A 110 -8.93 55.61 -1.76
N LEU A 111 -8.26 56.65 -1.27
CA LEU A 111 -8.82 58.00 -1.10
C LEU A 111 -9.03 58.74 -2.44
N SER A 112 -9.99 59.67 -2.45
CA SER A 112 -10.38 60.48 -3.62
C SER A 112 -10.62 61.97 -3.32
N ARG A 113 -10.40 62.40 -2.07
CA ARG A 113 -10.57 63.79 -1.59
C ARG A 113 -9.53 64.78 -2.15
N ASP A 114 -9.84 66.08 -2.05
CA ASP A 114 -8.92 67.20 -2.32
C ASP A 114 -7.83 67.34 -1.23
N GLY A 1 -28.41 -13.96 4.97
CA GLY A 1 -28.06 -14.85 3.85
C GLY A 1 -26.57 -15.18 3.83
N MET A 2 -26.05 -15.56 2.66
CA MET A 2 -24.62 -15.86 2.46
C MET A 2 -23.71 -14.61 2.59
N PRO A 3 -22.40 -14.77 2.86
CA PRO A 3 -21.46 -13.65 2.96
C PRO A 3 -21.31 -12.82 1.65
N PRO A 4 -20.89 -11.55 1.73
CA PRO A 4 -20.60 -10.72 0.55
C PRO A 4 -19.47 -11.27 -0.36
N PRO A 5 -19.35 -10.78 -1.61
CA PRO A 5 -18.24 -11.11 -2.51
C PRO A 5 -16.85 -10.77 -1.94
N ALA A 6 -15.81 -11.45 -2.43
CA ALA A 6 -14.43 -11.29 -1.97
C ALA A 6 -13.86 -9.87 -2.22
N ASP A 7 -13.06 -9.39 -1.27
CA ASP A 7 -12.49 -8.02 -1.22
C ASP A 7 -11.04 -7.99 -0.67
N ILE A 8 -10.36 -9.14 -0.69
CA ILE A 8 -8.97 -9.32 -0.26
C ILE A 8 -8.16 -9.98 -1.39
N VAL A 9 -6.92 -9.50 -1.63
CA VAL A 9 -6.03 -9.98 -2.69
C VAL A 9 -4.62 -10.29 -2.17
N LYS A 10 -4.06 -11.44 -2.56
CA LYS A 10 -2.65 -11.80 -2.29
C LYS A 10 -1.68 -10.99 -3.14
N VAL A 11 -0.55 -10.61 -2.56
CA VAL A 11 0.53 -9.83 -3.21
C VAL A 11 1.91 -10.31 -2.78
N ALA A 12 2.92 -10.13 -3.64
CA ALA A 12 4.32 -10.39 -3.36
C ALA A 12 5.12 -9.08 -3.41
N ILE A 13 5.71 -8.65 -2.28
CA ILE A 13 6.33 -7.33 -2.13
C ILE A 13 7.86 -7.45 -2.09
N GLU A 14 8.52 -6.79 -3.03
CA GLU A 14 9.99 -6.72 -3.13
C GLU A 14 10.59 -5.65 -2.19
N TRP A 15 11.82 -5.91 -1.73
CA TRP A 15 12.67 -4.96 -1.00
C TRP A 15 14.17 -5.31 -1.23
N PRO A 16 15.10 -4.34 -1.35
CA PRO A 16 16.49 -4.62 -1.72
C PRO A 16 17.22 -5.50 -0.71
N GLY A 17 17.98 -6.49 -1.22
CA GLY A 17 18.73 -7.45 -0.40
C GLY A 17 17.87 -8.48 0.36
N ALA A 18 16.58 -8.61 0.03
CA ALA A 18 15.63 -9.50 0.70
C ALA A 18 14.73 -10.26 -0.30
N TYR A 19 14.24 -11.43 0.13
CA TYR A 19 13.24 -12.23 -0.61
C TYR A 19 11.86 -11.52 -0.63
N PRO A 20 11.00 -11.79 -1.64
CA PRO A 20 9.68 -11.15 -1.74
C PRO A 20 8.76 -11.59 -0.59
N LYS A 21 8.21 -10.61 0.13
CA LYS A 21 7.24 -10.80 1.21
C LYS A 21 5.85 -11.07 0.64
N LEU A 22 5.36 -12.30 0.81
CA LEU A 22 3.97 -12.66 0.51
C LEU A 22 3.05 -12.14 1.63
N MET A 23 2.01 -11.39 1.27
CA MET A 23 0.97 -10.93 2.20
C MET A 23 -0.38 -10.73 1.49
N GLU A 24 -1.39 -10.25 2.22
CA GLU A 24 -2.73 -9.94 1.68
C GLU A 24 -3.11 -8.47 1.90
N ILE A 25 -3.60 -7.83 0.84
CA ILE A 25 -4.20 -6.50 0.86
C ILE A 25 -5.73 -6.64 0.95
N ASP A 26 -6.29 -6.24 2.09
CA ASP A 26 -7.74 -6.07 2.26
C ASP A 26 -8.12 -4.69 1.70
N GLN A 27 -8.93 -4.67 0.63
CA GLN A 27 -9.29 -3.43 -0.07
C GLN A 27 -10.17 -2.47 0.77
N LYS A 28 -10.69 -2.92 1.92
CA LYS A 28 -11.40 -2.08 2.90
C LYS A 28 -10.49 -1.46 3.97
N LYS A 29 -9.31 -2.03 4.25
CA LYS A 29 -8.34 -1.50 5.23
C LYS A 29 -7.38 -0.48 4.59
N PRO A 30 -6.96 0.58 5.31
CA PRO A 30 -6.18 1.69 4.74
C PRO A 30 -4.75 1.27 4.35
N LEU A 31 -4.23 1.87 3.28
CA LEU A 31 -2.85 1.64 2.82
C LEU A 31 -1.81 2.03 3.88
N SER A 32 -2.08 3.05 4.71
CA SER A 32 -1.19 3.42 5.83
C SER A 32 -1.00 2.28 6.84
N ALA A 33 -2.07 1.56 7.18
CA ALA A 33 -1.99 0.39 8.05
C ALA A 33 -1.28 -0.79 7.38
N ILE A 34 -1.54 -1.01 6.08
CA ILE A 34 -0.83 -2.04 5.29
C ILE A 34 0.67 -1.74 5.22
N ILE A 35 1.07 -0.52 4.90
CA ILE A 35 2.49 -0.12 4.80
C ILE A 35 3.22 -0.30 6.14
N LYS A 36 2.57 0.00 7.27
CA LYS A 36 3.09 -0.33 8.62
C LYS A 36 3.33 -1.83 8.78
N GLU A 37 2.37 -2.67 8.38
CA GLU A 37 2.44 -4.12 8.43
C GLU A 37 3.47 -4.71 7.45
N VAL A 38 3.77 -4.02 6.34
CA VAL A 38 4.90 -4.37 5.45
C VAL A 38 6.22 -4.11 6.17
N CYS A 39 6.46 -2.86 6.56
CA CYS A 39 7.73 -2.36 7.09
C CYS A 39 8.21 -3.12 8.34
N ASP A 40 7.28 -3.51 9.23
CA ASP A 40 7.58 -4.28 10.44
C ASP A 40 8.27 -5.63 10.16
N GLY A 41 8.03 -6.24 8.98
CA GLY A 41 8.65 -7.52 8.57
C GLY A 41 10.15 -7.41 8.27
N TRP A 42 10.61 -6.23 7.85
CA TRP A 42 12.03 -5.89 7.64
C TRP A 42 12.60 -4.97 8.74
N SER A 43 11.88 -4.82 9.87
CA SER A 43 12.22 -3.94 11.00
C SER A 43 12.43 -2.46 10.62
N LEU A 44 11.78 -2.01 9.54
CA LEU A 44 11.90 -0.64 9.02
C LEU A 44 11.09 0.35 9.88
N ALA A 45 11.81 1.26 10.54
CA ALA A 45 11.22 2.37 11.30
C ALA A 45 10.63 3.46 10.39
N ASN A 46 9.77 4.31 10.94
CA ASN A 46 9.15 5.45 10.29
C ASN A 46 8.43 5.08 8.97
N HIS A 47 7.47 4.14 9.05
CA HIS A 47 6.66 3.68 7.93
C HIS A 47 5.85 4.82 7.25
N GLU A 48 5.68 5.95 7.93
CA GLU A 48 5.06 7.18 7.39
C GLU A 48 5.76 7.69 6.13
N TYR A 49 7.07 7.43 5.98
CA TYR A 49 7.87 7.83 4.82
C TYR A 49 7.65 6.91 3.60
N PHE A 50 7.04 5.74 3.79
CA PHE A 50 6.96 4.69 2.78
C PHE A 50 5.68 4.71 1.95
N ALA A 51 5.77 4.09 0.78
CA ALA A 51 4.71 3.89 -0.20
C ALA A 51 4.91 2.54 -0.91
N LEU A 52 3.81 1.86 -1.25
CA LEU A 52 3.85 0.70 -2.13
C LEU A 52 3.94 1.17 -3.59
N GLN A 53 4.66 0.40 -4.40
CA GLN A 53 4.96 0.66 -5.80
C GLN A 53 4.72 -0.63 -6.61
N HIS A 54 4.28 -0.51 -7.85
CA HIS A 54 4.09 -1.66 -8.76
C HIS A 54 5.42 -2.23 -9.25
N ALA A 55 5.45 -3.54 -9.46
CA ALA A 55 6.54 -4.27 -10.13
C ALA A 55 6.02 -5.20 -11.26
N ASP A 56 4.79 -5.69 -11.16
CA ASP A 56 4.09 -6.40 -12.24
C ASP A 56 3.65 -5.43 -13.35
N SER A 57 2.95 -4.35 -12.98
CA SER A 57 2.61 -3.22 -13.88
C SER A 57 3.74 -2.18 -13.98
N SER A 58 3.50 -1.09 -14.73
CA SER A 58 4.37 0.10 -14.76
C SER A 58 4.42 0.80 -13.38
N ASN A 59 5.32 1.77 -13.20
CA ASN A 59 5.72 2.42 -11.94
C ASN A 59 4.65 3.34 -11.27
N PHE A 60 3.39 2.94 -11.26
CA PHE A 60 2.31 3.60 -10.52
C PHE A 60 2.41 3.32 -9.00
N TYR A 61 2.70 4.36 -8.21
CA TYR A 61 2.61 4.27 -6.75
C TYR A 61 1.17 3.97 -6.31
N ILE A 62 1.01 3.06 -5.35
CA ILE A 62 -0.30 2.61 -4.87
C ILE A 62 -0.94 3.69 -3.99
N THR A 63 -2.20 4.03 -4.27
CA THR A 63 -3.01 5.03 -3.55
C THR A 63 -4.46 4.56 -3.40
N GLU A 64 -5.22 5.18 -2.51
CA GLU A 64 -6.65 4.90 -2.33
C GLU A 64 -7.49 5.17 -3.61
N LYS A 65 -6.93 5.90 -4.59
CA LYS A 65 -7.53 6.18 -5.91
C LYS A 65 -7.21 5.14 -6.99
N ASN A 66 -6.21 4.25 -6.80
CA ASN A 66 -5.77 3.28 -7.83
C ASN A 66 -5.53 1.84 -7.33
N ARG A 67 -5.59 1.58 -6.02
CA ARG A 67 -5.41 0.24 -5.41
C ARG A 67 -6.36 -0.85 -5.93
N ASN A 68 -7.50 -0.45 -6.50
CA ASN A 68 -8.46 -1.35 -7.15
C ASN A 68 -7.87 -2.11 -8.36
N GLU A 69 -6.77 -1.61 -8.95
CA GLU A 69 -6.07 -2.26 -10.07
C GLU A 69 -5.22 -3.47 -9.61
N ILE A 70 -4.96 -3.63 -8.31
CA ILE A 70 -4.28 -4.80 -7.73
C ILE A 70 -5.19 -6.03 -7.79
N LYS A 71 -4.66 -7.15 -8.27
CA LYS A 71 -5.29 -8.48 -8.26
C LYS A 71 -4.51 -9.49 -7.40
N ASN A 72 -5.10 -10.66 -7.16
CA ASN A 72 -4.40 -11.79 -6.54
C ASN A 72 -3.16 -12.20 -7.37
N GLY A 73 -2.00 -12.29 -6.72
CA GLY A 73 -0.71 -12.60 -7.34
C GLY A 73 0.05 -11.37 -7.90
N THR A 74 -0.39 -10.15 -7.62
CA THR A 74 0.31 -8.91 -8.06
C THR A 74 1.69 -8.79 -7.41
N ILE A 75 2.73 -8.55 -8.20
CA ILE A 75 4.07 -8.22 -7.71
C ILE A 75 4.16 -6.70 -7.46
N LEU A 76 4.52 -6.33 -6.24
CA LEU A 76 4.73 -4.97 -5.75
C LEU A 76 6.15 -4.80 -5.21
N ARG A 77 6.50 -3.58 -4.78
CA ARG A 77 7.79 -3.19 -4.20
C ARG A 77 7.57 -2.15 -3.10
N LEU A 78 8.25 -2.29 -1.97
CA LEU A 78 8.32 -1.26 -0.94
C LEU A 78 9.37 -0.21 -1.31
N THR A 79 9.06 1.07 -1.10
CA THR A 79 9.96 2.20 -1.37
C THR A 79 9.56 3.43 -0.54
N THR A 80 10.46 4.39 -0.33
CA THR A 80 10.08 5.69 0.24
C THR A 80 9.29 6.53 -0.77
N SER A 81 8.32 7.30 -0.30
CA SER A 81 7.37 8.09 -1.11
C SER A 81 8.07 9.09 -2.06
N PRO A 82 7.50 9.40 -3.23
CA PRO A 82 8.01 10.44 -4.11
C PRO A 82 7.93 11.86 -3.51
N ALA A 83 7.11 12.06 -2.47
CA ALA A 83 6.96 13.33 -1.74
C ALA A 83 7.63 13.30 -0.35
N GLN A 84 7.28 12.32 0.50
CA GLN A 84 7.63 12.18 1.93
C GLN A 84 7.23 13.37 2.83
N ASN A 85 7.79 14.56 2.59
CA ASN A 85 7.67 15.75 3.42
C ASN A 85 6.38 16.55 3.14
N ALA A 86 5.87 17.23 4.16
CA ALA A 86 4.67 18.08 4.06
C ALA A 86 4.93 19.37 3.26
N GLN A 87 3.96 19.80 2.44
CA GLN A 87 3.98 21.04 1.65
C GLN A 87 2.56 21.51 1.30
N GLN A 88 2.39 22.83 1.15
CA GLN A 88 1.18 23.47 0.61
C GLN A 88 1.26 23.67 -0.91
N LEU A 89 2.46 23.92 -1.43
CA LEU A 89 2.74 24.25 -2.83
C LEU A 89 2.70 23.01 -3.74
N HIS A 90 2.29 23.20 -4.99
CA HIS A 90 2.28 22.22 -6.08
C HIS A 90 2.32 22.91 -7.45
N GLU A 91 2.74 22.19 -8.49
CA GLU A 91 2.91 22.70 -9.86
C GLU A 91 2.86 21.58 -10.93
N ARG A 92 2.79 21.97 -12.21
CA ARG A 92 2.82 21.07 -13.37
C ARG A 92 4.14 20.28 -13.43
N ILE A 93 4.07 19.01 -13.85
CA ILE A 93 5.22 18.08 -13.93
C ILE A 93 6.35 18.66 -14.80
N GLN A 94 7.58 18.55 -14.31
CA GLN A 94 8.80 19.17 -14.84
C GLN A 94 9.95 18.15 -14.99
N SER A 95 11.09 18.61 -15.55
CA SER A 95 12.32 17.82 -15.72
C SER A 95 12.90 17.30 -14.38
N SER A 96 13.68 16.21 -14.45
CA SER A 96 14.20 15.44 -13.31
C SER A 96 15.34 16.10 -12.51
N SER A 97 15.23 17.39 -12.22
CA SER A 97 16.14 18.14 -11.34
C SER A 97 16.04 17.66 -9.88
N MET A 98 17.15 17.72 -9.13
CA MET A 98 17.26 17.22 -7.74
C MET A 98 18.15 18.12 -6.87
N ASP A 99 17.90 18.11 -5.55
CA ASP A 99 18.65 18.90 -4.55
C ASP A 99 20.00 18.26 -4.13
N ALA A 100 20.34 17.08 -4.68
CA ALA A 100 21.51 16.26 -4.35
C ALA A 100 21.60 15.82 -2.86
N LYS A 101 20.45 15.81 -2.16
CA LYS A 101 20.27 15.36 -0.76
C LYS A 101 18.85 14.84 -0.52
N LEU A 102 18.64 14.17 0.61
CA LEU A 102 17.34 13.72 1.11
C LEU A 102 17.29 13.73 2.64
N GLU A 103 16.28 14.39 3.21
CA GLU A 103 16.01 14.48 4.66
C GLU A 103 14.51 14.48 4.92
N ALA A 104 14.08 13.81 6.01
CA ALA A 104 12.70 13.83 6.49
C ALA A 104 12.40 15.08 7.33
N LEU A 105 11.29 15.78 7.04
CA LEU A 105 10.80 16.96 7.77
C LEU A 105 9.28 17.15 7.63
N LYS A 106 8.70 17.93 8.56
CA LYS A 106 7.27 18.27 8.61
C LYS A 106 7.06 19.77 8.84
N ASP A 107 5.88 20.26 8.46
CA ASP A 107 5.46 21.67 8.59
C ASP A 107 3.92 21.76 8.72
N LEU A 108 3.22 21.22 7.72
CA LEU A 108 1.77 20.96 7.63
C LEU A 108 0.85 22.21 7.69
N ALA A 109 1.35 23.37 8.11
CA ALA A 109 0.62 24.64 8.11
C ALA A 109 0.16 25.07 6.71
N SER A 110 -1.04 25.67 6.63
CA SER A 110 -1.69 26.08 5.38
C SER A 110 -2.73 27.19 5.61
N LEU A 111 -3.20 27.83 4.53
CA LEU A 111 -4.21 28.90 4.56
C LEU A 111 -5.55 28.41 5.16
N SER A 112 -6.12 29.21 6.07
CA SER A 112 -7.39 28.90 6.76
C SER A 112 -8.60 28.90 5.83
N ARG A 113 -9.59 28.04 6.13
CA ARG A 113 -10.90 27.97 5.45
C ARG A 113 -11.79 29.20 5.72
N ASP A 114 -12.91 29.27 4.98
CA ASP A 114 -14.03 30.20 5.19
C ASP A 114 -15.39 29.46 5.08
N GLY A 1 -27.68 -4.27 9.81
CA GLY A 1 -27.36 -4.67 8.42
C GLY A 1 -26.13 -5.57 8.36
N MET A 2 -25.96 -6.29 7.26
CA MET A 2 -24.82 -7.19 7.02
C MET A 2 -23.48 -6.42 6.83
N PRO A 3 -22.33 -7.00 7.20
CA PRO A 3 -21.01 -6.39 7.00
C PRO A 3 -20.61 -6.30 5.51
N PRO A 4 -19.65 -5.42 5.14
CA PRO A 4 -19.14 -5.31 3.77
C PRO A 4 -18.38 -6.57 3.33
N PRO A 5 -18.29 -6.83 2.00
CA PRO A 5 -17.62 -8.02 1.45
C PRO A 5 -16.11 -8.01 1.66
N ALA A 6 -15.52 -9.21 1.80
CA ALA A 6 -14.08 -9.43 1.97
C ALA A 6 -13.32 -9.29 0.64
N ASP A 7 -13.20 -8.06 0.13
CA ASP A 7 -12.42 -7.68 -1.06
C ASP A 7 -10.91 -7.68 -0.75
N ILE A 8 -10.37 -8.87 -0.50
CA ILE A 8 -8.97 -9.12 -0.14
C ILE A 8 -8.22 -9.79 -1.30
N VAL A 9 -6.99 -9.37 -1.57
CA VAL A 9 -6.09 -9.89 -2.62
C VAL A 9 -4.69 -10.17 -2.08
N LYS A 10 -4.12 -11.33 -2.42
CA LYS A 10 -2.73 -11.69 -2.07
C LYS A 10 -1.74 -11.03 -3.03
N VAL A 11 -0.58 -10.62 -2.51
CA VAL A 11 0.48 -9.92 -3.25
C VAL A 11 1.88 -10.39 -2.81
N ALA A 12 2.87 -10.21 -3.67
CA ALA A 12 4.29 -10.46 -3.37
C ALA A 12 5.08 -9.15 -3.45
N ILE A 13 5.65 -8.69 -2.33
CA ILE A 13 6.31 -7.39 -2.22
C ILE A 13 7.83 -7.56 -2.21
N GLU A 14 8.52 -6.88 -3.12
CA GLU A 14 9.99 -6.86 -3.21
C GLU A 14 10.61 -5.73 -2.36
N TRP A 15 11.78 -6.00 -1.77
CA TRP A 15 12.62 -5.05 -1.03
C TRP A 15 14.10 -5.52 -1.08
N PRO A 16 15.11 -4.61 -1.16
CA PRO A 16 16.51 -5.00 -1.34
C PRO A 16 17.08 -5.84 -0.18
N GLY A 17 17.96 -6.79 -0.50
CA GLY A 17 18.63 -7.66 0.48
C GLY A 17 17.75 -8.73 1.14
N ALA A 18 16.53 -8.96 0.61
CA ALA A 18 15.55 -9.91 1.14
C ALA A 18 14.75 -10.61 0.04
N TYR A 19 14.20 -11.79 0.35
CA TYR A 19 13.22 -12.49 -0.50
C TYR A 19 11.87 -11.75 -0.52
N PRO A 20 11.05 -11.89 -1.59
CA PRO A 20 9.75 -11.23 -1.67
C PRO A 20 8.79 -11.64 -0.54
N LYS A 21 8.21 -10.65 0.16
CA LYS A 21 7.24 -10.84 1.24
C LYS A 21 5.84 -11.10 0.66
N LEU A 22 5.33 -12.32 0.83
CA LEU A 22 3.94 -12.66 0.55
C LEU A 22 3.03 -12.12 1.68
N MET A 23 1.99 -11.36 1.31
CA MET A 23 1.01 -10.80 2.25
C MET A 23 -0.35 -10.56 1.57
N GLU A 24 -1.39 -10.22 2.34
CA GLU A 24 -2.73 -9.93 1.82
C GLU A 24 -3.16 -8.48 2.04
N ILE A 25 -3.52 -7.81 0.94
CA ILE A 25 -4.06 -6.46 0.91
C ILE A 25 -5.59 -6.54 0.97
N ASP A 26 -6.16 -6.10 2.09
CA ASP A 26 -7.60 -5.90 2.24
C ASP A 26 -7.97 -4.51 1.73
N GLN A 27 -8.79 -4.44 0.68
CA GLN A 27 -9.19 -3.16 0.07
C GLN A 27 -10.07 -2.29 1.00
N LYS A 28 -10.61 -2.83 2.10
CA LYS A 28 -11.34 -2.08 3.14
C LYS A 28 -10.41 -1.45 4.20
N LYS A 29 -9.19 -1.97 4.38
CA LYS A 29 -8.18 -1.43 5.32
C LYS A 29 -7.44 -0.22 4.73
N PRO A 30 -7.02 0.76 5.56
CA PRO A 30 -6.22 1.89 5.10
C PRO A 30 -4.82 1.43 4.67
N LEU A 31 -4.30 2.03 3.59
CA LEU A 31 -2.96 1.74 3.09
C LEU A 31 -1.88 2.06 4.13
N SER A 32 -2.07 3.06 4.99
CA SER A 32 -1.15 3.40 6.08
C SER A 32 -0.95 2.24 7.08
N ALA A 33 -2.04 1.54 7.46
CA ALA A 33 -1.95 0.36 8.31
C ALA A 33 -1.29 -0.84 7.60
N ILE A 34 -1.58 -1.03 6.32
CA ILE A 34 -0.96 -2.07 5.48
C ILE A 34 0.54 -1.82 5.34
N ILE A 35 0.96 -0.58 5.01
CA ILE A 35 2.36 -0.20 4.86
C ILE A 35 3.12 -0.37 6.18
N LYS A 36 2.49 -0.10 7.34
CA LYS A 36 3.06 -0.42 8.66
C LYS A 36 3.31 -1.93 8.84
N GLU A 37 2.38 -2.78 8.44
CA GLU A 37 2.51 -4.24 8.49
C GLU A 37 3.57 -4.79 7.52
N VAL A 38 3.75 -4.16 6.35
CA VAL A 38 4.84 -4.47 5.40
C VAL A 38 6.20 -4.07 5.98
N CYS A 39 6.33 -2.82 6.41
CA CYS A 39 7.58 -2.26 6.96
C CYS A 39 8.05 -3.04 8.20
N ASP A 40 7.15 -3.38 9.12
CA ASP A 40 7.47 -4.21 10.29
C ASP A 40 7.98 -5.62 9.92
N GLY A 41 7.57 -6.15 8.76
CA GLY A 41 8.09 -7.42 8.20
C GLY A 41 9.59 -7.39 7.87
N TRP A 42 10.16 -6.19 7.64
CA TRP A 42 11.60 -5.94 7.49
C TRP A 42 12.19 -5.05 8.61
N SER A 43 11.47 -4.91 9.73
CA SER A 43 11.85 -4.08 10.90
C SER A 43 12.11 -2.59 10.58
N LEU A 44 11.53 -2.07 9.49
CA LEU A 44 11.69 -0.70 9.01
C LEU A 44 10.91 0.31 9.89
N ALA A 45 11.63 1.29 10.45
CA ALA A 45 11.05 2.43 11.15
C ALA A 45 10.44 3.47 10.18
N ASN A 46 9.60 4.36 10.72
CA ASN A 46 8.96 5.47 9.99
C ASN A 46 8.20 5.00 8.72
N HIS A 47 7.31 4.02 8.86
CA HIS A 47 6.49 3.47 7.76
C HIS A 47 5.64 4.55 7.06
N GLU A 48 5.31 5.63 7.75
CA GLU A 48 4.63 6.82 7.20
C GLU A 48 5.44 7.56 6.11
N TYR A 49 6.73 7.26 5.95
CA TYR A 49 7.54 7.72 4.81
C TYR A 49 7.35 6.85 3.56
N PHE A 50 6.80 5.63 3.69
CA PHE A 50 6.75 4.63 2.63
C PHE A 50 5.44 4.62 1.83
N ALA A 51 5.53 4.02 0.65
CA ALA A 51 4.44 3.67 -0.25
C ALA A 51 4.75 2.32 -0.91
N LEU A 52 3.69 1.59 -1.28
CA LEU A 52 3.81 0.45 -2.19
C LEU A 52 3.84 0.97 -3.63
N GLN A 53 4.42 0.19 -4.54
CA GLN A 53 4.57 0.53 -5.95
C GLN A 53 4.40 -0.71 -6.83
N HIS A 54 3.79 -0.56 -8.00
CA HIS A 54 3.63 -1.66 -8.97
C HIS A 54 4.96 -2.12 -9.58
N ALA A 55 5.16 -3.44 -9.64
CA ALA A 55 6.23 -4.07 -10.41
C ALA A 55 5.70 -4.75 -11.69
N ASP A 56 4.46 -5.26 -11.67
CA ASP A 56 3.76 -5.78 -12.86
C ASP A 56 3.25 -4.66 -13.79
N SER A 57 2.54 -3.66 -13.23
CA SER A 57 2.11 -2.47 -13.97
C SER A 57 3.22 -1.41 -14.06
N SER A 58 2.97 -0.29 -14.76
CA SER A 58 3.95 0.74 -15.15
C SER A 58 4.41 1.66 -14.00
N ASN A 59 4.99 1.08 -12.95
CA ASN A 59 5.67 1.76 -11.83
C ASN A 59 4.79 2.75 -11.02
N PHE A 60 3.46 2.62 -11.06
CA PHE A 60 2.55 3.48 -10.30
C PHE A 60 2.67 3.25 -8.79
N TYR A 61 2.76 4.34 -8.01
CA TYR A 61 2.63 4.28 -6.55
C TYR A 61 1.19 3.94 -6.15
N ILE A 62 1.01 3.16 -5.08
CA ILE A 62 -0.31 2.76 -4.58
C ILE A 62 -0.90 3.85 -3.69
N THR A 63 -2.17 4.18 -3.94
CA THR A 63 -2.95 5.25 -3.32
C THR A 63 -4.42 4.84 -3.27
N GLU A 64 -5.29 5.61 -2.60
CA GLU A 64 -6.74 5.40 -2.64
C GLU A 64 -7.34 5.49 -4.06
N LYS A 65 -6.63 6.15 -5.00
CA LYS A 65 -7.00 6.26 -6.43
C LYS A 65 -6.41 5.14 -7.31
N ASN A 66 -5.37 4.45 -6.85
CA ASN A 66 -4.62 3.43 -7.64
C ASN A 66 -4.73 1.99 -7.10
N ARG A 67 -5.11 1.79 -5.82
CA ARG A 67 -5.15 0.45 -5.18
C ARG A 67 -6.11 -0.55 -5.84
N ASN A 68 -7.11 -0.06 -6.58
CA ASN A 68 -8.03 -0.87 -7.38
C ASN A 68 -7.34 -1.62 -8.54
N GLU A 69 -6.17 -1.14 -8.99
CA GLU A 69 -5.37 -1.78 -10.06
C GLU A 69 -4.62 -3.03 -9.57
N ILE A 70 -4.53 -3.25 -8.25
CA ILE A 70 -4.00 -4.47 -7.64
C ILE A 70 -5.01 -5.61 -7.80
N LYS A 71 -4.56 -6.75 -8.32
CA LYS A 71 -5.30 -8.03 -8.36
C LYS A 71 -4.63 -9.10 -7.48
N ASN A 72 -5.29 -10.25 -7.33
CA ASN A 72 -4.66 -11.41 -6.69
C ASN A 72 -3.42 -11.88 -7.46
N GLY A 73 -2.30 -12.09 -6.75
CA GLY A 73 -1.01 -12.47 -7.32
C GLY A 73 -0.15 -11.30 -7.85
N THR A 74 -0.51 -10.04 -7.61
CA THR A 74 0.26 -8.87 -8.09
C THR A 74 1.63 -8.78 -7.41
N ILE A 75 2.69 -8.58 -8.19
CA ILE A 75 4.03 -8.26 -7.67
C ILE A 75 4.13 -6.73 -7.46
N LEU A 76 4.54 -6.35 -6.26
CA LEU A 76 4.72 -4.97 -5.79
C LEU A 76 6.15 -4.75 -5.28
N ARG A 77 6.50 -3.49 -4.99
CA ARG A 77 7.77 -3.03 -4.42
C ARG A 77 7.52 -2.06 -3.26
N LEU A 78 8.24 -2.21 -2.16
CA LEU A 78 8.27 -1.20 -1.09
C LEU A 78 9.25 -0.08 -1.45
N THR A 79 8.88 1.17 -1.20
CA THR A 79 9.67 2.36 -1.58
C THR A 79 9.32 3.57 -0.71
N THR A 80 10.26 4.49 -0.46
CA THR A 80 9.94 5.78 0.18
C THR A 80 9.15 6.67 -0.79
N SER A 81 8.00 7.17 -0.32
CA SER A 81 7.02 7.91 -1.12
C SER A 81 7.56 9.27 -1.61
N PRO A 82 7.25 9.71 -2.85
CA PRO A 82 7.56 11.07 -3.29
C PRO A 82 6.82 12.13 -2.45
N ALA A 83 5.66 11.78 -1.87
CA ALA A 83 4.89 12.65 -0.99
C ALA A 83 5.45 12.76 0.44
N GLN A 84 6.42 11.92 0.87
CA GLN A 84 6.97 11.99 2.24
C GLN A 84 7.76 13.28 2.53
N ASN A 85 8.12 14.04 1.50
CA ASN A 85 8.69 15.38 1.60
C ASN A 85 7.71 16.41 2.21
N ALA A 86 6.40 16.14 2.15
CA ALA A 86 5.32 16.99 2.68
C ALA A 86 4.79 16.54 4.06
N GLN A 87 5.40 15.53 4.71
CA GLN A 87 5.00 15.08 6.05
C GLN A 87 5.20 16.16 7.14
N GLN A 88 4.39 16.08 8.20
CA GLN A 88 4.34 17.05 9.31
C GLN A 88 4.24 16.33 10.68
N LEU A 89 4.49 17.06 11.76
CA LEU A 89 4.38 16.54 13.14
C LEU A 89 2.92 16.18 13.50
N HIS A 90 2.72 14.98 14.04
CA HIS A 90 1.43 14.43 14.48
C HIS A 90 1.60 13.30 15.51
N GLU A 91 0.53 12.94 16.21
CA GLU A 91 0.53 11.84 17.20
C GLU A 91 0.49 10.45 16.55
N ARG A 92 1.29 9.51 17.09
CA ARG A 92 1.24 8.08 16.74
C ARG A 92 0.00 7.41 17.38
N ILE A 93 -0.68 6.53 16.63
CA ILE A 93 -1.84 5.76 17.13
C ILE A 93 -1.38 4.74 18.20
N GLN A 94 -0.35 3.95 17.90
CA GLN A 94 0.34 3.05 18.83
C GLN A 94 1.78 2.78 18.36
N SER A 95 2.76 2.87 19.27
CA SER A 95 4.19 2.67 18.98
C SER A 95 4.60 1.18 18.92
N SER A 96 4.01 0.34 19.77
CA SER A 96 4.29 -1.10 19.84
C SER A 96 3.17 -1.88 20.56
N SER A 97 3.03 -3.16 20.27
CA SER A 97 2.13 -4.09 20.99
C SER A 97 2.65 -4.50 22.37
N MET A 98 3.96 -4.37 22.64
CA MET A 98 4.62 -4.76 23.89
C MET A 98 5.78 -3.81 24.26
N ASP A 99 5.96 -3.55 25.56
CA ASP A 99 7.05 -2.72 26.11
C ASP A 99 8.38 -3.51 26.32
N ALA A 100 8.62 -4.54 25.50
CA ALA A 100 9.80 -5.41 25.60
C ALA A 100 11.09 -4.71 25.17
N LYS A 101 12.20 -5.00 25.86
CA LYS A 101 13.55 -4.47 25.56
C LYS A 101 14.20 -5.21 24.37
N LEU A 102 14.90 -4.47 23.51
CA LEU A 102 15.72 -4.99 22.42
C LEU A 102 17.08 -5.52 22.93
N GLU A 103 17.64 -6.53 22.26
CA GLU A 103 18.98 -7.09 22.53
C GLU A 103 19.68 -7.56 21.24
N ALA A 104 21.00 -7.75 21.30
CA ALA A 104 21.84 -8.17 20.16
C ALA A 104 23.03 -9.03 20.63
N LEU A 105 23.64 -9.79 19.70
CA LEU A 105 24.75 -10.71 19.97
C LEU A 105 26.10 -10.00 20.25
N LYS A 106 26.22 -8.72 19.90
CA LYS A 106 27.42 -7.87 20.08
C LYS A 106 27.06 -6.39 20.26
N ASP A 107 27.99 -5.61 20.81
CA ASP A 107 27.85 -4.15 21.00
C ASP A 107 28.05 -3.37 19.69
N LEU A 108 27.52 -2.13 19.62
CA LEU A 108 27.64 -1.24 18.46
C LEU A 108 29.06 -0.67 18.20
N ALA A 109 30.04 -1.00 19.06
CA ALA A 109 31.43 -0.52 19.02
C ALA A 109 32.31 -1.20 17.93
N SER A 110 31.72 -1.77 16.88
CA SER A 110 32.37 -2.58 15.83
C SER A 110 33.42 -1.85 14.97
N LEU A 111 33.64 -0.54 15.18
CA LEU A 111 34.75 0.23 14.60
C LEU A 111 36.13 -0.16 15.16
N SER A 112 36.18 -0.90 16.28
CA SER A 112 37.42 -1.41 16.89
C SER A 112 38.14 -2.46 16.01
N ARG A 113 39.45 -2.65 16.25
CA ARG A 113 40.33 -3.59 15.54
C ARG A 113 41.47 -4.08 16.44
N ASP A 114 41.90 -5.33 16.25
CA ASP A 114 43.00 -5.98 16.98
C ASP A 114 44.39 -5.34 16.70
N GLY A 1 -19.01 -7.80 14.29
CA GLY A 1 -18.99 -6.45 14.90
C GLY A 1 -18.86 -5.36 13.86
N MET A 2 -17.64 -5.15 13.32
CA MET A 2 -17.37 -4.19 12.25
C MET A 2 -17.90 -4.67 10.87
N PRO A 3 -18.04 -3.77 9.87
CA PRO A 3 -18.40 -4.16 8.50
C PRO A 3 -17.42 -5.16 7.87
N PRO A 4 -17.87 -6.06 6.98
CA PRO A 4 -17.04 -7.14 6.43
C PRO A 4 -15.89 -6.63 5.54
N PRO A 5 -14.74 -7.37 5.50
CA PRO A 5 -13.65 -7.10 4.56
C PRO A 5 -14.08 -7.37 3.10
N ALA A 6 -13.36 -6.82 2.12
CA ALA A 6 -13.79 -6.90 0.71
C ALA A 6 -12.65 -6.84 -0.31
N ASP A 7 -12.90 -7.43 -1.48
CA ASP A 7 -12.05 -7.41 -2.68
C ASP A 7 -10.58 -7.80 -2.40
N ILE A 8 -10.39 -8.69 -1.40
CA ILE A 8 -9.08 -9.11 -0.89
C ILE A 8 -8.24 -9.77 -1.99
N VAL A 9 -6.97 -9.37 -2.09
CA VAL A 9 -6.02 -9.84 -3.11
C VAL A 9 -4.65 -10.20 -2.51
N LYS A 10 -4.13 -11.38 -2.86
CA LYS A 10 -2.75 -11.80 -2.55
C LYS A 10 -1.73 -10.97 -3.32
N VAL A 11 -0.62 -10.64 -2.68
CA VAL A 11 0.52 -9.92 -3.28
C VAL A 11 1.87 -10.44 -2.75
N ALA A 12 2.91 -10.29 -3.57
CA ALA A 12 4.30 -10.54 -3.20
C ALA A 12 5.10 -9.23 -3.24
N ILE A 13 5.69 -8.81 -2.12
CA ILE A 13 6.32 -7.49 -1.97
C ILE A 13 7.84 -7.61 -1.94
N GLU A 14 8.50 -6.93 -2.86
CA GLU A 14 9.97 -6.86 -2.99
C GLU A 14 10.59 -5.77 -2.11
N TRP A 15 11.84 -6.01 -1.67
CA TRP A 15 12.73 -5.05 -1.00
C TRP A 15 14.21 -5.47 -1.18
N PRO A 16 15.17 -4.54 -1.38
CA PRO A 16 16.57 -4.91 -1.62
C PRO A 16 17.21 -5.70 -0.46
N GLY A 17 17.98 -6.74 -0.81
CA GLY A 17 18.67 -7.61 0.16
C GLY A 17 17.76 -8.55 0.96
N ALA A 18 16.49 -8.72 0.57
CA ALA A 18 15.49 -9.57 1.24
C ALA A 18 14.68 -10.43 0.25
N TYR A 19 14.17 -11.56 0.73
CA TYR A 19 13.20 -12.38 -0.01
C TYR A 19 11.81 -11.71 -0.05
N PRO A 20 10.96 -11.98 -1.08
CA PRO A 20 9.64 -11.35 -1.19
C PRO A 20 8.72 -11.67 -0.01
N LYS A 21 8.07 -10.64 0.56
CA LYS A 21 7.04 -10.79 1.59
C LYS A 21 5.69 -11.08 0.94
N LEU A 22 5.20 -12.32 1.10
CA LEU A 22 3.83 -12.69 0.73
C LEU A 22 2.84 -12.14 1.76
N MET A 23 1.76 -11.50 1.29
CA MET A 23 0.68 -11.00 2.13
C MET A 23 -0.66 -10.90 1.37
N GLU A 24 -1.72 -10.45 2.03
CA GLU A 24 -3.02 -10.13 1.43
C GLU A 24 -3.43 -8.69 1.72
N ILE A 25 -3.73 -7.92 0.66
CA ILE A 25 -4.28 -6.57 0.74
C ILE A 25 -5.81 -6.67 0.83
N ASP A 26 -6.37 -6.32 1.99
CA ASP A 26 -7.81 -6.10 2.18
C ASP A 26 -8.15 -4.67 1.73
N GLN A 27 -9.05 -4.51 0.76
CA GLN A 27 -9.41 -3.18 0.26
C GLN A 27 -10.20 -2.34 1.28
N LYS A 28 -10.66 -2.93 2.39
CA LYS A 28 -11.24 -2.21 3.54
C LYS A 28 -10.21 -1.72 4.58
N LYS A 29 -8.96 -2.22 4.55
CA LYS A 29 -7.87 -1.71 5.41
C LYS A 29 -7.13 -0.55 4.73
N PRO A 30 -6.73 0.51 5.45
CA PRO A 30 -5.96 1.63 4.89
C PRO A 30 -4.56 1.20 4.49
N LEU A 31 -4.03 1.76 3.38
CA LEU A 31 -2.69 1.48 2.91
C LEU A 31 -1.62 1.84 3.95
N SER A 32 -1.83 2.89 4.76
CA SER A 32 -0.92 3.29 5.85
C SER A 32 -0.71 2.16 6.88
N ALA A 33 -1.79 1.48 7.29
CA ALA A 33 -1.70 0.33 8.20
C ALA A 33 -1.05 -0.90 7.52
N ILE A 34 -1.37 -1.14 6.25
CA ILE A 34 -0.76 -2.22 5.46
C ILE A 34 0.75 -1.99 5.30
N ILE A 35 1.19 -0.78 4.95
CA ILE A 35 2.61 -0.41 4.80
C ILE A 35 3.36 -0.54 6.13
N LYS A 36 2.72 -0.22 7.27
CA LYS A 36 3.27 -0.49 8.61
C LYS A 36 3.49 -2.00 8.87
N GLU A 37 2.56 -2.84 8.42
CA GLU A 37 2.71 -4.31 8.45
C GLU A 37 3.77 -4.84 7.47
N VAL A 38 4.04 -4.14 6.35
CA VAL A 38 5.19 -4.45 5.47
C VAL A 38 6.52 -4.13 6.15
N CYS A 39 6.70 -2.87 6.58
CA CYS A 39 7.99 -2.36 7.05
C CYS A 39 8.48 -3.07 8.33
N ASP A 40 7.57 -3.46 9.23
CA ASP A 40 7.88 -4.25 10.43
C ASP A 40 8.47 -5.63 10.10
N GLY A 41 8.14 -6.21 8.94
CA GLY A 41 8.71 -7.48 8.45
C GLY A 41 10.21 -7.41 8.14
N TRP A 42 10.74 -6.21 7.88
CA TRP A 42 12.16 -5.92 7.63
C TRP A 42 12.75 -4.92 8.65
N SER A 43 12.05 -4.65 9.76
CA SER A 43 12.41 -3.71 10.83
C SER A 43 12.68 -2.27 10.33
N LEU A 44 12.03 -1.84 9.25
CA LEU A 44 12.16 -0.51 8.66
C LEU A 44 11.32 0.52 9.45
N ALA A 45 11.94 1.62 9.86
CA ALA A 45 11.31 2.68 10.65
C ALA A 45 10.49 3.68 9.80
N ASN A 46 9.66 4.49 10.47
CA ASN A 46 8.91 5.63 9.92
C ASN A 46 8.06 5.28 8.69
N HIS A 47 7.07 4.39 8.86
CA HIS A 47 6.20 3.92 7.77
C HIS A 47 5.40 5.03 7.07
N GLU A 48 5.24 6.20 7.71
CA GLU A 48 4.67 7.43 7.13
C GLU A 48 5.43 7.91 5.88
N TYR A 49 6.72 7.58 5.76
CA TYR A 49 7.55 7.93 4.61
C TYR A 49 7.36 6.95 3.43
N PHE A 50 6.83 5.75 3.68
CA PHE A 50 6.78 4.66 2.72
C PHE A 50 5.49 4.61 1.89
N ALA A 51 5.61 3.95 0.74
CA ALA A 51 4.57 3.64 -0.22
C ALA A 51 4.85 2.27 -0.88
N LEU A 52 3.80 1.61 -1.36
CA LEU A 52 3.92 0.45 -2.23
C LEU A 52 3.96 0.92 -3.69
N GLN A 53 4.63 0.16 -4.55
CA GLN A 53 4.79 0.45 -5.97
C GLN A 53 4.70 -0.84 -6.79
N HIS A 54 4.18 -0.77 -8.02
CA HIS A 54 4.08 -1.92 -8.92
C HIS A 54 5.45 -2.44 -9.37
N ALA A 55 5.57 -3.77 -9.51
CA ALA A 55 6.76 -4.47 -10.01
C ALA A 55 6.42 -5.54 -11.07
N ASP A 56 5.21 -6.11 -11.05
CA ASP A 56 4.68 -6.98 -12.12
C ASP A 56 4.29 -6.19 -13.41
N SER A 57 4.29 -4.86 -13.31
CA SER A 57 3.99 -3.89 -14.38
C SER A 57 4.87 -2.64 -14.22
N SER A 58 4.61 -1.59 -14.99
CA SER A 58 5.29 -0.28 -14.87
C SER A 58 5.19 0.29 -13.44
N ASN A 59 6.17 1.12 -13.06
CA ASN A 59 6.43 1.61 -11.69
C ASN A 59 5.40 2.64 -11.14
N PHE A 60 4.11 2.37 -11.24
CA PHE A 60 3.04 3.16 -10.61
C PHE A 60 3.03 2.99 -9.09
N TYR A 61 2.95 4.08 -8.33
CA TYR A 61 2.75 4.04 -6.87
C TYR A 61 1.29 3.67 -6.52
N ILE A 62 1.11 2.86 -5.47
CA ILE A 62 -0.21 2.46 -4.95
C ILE A 62 -0.78 3.58 -4.07
N THR A 63 -2.05 3.92 -4.29
CA THR A 63 -2.80 4.98 -3.57
C THR A 63 -4.24 4.54 -3.30
N GLU A 64 -4.93 5.23 -2.39
CA GLU A 64 -6.36 5.01 -2.10
C GLU A 64 -7.26 5.27 -3.34
N LYS A 65 -6.74 5.90 -4.39
CA LYS A 65 -7.41 6.18 -5.67
C LYS A 65 -7.15 5.13 -6.77
N ASN A 66 -6.15 4.25 -6.62
CA ASN A 66 -5.78 3.25 -7.66
C ASN A 66 -5.56 1.80 -7.17
N ARG A 67 -5.56 1.56 -5.85
CA ARG A 67 -5.36 0.23 -5.22
C ARG A 67 -6.33 -0.86 -5.68
N ASN A 68 -7.49 -0.48 -6.20
CA ASN A 68 -8.48 -1.37 -6.81
C ASN A 68 -7.98 -2.08 -8.10
N GLU A 69 -6.92 -1.57 -8.73
CA GLU A 69 -6.31 -2.18 -9.92
C GLU A 69 -5.38 -3.39 -9.60
N ILE A 70 -5.00 -3.57 -8.33
CA ILE A 70 -4.22 -4.73 -7.85
C ILE A 70 -5.05 -6.01 -7.98
N LYS A 71 -4.41 -7.12 -8.36
CA LYS A 71 -5.01 -8.45 -8.55
C LYS A 71 -4.29 -9.53 -7.76
N ASN A 72 -4.94 -10.67 -7.53
CA ASN A 72 -4.33 -11.80 -6.81
C ASN A 72 -3.06 -12.31 -7.54
N GLY A 73 -1.93 -12.35 -6.82
CA GLY A 73 -0.61 -12.70 -7.35
C GLY A 73 0.20 -11.51 -7.91
N THR A 74 -0.24 -10.26 -7.72
CA THR A 74 0.52 -9.07 -8.16
C THR A 74 1.84 -8.94 -7.40
N ILE A 75 2.95 -8.77 -8.12
CA ILE A 75 4.25 -8.42 -7.54
C ILE A 75 4.31 -6.91 -7.35
N LEU A 76 4.55 -6.48 -6.11
CA LEU A 76 4.76 -5.09 -5.68
C LEU A 76 6.19 -4.93 -5.13
N ARG A 77 6.56 -3.71 -4.77
CA ARG A 77 7.84 -3.32 -4.16
C ARG A 77 7.64 -2.20 -3.14
N LEU A 78 8.26 -2.31 -1.97
CA LEU A 78 8.28 -1.26 -0.96
C LEU A 78 9.28 -0.15 -1.35
N THR A 79 8.93 1.11 -1.11
CA THR A 79 9.74 2.29 -1.49
C THR A 79 9.36 3.53 -0.67
N THR A 80 10.29 4.48 -0.45
CA THR A 80 9.94 5.79 0.14
C THR A 80 9.24 6.67 -0.91
N SER A 81 8.14 7.31 -0.50
CA SER A 81 7.24 8.10 -1.36
C SER A 81 7.91 9.34 -1.99
N PRO A 82 7.51 9.79 -3.19
CA PRO A 82 7.90 11.10 -3.74
C PRO A 82 7.34 12.29 -2.93
N ALA A 83 6.35 12.06 -2.06
CA ALA A 83 5.55 13.08 -1.37
C ALA A 83 5.65 13.02 0.17
N GLN A 84 6.78 12.56 0.74
CA GLN A 84 6.97 12.37 2.19
C GLN A 84 6.58 13.59 3.04
N ASN A 85 6.96 14.79 2.61
CA ASN A 85 6.59 16.08 3.24
C ASN A 85 5.35 16.72 2.62
N ALA A 86 5.07 16.47 1.32
CA ALA A 86 4.00 17.11 0.56
C ALA A 86 2.60 16.51 0.81
N GLN A 87 2.51 15.27 1.28
CA GLN A 87 1.26 14.58 1.60
C GLN A 87 0.47 15.31 2.71
N GLN A 88 -0.85 15.45 2.52
CA GLN A 88 -1.77 15.96 3.54
C GLN A 88 -2.18 14.88 4.55
N LEU A 89 -2.69 15.28 5.71
CA LEU A 89 -3.35 14.39 6.66
C LEU A 89 -4.76 14.04 6.14
N HIS A 90 -5.14 12.76 6.26
CA HIS A 90 -6.48 12.22 5.94
C HIS A 90 -6.69 10.85 6.59
N GLU A 91 -7.92 10.33 6.56
CA GLU A 91 -8.24 8.96 6.95
C GLU A 91 -9.43 8.44 6.12
N ARG A 92 -9.15 7.72 5.02
CA ARG A 92 -10.14 7.17 4.09
C ARG A 92 -9.62 5.89 3.41
N ILE A 93 -10.51 4.89 3.26
CA ILE A 93 -10.19 3.54 2.74
C ILE A 93 -10.71 3.27 1.31
N GLN A 94 -11.63 4.10 0.80
CA GLN A 94 -12.33 3.89 -0.47
C GLN A 94 -12.94 5.20 -1.01
N SER A 95 -13.23 5.27 -2.32
CA SER A 95 -14.00 6.36 -2.91
C SER A 95 -15.47 6.32 -2.43
N SER A 96 -16.19 5.24 -2.74
CA SER A 96 -17.53 4.91 -2.23
C SER A 96 -17.85 3.42 -2.44
N SER A 97 -18.57 2.80 -1.50
CA SER A 97 -19.02 1.40 -1.58
C SER A 97 -20.20 1.12 -0.64
N MET A 98 -20.89 0.00 -0.84
CA MET A 98 -21.95 -0.53 0.03
C MET A 98 -21.91 -2.07 0.06
N ASP A 99 -21.91 -2.65 1.26
CA ASP A 99 -21.81 -4.10 1.47
C ASP A 99 -23.14 -4.86 1.25
N ALA A 100 -23.03 -6.08 0.73
CA ALA A 100 -24.14 -7.03 0.52
C ALA A 100 -23.80 -8.49 0.91
N LYS A 101 -22.65 -8.70 1.58
CA LYS A 101 -22.14 -10.02 1.99
C LYS A 101 -22.97 -10.63 3.13
N LEU A 102 -23.40 -11.88 2.94
CA LEU A 102 -24.01 -12.71 3.99
C LEU A 102 -22.96 -13.41 4.88
N GLU A 103 -21.81 -13.74 4.29
CA GLU A 103 -20.64 -14.31 4.97
C GLU A 103 -19.88 -13.28 5.82
N ALA A 104 -19.15 -13.77 6.84
CA ALA A 104 -18.34 -12.97 7.77
C ALA A 104 -17.17 -13.79 8.35
N LEU A 105 -16.24 -13.11 9.04
CA LEU A 105 -15.09 -13.70 9.74
C LEU A 105 -14.77 -12.97 11.06
N LYS A 106 -13.87 -13.54 11.87
CA LYS A 106 -13.51 -13.04 13.21
C LYS A 106 -12.94 -11.62 13.18
N ASP A 107 -13.37 -10.79 14.13
CA ASP A 107 -13.00 -9.37 14.28
C ASP A 107 -12.82 -8.98 15.76
N LEU A 108 -12.53 -7.69 16.01
CA LEU A 108 -12.33 -7.09 17.33
C LEU A 108 -12.88 -5.65 17.37
N ALA A 109 -13.47 -5.24 18.50
CA ALA A 109 -14.02 -3.91 18.73
C ALA A 109 -12.96 -2.82 19.01
N SER A 110 -11.82 -2.86 18.31
CA SER A 110 -10.66 -1.97 18.50
C SER A 110 -10.74 -0.62 17.76
N LEU A 111 -11.75 -0.42 16.90
CA LEU A 111 -11.92 0.79 16.07
C LEU A 111 -12.21 2.05 16.89
N SER A 112 -11.81 3.22 16.38
CA SER A 112 -12.05 4.52 17.02
C SER A 112 -13.56 4.86 17.06
N ARG A 113 -14.02 5.41 18.20
CA ARG A 113 -15.42 5.79 18.44
C ARG A 113 -15.77 7.14 17.78
N ASP A 114 -17.05 7.32 17.44
CA ASP A 114 -17.64 8.56 16.88
C ASP A 114 -17.77 9.68 17.93
N GLY A 1 -23.57 -13.42 12.78
CA GLY A 1 -23.12 -12.30 11.91
C GLY A 1 -22.84 -12.78 10.49
N MET A 2 -22.87 -11.86 9.52
CA MET A 2 -22.56 -12.14 8.11
C MET A 2 -21.07 -12.45 7.86
N PRO A 3 -20.70 -13.19 6.80
CA PRO A 3 -19.30 -13.43 6.42
C PRO A 3 -18.50 -12.15 6.10
N PRO A 4 -17.17 -12.16 6.24
CA PRO A 4 -16.30 -11.05 5.85
C PRO A 4 -16.32 -10.79 4.33
N PRO A 5 -16.01 -9.56 3.86
CA PRO A 5 -16.00 -9.20 2.45
C PRO A 5 -14.91 -9.93 1.65
N ALA A 6 -15.21 -10.27 0.39
CA ALA A 6 -14.28 -10.92 -0.54
C ALA A 6 -13.24 -9.97 -1.19
N ASP A 7 -13.27 -8.69 -0.83
CA ASP A 7 -12.42 -7.61 -1.37
C ASP A 7 -10.99 -7.61 -0.75
N ILE A 8 -10.34 -8.77 -0.77
CA ILE A 8 -8.99 -9.02 -0.23
C ILE A 8 -8.16 -9.80 -1.26
N VAL A 9 -6.91 -9.38 -1.49
CA VAL A 9 -6.02 -9.94 -2.51
C VAL A 9 -4.62 -10.23 -1.96
N LYS A 10 -4.09 -11.43 -2.22
CA LYS A 10 -2.71 -11.80 -1.88
C LYS A 10 -1.73 -11.18 -2.87
N VAL A 11 -0.58 -10.71 -2.39
CA VAL A 11 0.47 -10.05 -3.17
C VAL A 11 1.87 -10.48 -2.71
N ALA A 12 2.84 -10.37 -3.61
CA ALA A 12 4.27 -10.52 -3.29
C ALA A 12 4.97 -9.15 -3.39
N ILE A 13 5.94 -8.87 -2.53
CA ILE A 13 6.54 -7.54 -2.39
C ILE A 13 8.07 -7.63 -2.41
N GLU A 14 8.70 -6.91 -3.32
CA GLU A 14 10.15 -6.76 -3.44
C GLU A 14 10.73 -5.70 -2.48
N TRP A 15 11.93 -5.98 -1.93
CA TRP A 15 12.75 -5.04 -1.17
C TRP A 15 14.24 -5.44 -1.23
N PRO A 16 15.21 -4.51 -1.30
CA PRO A 16 16.63 -4.85 -1.47
C PRO A 16 17.22 -5.65 -0.30
N GLY A 17 18.10 -6.60 -0.61
CA GLY A 17 18.80 -7.43 0.38
C GLY A 17 17.92 -8.47 1.12
N ALA A 18 16.70 -8.72 0.63
CA ALA A 18 15.72 -9.63 1.23
C ALA A 18 14.95 -10.46 0.18
N TYR A 19 14.43 -11.61 0.60
CA TYR A 19 13.49 -12.42 -0.20
C TYR A 19 12.12 -11.73 -0.32
N PRO A 20 11.33 -11.98 -1.40
CA PRO A 20 10.01 -11.36 -1.57
C PRO A 20 9.04 -11.70 -0.43
N LYS A 21 8.42 -10.68 0.17
CA LYS A 21 7.43 -10.85 1.24
C LYS A 21 6.05 -11.12 0.64
N LEU A 22 5.43 -12.23 1.03
CA LEU A 22 4.01 -12.51 0.74
C LEU A 22 3.14 -11.88 1.84
N MET A 23 2.04 -11.22 1.44
CA MET A 23 1.03 -10.66 2.35
C MET A 23 -0.33 -10.50 1.67
N GLU A 24 -1.37 -10.09 2.40
CA GLU A 24 -2.73 -9.89 1.88
C GLU A 24 -3.19 -8.43 2.07
N ILE A 25 -3.47 -7.76 0.96
CA ILE A 25 -4.03 -6.41 0.91
C ILE A 25 -5.56 -6.50 1.03
N ASP A 26 -6.08 -6.02 2.17
CA ASP A 26 -7.51 -5.82 2.40
C ASP A 26 -7.92 -4.44 1.85
N GLN A 27 -8.83 -4.40 0.88
CA GLN A 27 -9.27 -3.14 0.27
C GLN A 27 -10.09 -2.24 1.21
N LYS A 28 -10.55 -2.77 2.36
CA LYS A 28 -11.20 -1.97 3.43
C LYS A 28 -10.21 -1.30 4.39
N LYS A 29 -8.97 -1.83 4.52
CA LYS A 29 -7.91 -1.23 5.37
C LYS A 29 -7.29 0.00 4.72
N PRO A 30 -6.85 1.01 5.50
CA PRO A 30 -6.07 2.14 5.00
C PRO A 30 -4.69 1.70 4.53
N LEU A 31 -4.19 2.32 3.46
CA LEU A 31 -2.86 2.03 2.92
C LEU A 31 -1.75 2.32 3.93
N SER A 32 -1.92 3.32 4.80
CA SER A 32 -0.97 3.62 5.88
C SER A 32 -0.77 2.43 6.84
N ALA A 33 -1.85 1.73 7.21
CA ALA A 33 -1.76 0.51 8.03
C ALA A 33 -1.17 -0.66 7.24
N ILE A 34 -1.54 -0.84 5.98
CA ILE A 34 -0.98 -1.89 5.11
C ILE A 34 0.53 -1.70 4.95
N ILE A 35 0.99 -0.49 4.65
CA ILE A 35 2.42 -0.15 4.52
C ILE A 35 3.17 -0.42 5.83
N LYS A 36 2.57 -0.12 7.00
CA LYS A 36 3.13 -0.50 8.31
C LYS A 36 3.30 -2.01 8.46
N GLU A 37 2.33 -2.82 8.03
CA GLU A 37 2.39 -4.28 8.09
C GLU A 37 3.47 -4.86 7.14
N VAL A 38 3.72 -4.22 5.99
CA VAL A 38 4.83 -4.56 5.10
C VAL A 38 6.18 -4.21 5.73
N CYS A 39 6.33 -2.98 6.21
CA CYS A 39 7.56 -2.47 6.84
C CYS A 39 7.97 -3.31 8.07
N ASP A 40 7.01 -3.65 8.94
CA ASP A 40 7.23 -4.50 10.12
C ASP A 40 7.72 -5.92 9.76
N GLY A 41 7.34 -6.43 8.58
CA GLY A 41 7.84 -7.70 8.05
C GLY A 41 9.35 -7.73 7.76
N TRP A 42 9.97 -6.57 7.55
CA TRP A 42 11.42 -6.37 7.43
C TRP A 42 12.01 -5.55 8.60
N SER A 43 11.26 -5.37 9.69
CA SER A 43 11.62 -4.54 10.88
C SER A 43 11.98 -3.08 10.54
N LEU A 44 11.45 -2.54 9.43
CA LEU A 44 11.68 -1.17 8.97
C LEU A 44 10.91 -0.17 9.86
N ALA A 45 11.64 0.73 10.50
CA ALA A 45 11.08 1.85 11.28
C ALA A 45 10.53 2.97 10.37
N ASN A 46 9.74 3.86 10.95
CA ASN A 46 9.22 5.09 10.32
C ASN A 46 8.44 4.81 9.00
N HIS A 47 7.44 3.93 9.05
CA HIS A 47 6.60 3.57 7.89
C HIS A 47 5.87 4.77 7.25
N GLU A 48 5.76 5.89 7.97
CA GLU A 48 5.30 7.20 7.46
C GLU A 48 6.11 7.73 6.26
N TYR A 49 7.33 7.23 6.05
CA TYR A 49 8.22 7.56 4.93
C TYR A 49 7.93 6.72 3.68
N PHE A 50 7.20 5.61 3.82
CA PHE A 50 7.04 4.58 2.80
C PHE A 50 5.73 4.66 2.00
N ALA A 51 5.77 4.03 0.82
CA ALA A 51 4.68 3.77 -0.09
C ALA A 51 4.86 2.42 -0.77
N LEU A 52 3.76 1.77 -1.15
CA LEU A 52 3.79 0.61 -2.04
C LEU A 52 3.81 1.10 -3.50
N GLN A 53 4.34 0.26 -4.39
CA GLN A 53 4.48 0.55 -5.81
C GLN A 53 4.38 -0.75 -6.62
N HIS A 54 3.89 -0.68 -7.86
CA HIS A 54 3.86 -1.84 -8.77
C HIS A 54 5.26 -2.29 -9.21
N ALA A 55 5.41 -3.60 -9.49
CA ALA A 55 6.62 -4.20 -10.03
C ALA A 55 6.38 -5.16 -11.23
N ASP A 56 5.12 -5.46 -11.58
CA ASP A 56 4.73 -6.18 -12.81
C ASP A 56 4.88 -5.29 -14.06
N SER A 57 6.13 -5.02 -14.46
CA SER A 57 6.60 -4.11 -15.52
C SER A 57 6.27 -2.62 -15.31
N SER A 58 5.03 -2.29 -14.95
CA SER A 58 4.61 -0.95 -14.51
C SER A 58 5.16 -0.61 -13.11
N ASN A 59 5.40 0.67 -12.84
CA ASN A 59 5.95 1.19 -11.57
C ASN A 59 5.11 2.36 -11.00
N PHE A 60 3.78 2.30 -11.16
CA PHE A 60 2.86 3.25 -10.51
C PHE A 60 2.91 3.10 -8.98
N TYR A 61 2.98 4.21 -8.24
CA TYR A 61 2.81 4.21 -6.78
C TYR A 61 1.35 3.87 -6.43
N ILE A 62 1.14 3.14 -5.32
CA ILE A 62 -0.19 2.79 -4.83
C ILE A 62 -0.83 3.96 -4.06
N THR A 63 -2.12 4.18 -4.31
CA THR A 63 -2.95 5.27 -3.80
C THR A 63 -4.38 4.76 -3.59
N GLU A 64 -5.27 5.56 -3.00
CA GLU A 64 -6.70 5.21 -2.84
C GLU A 64 -7.41 4.94 -4.18
N LYS A 65 -6.88 5.43 -5.30
CA LYS A 65 -7.32 5.08 -6.67
C LYS A 65 -6.57 3.87 -7.24
N ASN A 66 -5.25 3.82 -7.11
CA ASN A 66 -4.39 2.83 -7.78
C ASN A 66 -4.40 1.46 -7.08
N ARG A 67 -4.79 1.39 -5.80
CA ARG A 67 -4.98 0.13 -5.06
C ARG A 67 -6.01 -0.81 -5.70
N ASN A 68 -6.96 -0.26 -6.46
CA ASN A 68 -7.99 -1.01 -7.19
C ASN A 68 -7.44 -1.73 -8.45
N GLU A 69 -6.26 -1.34 -8.93
CA GLU A 69 -5.54 -2.03 -10.02
C GLU A 69 -4.79 -3.29 -9.55
N ILE A 70 -4.61 -3.46 -8.24
CA ILE A 70 -4.02 -4.66 -7.63
C ILE A 70 -5.01 -5.84 -7.74
N LYS A 71 -4.51 -6.98 -8.20
CA LYS A 71 -5.22 -8.27 -8.25
C LYS A 71 -4.48 -9.37 -7.48
N ASN A 72 -5.16 -10.48 -7.20
CA ASN A 72 -4.55 -11.62 -6.50
C ASN A 72 -3.35 -12.18 -7.30
N GLY A 73 -2.17 -12.20 -6.67
CA GLY A 73 -0.89 -12.58 -7.30
C GLY A 73 -0.07 -11.42 -7.89
N THR A 74 -0.47 -10.15 -7.69
CA THR A 74 0.31 -8.98 -8.14
C THR A 74 1.67 -8.90 -7.44
N ILE A 75 2.74 -8.65 -8.19
CA ILE A 75 4.06 -8.33 -7.65
C ILE A 75 4.18 -6.80 -7.48
N LEU A 76 4.44 -6.38 -6.26
CA LEU A 76 4.69 -5.00 -5.82
C LEU A 76 6.15 -4.84 -5.37
N ARG A 77 6.52 -3.62 -5.00
CA ARG A 77 7.77 -3.27 -4.32
C ARG A 77 7.51 -2.23 -3.24
N LEU A 78 8.27 -2.31 -2.15
CA LEU A 78 8.30 -1.29 -1.10
C LEU A 78 9.30 -0.18 -1.49
N THR A 79 8.95 1.08 -1.23
CA THR A 79 9.77 2.25 -1.61
C THR A 79 9.47 3.44 -0.69
N THR A 80 10.43 4.34 -0.48
CA THR A 80 10.18 5.62 0.21
C THR A 80 9.47 6.59 -0.74
N SER A 81 8.42 7.27 -0.26
CA SER A 81 7.59 8.16 -1.06
C SER A 81 8.38 9.39 -1.57
N PRO A 82 8.20 9.80 -2.85
CA PRO A 82 8.90 10.94 -3.45
C PRO A 82 8.47 12.31 -2.88
N ALA A 83 7.37 12.35 -2.10
CA ALA A 83 6.78 13.55 -1.52
C ALA A 83 6.92 13.65 0.03
N GLN A 84 7.62 12.71 0.68
CA GLN A 84 7.61 12.57 2.14
C GLN A 84 8.42 13.65 2.88
N ASN A 85 9.53 14.14 2.30
CA ASN A 85 10.36 15.21 2.87
C ASN A 85 9.70 16.60 2.71
N ALA A 86 9.08 16.83 1.55
CA ALA A 86 8.32 18.02 1.17
C ALA A 86 7.35 17.65 0.03
N GLN A 87 6.11 18.16 0.10
CA GLN A 87 5.01 17.76 -0.79
C GLN A 87 5.27 18.16 -2.25
N GLN A 88 5.21 17.17 -3.16
CA GLN A 88 5.38 17.37 -4.60
C GLN A 88 4.15 18.03 -5.26
N LEU A 89 2.99 17.96 -4.60
CA LEU A 89 1.68 18.45 -5.07
C LEU A 89 0.84 18.96 -3.89
N HIS A 90 0.08 20.04 -4.09
CA HIS A 90 -0.72 20.72 -3.05
C HIS A 90 -2.16 21.06 -3.48
N GLU A 91 -2.54 20.72 -4.71
CA GLU A 91 -3.86 20.96 -5.32
C GLU A 91 -4.15 19.88 -6.38
N ARG A 92 -5.43 19.54 -6.63
CA ARG A 92 -5.82 18.55 -7.65
C ARG A 92 -5.70 19.11 -9.08
N ILE A 93 -4.45 19.22 -9.55
CA ILE A 93 -4.11 19.46 -10.95
C ILE A 93 -4.54 18.23 -11.77
N GLN A 94 -4.82 18.38 -13.07
CA GLN A 94 -5.39 17.31 -13.92
C GLN A 94 -4.56 16.02 -13.93
N SER A 95 -3.23 16.13 -13.78
CA SER A 95 -2.30 15.01 -13.54
C SER A 95 -1.23 15.42 -12.51
N SER A 96 -0.70 14.44 -11.77
CA SER A 96 0.24 14.66 -10.66
C SER A 96 1.63 15.14 -11.08
N SER A 97 1.98 14.99 -12.36
CA SER A 97 3.28 15.37 -12.95
C SER A 97 3.17 15.63 -14.46
N MET A 98 4.13 16.39 -15.02
CA MET A 98 4.17 16.72 -16.45
C MET A 98 4.56 15.53 -17.35
N ASP A 99 5.29 14.56 -16.80
CA ASP A 99 5.69 13.29 -17.44
C ASP A 99 5.59 12.12 -16.45
N ALA A 100 5.31 10.91 -16.96
CA ALA A 100 5.15 9.69 -16.16
C ALA A 100 6.49 9.05 -15.70
N LYS A 101 7.63 9.50 -16.22
CA LYS A 101 8.97 8.94 -15.96
C LYS A 101 9.42 9.14 -14.51
N LEU A 102 10.05 8.12 -13.94
CA LEU A 102 10.75 8.19 -12.65
C LEU A 102 12.14 8.86 -12.79
N GLU A 103 12.69 9.35 -11.68
CA GLU A 103 13.96 10.09 -11.61
C GLU A 103 14.78 9.72 -10.36
N ALA A 104 16.08 10.06 -10.37
CA ALA A 104 17.02 9.87 -9.26
C ALA A 104 16.83 10.90 -8.13
N LEU A 105 15.61 10.96 -7.57
CA LEU A 105 15.16 11.99 -6.62
C LEU A 105 15.91 11.98 -5.28
N LYS A 106 16.68 10.94 -4.97
CA LYS A 106 17.60 10.88 -3.83
C LYS A 106 18.65 12.00 -3.82
N ASP A 107 19.03 12.53 -4.99
CA ASP A 107 19.92 13.68 -5.13
C ASP A 107 19.24 15.03 -4.82
N LEU A 108 17.93 15.12 -5.07
CA LEU A 108 17.08 16.30 -4.82
C LEU A 108 16.51 16.35 -3.39
N ALA A 109 16.31 15.19 -2.77
CA ALA A 109 15.65 15.05 -1.46
C ALA A 109 16.37 15.81 -0.32
N SER A 110 15.58 16.36 0.59
CA SER A 110 16.03 17.23 1.69
C SER A 110 16.76 16.50 2.84
N LEU A 111 16.66 15.16 2.88
CA LEU A 111 17.17 14.27 3.95
C LEU A 111 16.58 14.51 5.36
N SER A 112 15.55 15.36 5.46
CA SER A 112 14.78 15.68 6.67
C SER A 112 13.43 16.30 6.26
N ARG A 113 12.41 16.24 7.13
CA ARG A 113 11.06 16.77 6.84
C ARG A 113 10.96 18.28 7.14
N ASP A 114 10.33 19.02 6.21
CA ASP A 114 9.94 20.43 6.40
C ASP A 114 8.73 20.61 7.34
N GLY A 1 -21.03 -18.60 -14.66
CA GLY A 1 -19.59 -18.26 -14.59
C GLY A 1 -19.03 -18.36 -13.18
N MET A 2 -17.79 -17.90 -12.98
CA MET A 2 -17.12 -17.88 -11.67
C MET A 2 -17.74 -16.84 -10.70
N PRO A 3 -17.59 -17.01 -9.37
CA PRO A 3 -18.06 -16.03 -8.37
C PRO A 3 -17.41 -14.64 -8.51
N PRO A 4 -18.03 -13.57 -7.98
CA PRO A 4 -17.47 -12.21 -7.98
C PRO A 4 -16.11 -12.10 -7.24
N PRO A 5 -15.25 -11.12 -7.59
CA PRO A 5 -13.97 -10.88 -6.91
C PRO A 5 -14.13 -10.56 -5.40
N ALA A 6 -13.17 -11.02 -4.59
CA ALA A 6 -13.09 -10.73 -3.16
C ALA A 6 -12.62 -9.29 -2.86
N ASP A 7 -12.94 -8.79 -1.66
CA ASP A 7 -12.46 -7.51 -1.10
C ASP A 7 -11.07 -7.60 -0.44
N ILE A 8 -10.38 -8.73 -0.61
CA ILE A 8 -9.00 -8.98 -0.15
C ILE A 8 -8.24 -9.71 -1.26
N VAL A 9 -6.99 -9.29 -1.53
CA VAL A 9 -6.14 -9.83 -2.61
C VAL A 9 -4.72 -10.13 -2.12
N LYS A 10 -4.18 -11.31 -2.46
CA LYS A 10 -2.80 -11.71 -2.13
C LYS A 10 -1.79 -11.08 -3.08
N VAL A 11 -0.64 -10.65 -2.57
CA VAL A 11 0.44 -9.95 -3.29
C VAL A 11 1.82 -10.42 -2.83
N ALA A 12 2.83 -10.24 -3.69
CA ALA A 12 4.24 -10.50 -3.38
C ALA A 12 5.05 -9.20 -3.48
N ILE A 13 5.64 -8.76 -2.37
CA ILE A 13 6.31 -7.45 -2.25
C ILE A 13 7.83 -7.63 -2.23
N GLU A 14 8.53 -6.91 -3.10
CA GLU A 14 9.99 -6.88 -3.17
C GLU A 14 10.62 -5.79 -2.28
N TRP A 15 11.83 -6.05 -1.79
CA TRP A 15 12.71 -5.11 -1.10
C TRP A 15 14.20 -5.50 -1.31
N PRO A 16 15.15 -4.55 -1.47
CA PRO A 16 16.54 -4.88 -1.77
C PRO A 16 17.22 -5.74 -0.68
N GLY A 17 17.98 -6.75 -1.11
CA GLY A 17 18.70 -7.66 -0.22
C GLY A 17 17.82 -8.67 0.55
N ALA A 18 16.55 -8.81 0.19
CA ALA A 18 15.58 -9.70 0.84
C ALA A 18 14.73 -10.49 -0.17
N TYR A 19 14.24 -11.66 0.26
CA TYR A 19 13.25 -12.45 -0.48
C TYR A 19 11.86 -11.77 -0.50
N PRO A 20 11.02 -11.97 -1.53
CA PRO A 20 9.71 -11.34 -1.61
C PRO A 20 8.78 -11.70 -0.44
N LYS A 21 8.17 -10.69 0.19
CA LYS A 21 7.19 -10.84 1.27
C LYS A 21 5.81 -11.11 0.68
N LEU A 22 5.28 -12.32 0.89
CA LEU A 22 3.88 -12.65 0.59
C LEU A 22 2.98 -12.09 1.70
N MET A 23 1.94 -11.34 1.32
CA MET A 23 0.90 -10.85 2.24
C MET A 23 -0.42 -10.58 1.52
N GLU A 24 -1.45 -10.17 2.25
CA GLU A 24 -2.75 -9.80 1.70
C GLU A 24 -3.06 -8.30 1.88
N ILE A 25 -3.55 -7.68 0.81
CA ILE A 25 -4.08 -6.31 0.79
C ILE A 25 -5.59 -6.36 0.97
N ASP A 26 -6.06 -5.91 2.13
CA ASP A 26 -7.47 -5.80 2.49
C ASP A 26 -8.02 -4.43 2.04
N GLN A 27 -8.96 -4.42 1.09
CA GLN A 27 -9.49 -3.19 0.51
C GLN A 27 -10.38 -2.39 1.49
N LYS A 28 -10.76 -2.95 2.65
CA LYS A 28 -11.43 -2.24 3.74
C LYS A 28 -10.45 -1.53 4.70
N LYS A 29 -9.18 -1.94 4.75
CA LYS A 29 -8.13 -1.34 5.59
C LYS A 29 -7.52 -0.07 4.96
N PRO A 30 -7.08 0.92 5.76
CA PRO A 30 -6.29 2.04 5.28
C PRO A 30 -4.92 1.58 4.80
N LEU A 31 -4.38 2.24 3.77
CA LEU A 31 -3.04 1.95 3.24
C LEU A 31 -1.94 2.18 4.28
N SER A 32 -2.12 3.11 5.22
CA SER A 32 -1.18 3.30 6.35
C SER A 32 -1.04 2.03 7.21
N ALA A 33 -2.15 1.37 7.56
CA ALA A 33 -2.13 0.10 8.30
C ALA A 33 -1.45 -1.03 7.50
N ILE A 34 -1.69 -1.10 6.19
CA ILE A 34 -1.08 -2.10 5.30
C ILE A 34 0.43 -1.84 5.18
N ILE A 35 0.87 -0.60 4.92
CA ILE A 35 2.28 -0.23 4.79
C ILE A 35 3.03 -0.47 6.10
N LYS A 36 2.39 -0.24 7.26
CA LYS A 36 2.93 -0.60 8.58
C LYS A 36 3.15 -2.13 8.72
N GLU A 37 2.24 -2.94 8.21
CA GLU A 37 2.38 -4.39 8.15
C GLU A 37 3.43 -4.87 7.11
N VAL A 38 3.72 -4.09 6.06
CA VAL A 38 4.85 -4.38 5.15
C VAL A 38 6.19 -4.16 5.87
N CYS A 39 6.46 -2.93 6.30
CA CYS A 39 7.77 -2.51 6.80
C CYS A 39 8.19 -3.26 8.08
N ASP A 40 7.24 -3.62 8.96
CA ASP A 40 7.50 -4.46 10.14
C ASP A 40 8.04 -5.86 9.79
N GLY A 41 7.69 -6.39 8.61
CA GLY A 41 8.21 -7.67 8.09
C GLY A 41 9.71 -7.66 7.80
N TRP A 42 10.29 -6.48 7.57
CA TRP A 42 11.74 -6.25 7.42
C TRP A 42 12.33 -5.36 8.52
N SER A 43 11.59 -5.14 9.61
CA SER A 43 11.95 -4.26 10.75
C SER A 43 12.30 -2.81 10.36
N LEU A 44 11.76 -2.31 9.25
CA LEU A 44 11.97 -0.96 8.73
C LEU A 44 11.13 0.07 9.53
N ALA A 45 11.78 1.16 9.97
CA ALA A 45 11.18 2.19 10.82
C ALA A 45 10.37 3.24 10.04
N ASN A 46 9.53 4.00 10.77
CA ASN A 46 8.80 5.19 10.32
C ASN A 46 7.97 4.98 9.03
N HIS A 47 6.91 4.17 9.12
CA HIS A 47 6.13 3.71 7.96
C HIS A 47 5.43 4.85 7.19
N GLU A 48 5.28 6.03 7.80
CA GLU A 48 4.79 7.26 7.16
C GLU A 48 5.61 7.65 5.91
N TYR A 49 6.92 7.35 5.90
CA TYR A 49 7.82 7.63 4.78
C TYR A 49 7.59 6.69 3.59
N PHE A 50 6.98 5.52 3.80
CA PHE A 50 6.88 4.45 2.83
C PHE A 50 5.59 4.47 2.00
N ALA A 51 5.67 3.82 0.85
CA ALA A 51 4.60 3.53 -0.10
C ALA A 51 4.87 2.19 -0.79
N LEU A 52 3.79 1.50 -1.17
CA LEU A 52 3.88 0.37 -2.09
C LEU A 52 3.94 0.89 -3.53
N GLN A 53 4.45 0.09 -4.46
CA GLN A 53 4.58 0.43 -5.88
C GLN A 53 4.45 -0.82 -6.73
N HIS A 54 3.91 -0.70 -7.95
CA HIS A 54 3.89 -1.81 -8.92
C HIS A 54 5.30 -2.15 -9.42
N ALA A 55 5.67 -3.44 -9.40
CA ALA A 55 6.96 -3.95 -9.86
C ALA A 55 6.95 -4.46 -11.33
N ASP A 56 5.81 -4.32 -12.02
CA ASP A 56 5.61 -4.64 -13.44
C ASP A 56 6.34 -3.64 -14.37
N SER A 57 6.11 -3.70 -15.69
CA SER A 57 6.55 -2.69 -16.66
C SER A 57 5.98 -1.29 -16.34
N SER A 58 4.81 -1.22 -15.67
CA SER A 58 4.26 0.00 -15.08
C SER A 58 4.67 0.11 -13.61
N ASN A 59 5.08 1.31 -13.17
CA ASN A 59 5.66 1.59 -11.84
C ASN A 59 4.91 2.70 -11.11
N PHE A 60 3.57 2.73 -11.20
CA PHE A 60 2.74 3.61 -10.38
C PHE A 60 2.90 3.30 -8.89
N TYR A 61 3.01 4.34 -8.05
CA TYR A 61 2.91 4.21 -6.60
C TYR A 61 1.46 3.84 -6.23
N ILE A 62 1.27 3.04 -5.18
CA ILE A 62 -0.06 2.70 -4.66
C ILE A 62 -0.63 3.89 -3.87
N THR A 63 -1.91 4.16 -4.10
CA THR A 63 -2.68 5.28 -3.55
C THR A 63 -4.10 4.80 -3.26
N GLU A 64 -4.92 5.62 -2.61
CA GLU A 64 -6.33 5.31 -2.33
C GLU A 64 -7.17 5.09 -3.62
N LYS A 65 -6.67 5.56 -4.78
CA LYS A 65 -7.18 5.25 -6.11
C LYS A 65 -6.51 3.99 -6.70
N ASN A 66 -5.17 3.94 -6.76
CA ASN A 66 -4.42 2.90 -7.48
C ASN A 66 -4.51 1.52 -6.82
N ARG A 67 -4.81 1.44 -5.51
CA ARG A 67 -5.03 0.19 -4.77
C ARG A 67 -6.13 -0.70 -5.37
N ASN A 68 -7.11 -0.10 -6.05
CA ASN A 68 -8.23 -0.82 -6.68
C ASN A 68 -7.81 -1.60 -7.94
N GLU A 69 -6.66 -1.27 -8.54
CA GLU A 69 -6.09 -1.95 -9.71
C GLU A 69 -5.25 -3.19 -9.32
N ILE A 70 -4.89 -3.32 -8.03
CA ILE A 70 -4.24 -4.51 -7.46
C ILE A 70 -5.20 -5.71 -7.51
N LYS A 71 -4.65 -6.86 -7.89
CA LYS A 71 -5.36 -8.15 -8.04
C LYS A 71 -4.54 -9.31 -7.46
N ASN A 72 -5.17 -10.47 -7.27
CA ASN A 72 -4.50 -11.66 -6.71
C ASN A 72 -3.26 -12.06 -7.55
N GLY A 73 -2.10 -12.15 -6.90
CA GLY A 73 -0.80 -12.44 -7.53
C GLY A 73 -0.04 -11.20 -8.07
N THR A 74 -0.47 -9.97 -7.77
CA THR A 74 0.25 -8.75 -8.18
C THR A 74 1.64 -8.70 -7.50
N ILE A 75 2.69 -8.49 -8.29
CA ILE A 75 4.05 -8.24 -7.79
C ILE A 75 4.21 -6.73 -7.51
N LEU A 76 4.57 -6.40 -6.28
CA LEU A 76 4.77 -5.04 -5.77
C LEU A 76 6.22 -4.85 -5.28
N ARG A 77 6.56 -3.63 -4.91
CA ARG A 77 7.84 -3.23 -4.31
C ARG A 77 7.59 -2.21 -3.19
N LEU A 78 8.26 -2.37 -2.05
CA LEU A 78 8.29 -1.36 -0.99
C LEU A 78 9.31 -0.27 -1.35
N THR A 79 8.95 0.99 -1.16
CA THR A 79 9.77 2.15 -1.53
C THR A 79 9.39 3.36 -0.67
N THR A 80 10.29 4.33 -0.46
CA THR A 80 9.91 5.60 0.16
C THR A 80 9.07 6.45 -0.82
N SER A 81 7.97 7.02 -0.33
CA SER A 81 7.12 7.95 -1.09
C SER A 81 7.94 9.17 -1.55
N PRO A 82 7.72 9.70 -2.77
CA PRO A 82 8.39 10.90 -3.25
C PRO A 82 8.02 12.16 -2.45
N ALA A 83 6.93 12.11 -1.66
CA ALA A 83 6.55 13.13 -0.68
C ALA A 83 6.99 12.83 0.77
N GLN A 84 7.47 11.60 1.05
CA GLN A 84 7.72 11.05 2.40
C GLN A 84 6.48 11.12 3.34
N ASN A 85 5.30 11.07 2.75
CA ASN A 85 3.96 10.98 3.35
C ASN A 85 3.04 10.17 2.41
N ALA A 86 1.82 9.84 2.85
CA ALA A 86 0.83 9.14 2.02
C ALA A 86 0.57 9.90 0.69
N GLN A 87 0.67 9.19 -0.44
CA GLN A 87 0.66 9.75 -1.79
C GLN A 87 -0.76 10.07 -2.33
N GLN A 88 -1.52 10.84 -1.56
CA GLN A 88 -2.94 11.15 -1.79
C GLN A 88 -3.19 12.02 -3.04
N LEU A 89 -4.21 11.66 -3.83
CA LEU A 89 -4.71 12.48 -4.95
C LEU A 89 -5.52 13.67 -4.42
N HIS A 90 -5.26 14.88 -4.94
CA HIS A 90 -5.95 16.12 -4.55
C HIS A 90 -7.34 16.30 -5.21
N GLU A 91 -7.55 15.70 -6.39
CA GLU A 91 -8.80 15.77 -7.17
C GLU A 91 -8.91 14.60 -8.15
N ARG A 92 -10.14 14.17 -8.49
CA ARG A 92 -10.41 13.15 -9.52
C ARG A 92 -10.23 13.74 -10.93
N ILE A 93 -9.24 13.22 -11.68
CA ILE A 93 -8.86 13.75 -13.00
C ILE A 93 -9.94 13.45 -14.06
N GLN A 94 -10.47 12.23 -14.08
CA GLN A 94 -11.57 11.82 -14.97
C GLN A 94 -12.90 12.44 -14.49
N SER A 95 -13.62 13.12 -15.39
CA SER A 95 -14.87 13.84 -15.09
C SER A 95 -16.10 12.95 -14.89
N SER A 96 -16.16 11.79 -15.54
CA SER A 96 -17.26 10.80 -15.48
C SER A 96 -16.78 9.40 -15.83
N SER A 97 -17.43 8.36 -15.29
CA SER A 97 -17.07 6.94 -15.44
C SER A 97 -17.41 6.38 -16.84
N MET A 98 -16.71 6.90 -17.86
CA MET A 98 -16.81 6.48 -19.27
C MET A 98 -16.21 5.08 -19.51
N ASP A 99 -16.56 4.47 -20.64
CA ASP A 99 -16.05 3.14 -21.06
C ASP A 99 -14.52 3.15 -21.23
N ALA A 100 -13.83 2.21 -20.58
CA ALA A 100 -12.37 2.08 -20.59
C ALA A 100 -11.77 1.62 -21.93
N LYS A 101 -12.59 1.11 -22.87
CA LYS A 101 -12.17 0.58 -24.18
C LYS A 101 -12.84 1.31 -25.35
N LEU A 102 -12.09 1.48 -26.44
CA LEU A 102 -12.58 1.94 -27.75
C LEU A 102 -13.14 0.76 -28.56
N GLU A 103 -14.33 0.89 -29.15
CA GLU A 103 -14.98 -0.19 -29.90
C GLU A 103 -14.39 -0.40 -31.31
N ALA A 104 -13.96 0.68 -31.97
CA ALA A 104 -13.38 0.69 -33.31
C ALA A 104 -12.66 2.03 -33.60
N LEU A 105 -11.69 2.02 -34.52
CA LEU A 105 -11.06 3.25 -35.01
C LEU A 105 -12.08 4.09 -35.79
N LYS A 106 -12.13 5.40 -35.52
CA LYS A 106 -13.12 6.33 -36.10
C LYS A 106 -12.81 6.65 -37.57
N ASP A 107 -13.83 6.62 -38.42
CA ASP A 107 -13.75 7.07 -39.82
C ASP A 107 -13.83 8.61 -39.94
N LEU A 108 -13.09 9.19 -40.89
CA LEU A 108 -13.07 10.62 -41.20
C LEU A 108 -13.02 10.85 -42.72
N ALA A 109 -13.85 11.76 -43.23
CA ALA A 109 -13.92 12.15 -44.65
C ALA A 109 -14.57 13.54 -44.81
N SER A 110 -14.28 14.23 -45.92
CA SER A 110 -14.96 15.48 -46.31
C SER A 110 -16.40 15.23 -46.80
N LEU A 111 -17.29 16.19 -46.57
CA LEU A 111 -18.67 16.19 -47.06
C LEU A 111 -18.81 16.61 -48.54
N SER A 112 -17.73 17.12 -49.15
CA SER A 112 -17.71 17.65 -50.54
C SER A 112 -16.46 17.19 -51.32
N ARG A 113 -16.59 17.12 -52.66
CA ARG A 113 -15.49 16.78 -53.58
C ARG A 113 -14.39 17.86 -53.65
N ASP A 114 -14.79 19.13 -53.52
CA ASP A 114 -13.92 20.33 -53.57
C ASP A 114 -14.46 21.46 -52.66
N GLY A 1 -27.39 -16.62 -7.40
CA GLY A 1 -25.92 -16.65 -7.50
C GLY A 1 -25.27 -16.73 -6.13
N MET A 2 -23.98 -16.34 -6.04
CA MET A 2 -23.18 -16.32 -4.80
C MET A 2 -22.29 -15.06 -4.73
N PRO A 3 -21.97 -14.55 -3.52
CA PRO A 3 -21.08 -13.39 -3.34
C PRO A 3 -19.62 -13.69 -3.70
N PRO A 4 -18.79 -12.65 -3.99
CA PRO A 4 -17.34 -12.80 -4.20
C PRO A 4 -16.61 -13.22 -2.90
N PRO A 5 -15.37 -13.74 -2.99
CA PRO A 5 -14.54 -14.15 -1.85
C PRO A 5 -13.91 -12.95 -1.09
N ALA A 6 -14.75 -12.00 -0.69
CA ALA A 6 -14.42 -10.68 -0.11
C ALA A 6 -13.58 -9.75 -1.03
N ASP A 7 -13.50 -8.47 -0.65
CA ASP A 7 -12.73 -7.43 -1.36
C ASP A 7 -11.23 -7.47 -1.03
N ILE A 8 -10.62 -8.66 -1.13
CA ILE A 8 -9.25 -8.95 -0.66
C ILE A 8 -8.41 -9.55 -1.80
N VAL A 9 -7.17 -9.07 -1.95
CA VAL A 9 -6.22 -9.47 -2.99
C VAL A 9 -4.86 -9.83 -2.39
N LYS A 10 -4.34 -11.04 -2.70
CA LYS A 10 -3.00 -11.49 -2.32
C LYS A 10 -1.93 -10.80 -3.17
N VAL A 11 -0.80 -10.41 -2.57
CA VAL A 11 0.33 -9.73 -3.23
C VAL A 11 1.67 -10.29 -2.76
N ALA A 12 2.70 -10.16 -3.62
CA ALA A 12 4.09 -10.46 -3.30
C ALA A 12 4.92 -9.17 -3.36
N ILE A 13 5.56 -8.78 -2.25
CA ILE A 13 6.21 -7.47 -2.10
C ILE A 13 7.73 -7.64 -2.06
N GLU A 14 8.43 -6.95 -2.95
CA GLU A 14 9.89 -6.92 -3.03
C GLU A 14 10.52 -5.81 -2.16
N TRP A 15 11.77 -6.05 -1.74
CA TRP A 15 12.66 -5.08 -1.09
C TRP A 15 14.14 -5.47 -1.35
N PRO A 16 15.08 -4.53 -1.56
CA PRO A 16 16.46 -4.87 -1.91
C PRO A 16 17.17 -5.71 -0.84
N GLY A 17 17.86 -6.77 -1.26
CA GLY A 17 18.58 -7.70 -0.37
C GLY A 17 17.68 -8.66 0.44
N ALA A 18 16.39 -8.73 0.14
CA ALA A 18 15.41 -9.59 0.84
C ALA A 18 14.54 -10.42 -0.13
N TYR A 19 14.08 -11.58 0.32
CA TYR A 19 13.10 -12.41 -0.39
C TYR A 19 11.70 -11.76 -0.39
N PRO A 20 10.85 -11.98 -1.42
CA PRO A 20 9.53 -11.36 -1.50
C PRO A 20 8.61 -11.74 -0.33
N LYS A 21 8.00 -10.73 0.31
CA LYS A 21 7.00 -10.89 1.38
C LYS A 21 5.61 -11.12 0.78
N LEU A 22 5.08 -12.34 0.93
CA LEU A 22 3.68 -12.65 0.61
C LEU A 22 2.74 -12.12 1.70
N MET A 23 1.67 -11.43 1.30
CA MET A 23 0.64 -10.89 2.20
C MET A 23 -0.70 -10.67 1.47
N GLU A 24 -1.73 -10.22 2.19
CA GLU A 24 -3.04 -9.89 1.64
C GLU A 24 -3.45 -8.44 1.91
N ILE A 25 -3.89 -7.76 0.86
CA ILE A 25 -4.42 -6.40 0.89
C ILE A 25 -5.95 -6.46 0.87
N ASP A 26 -6.57 -6.11 1.99
CA ASP A 26 -8.01 -5.88 2.09
C ASP A 26 -8.31 -4.46 1.58
N GLN A 27 -9.08 -4.32 0.51
CA GLN A 27 -9.39 -3.02 -0.10
C GLN A 27 -10.20 -2.07 0.82
N LYS A 28 -10.79 -2.59 1.91
CA LYS A 28 -11.46 -1.80 2.95
C LYS A 28 -10.52 -1.28 4.06
N LYS A 29 -9.34 -1.89 4.28
CA LYS A 29 -8.36 -1.46 5.30
C LYS A 29 -7.41 -0.38 4.75
N PRO A 30 -6.91 0.55 5.58
CA PRO A 30 -6.10 1.68 5.13
C PRO A 30 -4.69 1.25 4.70
N LEU A 31 -4.17 1.92 3.66
CA LEU A 31 -2.83 1.68 3.15
C LEU A 31 -1.75 1.99 4.20
N SER A 32 -1.97 2.96 5.10
CA SER A 32 -1.05 3.26 6.22
C SER A 32 -0.86 2.05 7.13
N ALA A 33 -1.94 1.32 7.46
CA ALA A 33 -1.86 0.09 8.26
C ALA A 33 -1.16 -1.05 7.49
N ILE A 34 -1.45 -1.20 6.20
CA ILE A 34 -0.78 -2.18 5.33
C ILE A 34 0.72 -1.91 5.25
N ILE A 35 1.14 -0.67 4.96
CA ILE A 35 2.56 -0.28 4.84
C ILE A 35 3.30 -0.51 6.17
N LYS A 36 2.66 -0.23 7.32
CA LYS A 36 3.18 -0.56 8.66
C LYS A 36 3.37 -2.07 8.86
N GLU A 37 2.45 -2.89 8.36
CA GLU A 37 2.56 -4.35 8.38
C GLU A 37 3.62 -4.91 7.41
N VAL A 38 3.91 -4.23 6.30
CA VAL A 38 5.01 -4.59 5.38
C VAL A 38 6.37 -4.32 6.03
N CYS A 39 6.65 -3.06 6.37
CA CYS A 39 7.97 -2.60 6.83
C CYS A 39 8.43 -3.32 8.12
N ASP A 40 7.51 -3.66 9.02
CA ASP A 40 7.78 -4.44 10.24
C ASP A 40 8.35 -5.84 9.94
N GLY A 41 7.96 -6.44 8.80
CA GLY A 41 8.50 -7.73 8.32
C GLY A 41 9.99 -7.71 7.98
N TRP A 42 10.54 -6.52 7.69
CA TRP A 42 11.97 -6.26 7.47
C TRP A 42 12.59 -5.33 8.54
N SER A 43 11.88 -5.07 9.64
CA SER A 43 12.23 -4.16 10.75
C SER A 43 12.52 -2.70 10.34
N LEU A 44 12.01 -2.27 9.18
CA LEU A 44 12.18 -0.92 8.64
C LEU A 44 11.35 0.11 9.44
N ALA A 45 12.00 1.17 9.93
CA ALA A 45 11.39 2.21 10.76
C ALA A 45 10.59 3.25 9.95
N ASN A 46 9.78 4.06 10.64
CA ASN A 46 9.06 5.23 10.12
C ASN A 46 8.19 4.91 8.88
N HIS A 47 7.18 4.04 9.04
CA HIS A 47 6.34 3.54 7.94
C HIS A 47 5.60 4.65 7.18
N GLU A 48 5.34 5.79 7.83
CA GLU A 48 4.75 6.99 7.22
C GLU A 48 5.65 7.65 6.14
N TYR A 49 6.94 7.32 6.08
CA TYR A 49 7.81 7.69 4.95
C TYR A 49 7.59 6.80 3.71
N PHE A 50 7.02 5.60 3.88
CA PHE A 50 6.94 4.57 2.84
C PHE A 50 5.63 4.59 2.04
N ALA A 51 5.69 3.95 0.87
CA ALA A 51 4.59 3.60 -0.02
C ALA A 51 4.88 2.27 -0.73
N LEU A 52 3.84 1.60 -1.18
CA LEU A 52 3.94 0.49 -2.10
C LEU A 52 3.97 1.00 -3.54
N GLN A 53 4.61 0.27 -4.43
CA GLN A 53 4.73 0.60 -5.86
C GLN A 53 4.57 -0.69 -6.70
N HIS A 54 3.94 -0.58 -7.86
CA HIS A 54 3.79 -1.70 -8.80
C HIS A 54 5.13 -2.19 -9.35
N ALA A 55 5.24 -3.52 -9.49
CA ALA A 55 6.40 -4.19 -10.12
C ALA A 55 5.97 -5.21 -11.20
N ASP A 56 4.78 -5.81 -11.10
CA ASP A 56 4.17 -6.60 -12.19
C ASP A 56 3.72 -5.69 -13.34
N SER A 57 3.01 -4.59 -13.00
CA SER A 57 2.68 -3.48 -13.91
C SER A 57 3.83 -2.45 -13.98
N SER A 58 3.63 -1.36 -14.73
CA SER A 58 4.53 -0.19 -14.73
C SER A 58 4.64 0.45 -13.33
N ASN A 59 5.67 1.27 -13.09
CA ASN A 59 6.10 1.81 -11.80
C ASN A 59 5.15 2.83 -11.11
N PHE A 60 3.84 2.65 -11.18
CA PHE A 60 2.86 3.47 -10.46
C PHE A 60 2.93 3.25 -8.94
N TYR A 61 2.90 4.32 -8.15
CA TYR A 61 2.72 4.22 -6.69
C TYR A 61 1.29 3.79 -6.34
N ILE A 62 1.13 2.99 -5.28
CA ILE A 62 -0.19 2.62 -4.75
C ILE A 62 -0.75 3.78 -3.92
N THR A 63 -2.03 4.09 -4.14
CA THR A 63 -2.78 5.18 -3.48
C THR A 63 -4.20 4.69 -3.15
N GLU A 64 -4.95 5.46 -2.37
CA GLU A 64 -6.33 5.14 -1.98
C GLU A 64 -7.28 4.97 -3.19
N LYS A 65 -6.92 5.54 -4.36
CA LYS A 65 -7.59 5.30 -5.65
C LYS A 65 -6.92 4.18 -6.46
N ASN A 66 -5.58 4.19 -6.59
CA ASN A 66 -4.83 3.32 -7.51
C ASN A 66 -4.70 1.87 -7.00
N ARG A 67 -4.92 1.63 -5.71
CA ARG A 67 -5.01 0.28 -5.10
C ARG A 67 -6.03 -0.64 -5.77
N ASN A 68 -7.06 -0.08 -6.42
CA ASN A 68 -8.07 -0.85 -7.16
C ASN A 68 -7.50 -1.54 -8.43
N GLU A 69 -6.32 -1.14 -8.90
CA GLU A 69 -5.60 -1.84 -9.99
C GLU A 69 -4.85 -3.11 -9.52
N ILE A 70 -4.72 -3.34 -8.20
CA ILE A 70 -4.15 -4.56 -7.64
C ILE A 70 -5.13 -5.73 -7.83
N LYS A 71 -4.60 -6.87 -8.27
CA LYS A 71 -5.28 -8.16 -8.42
C LYS A 71 -4.60 -9.26 -7.60
N ASN A 72 -5.26 -10.40 -7.41
CA ASN A 72 -4.67 -11.58 -6.76
C ASN A 72 -3.39 -12.02 -7.51
N GLY A 73 -2.27 -12.11 -6.80
CA GLY A 73 -0.95 -12.46 -7.34
C GLY A 73 -0.12 -11.29 -7.90
N THR A 74 -0.52 -10.03 -7.65
CA THR A 74 0.26 -8.85 -8.09
C THR A 74 1.62 -8.76 -7.39
N ILE A 75 2.68 -8.56 -8.17
CA ILE A 75 4.01 -8.24 -7.64
C ILE A 75 4.11 -6.72 -7.40
N LEU A 76 4.43 -6.34 -6.17
CA LEU A 76 4.68 -4.97 -5.71
C LEU A 76 6.12 -4.84 -5.18
N ARG A 77 6.52 -3.62 -4.82
CA ARG A 77 7.80 -3.29 -4.17
C ARG A 77 7.59 -2.19 -3.14
N LEU A 78 8.22 -2.33 -1.98
CA LEU A 78 8.28 -1.29 -0.94
C LEU A 78 9.28 -0.20 -1.32
N THR A 79 8.95 1.07 -1.06
CA THR A 79 9.78 2.23 -1.44
C THR A 79 9.44 3.45 -0.56
N THR A 80 10.39 4.36 -0.32
CA THR A 80 10.09 5.65 0.32
C THR A 80 9.28 6.54 -0.64
N SER A 81 8.14 7.04 -0.17
CA SER A 81 7.20 7.87 -0.94
C SER A 81 7.83 9.22 -1.33
N PRO A 82 7.59 9.75 -2.54
CA PRO A 82 8.00 11.11 -2.91
C PRO A 82 7.51 12.19 -1.93
N ALA A 83 6.35 11.97 -1.28
CA ALA A 83 5.77 12.88 -0.28
C ALA A 83 6.68 13.15 0.94
N GLN A 84 7.68 12.30 1.23
CA GLN A 84 8.65 12.54 2.30
C GLN A 84 9.67 13.67 1.98
N ASN A 85 9.71 14.15 0.73
CA ASN A 85 10.60 15.24 0.29
C ASN A 85 9.88 16.26 -0.63
N ALA A 86 9.37 15.82 -1.79
CA ALA A 86 8.66 16.64 -2.77
C ALA A 86 7.85 15.78 -3.76
N GLN A 87 6.61 16.20 -4.07
CA GLN A 87 5.72 15.53 -5.03
C GLN A 87 4.85 16.55 -5.77
N GLN A 88 5.48 17.29 -6.70
CA GLN A 88 4.84 18.34 -7.49
C GLN A 88 3.86 17.79 -8.55
N LEU A 89 2.84 18.59 -8.88
CA LEU A 89 1.91 18.32 -10.00
C LEU A 89 2.62 18.45 -11.37
N HIS A 90 2.16 17.70 -12.37
CA HIS A 90 2.71 17.68 -13.73
C HIS A 90 1.61 17.64 -14.81
N GLU A 91 1.95 18.07 -16.03
CA GLU A 91 1.02 18.28 -17.15
C GLU A 91 0.66 16.97 -17.89
N ARG A 92 -0.02 16.04 -17.21
CA ARG A 92 -0.47 14.73 -17.74
C ARG A 92 -1.51 14.81 -18.87
N ILE A 93 -1.94 16.01 -19.28
CA ILE A 93 -2.85 16.24 -20.41
C ILE A 93 -2.31 15.59 -21.71
N GLN A 94 -0.99 15.61 -21.90
CA GLN A 94 -0.29 14.93 -23.00
C GLN A 94 0.09 13.47 -22.67
N SER A 95 -0.19 12.55 -23.59
CA SER A 95 0.28 11.15 -23.58
C SER A 95 0.14 10.51 -24.97
N SER A 96 0.99 9.52 -25.28
CA SER A 96 0.98 8.80 -26.57
C SER A 96 -0.22 7.87 -26.74
N SER A 97 -0.67 7.68 -27.98
CA SER A 97 -1.68 6.69 -28.38
C SER A 97 -1.14 5.25 -28.46
N MET A 98 0.18 5.05 -28.33
CA MET A 98 0.88 3.76 -28.45
C MET A 98 1.90 3.54 -27.32
N ASP A 99 2.36 2.30 -27.16
CA ASP A 99 3.35 1.89 -26.16
C ASP A 99 4.21 0.70 -26.66
N ALA A 100 5.34 0.43 -25.99
CA ALA A 100 6.19 -0.73 -26.25
C ALA A 100 5.57 -2.05 -25.75
N LYS A 101 6.05 -3.18 -26.31
CA LYS A 101 5.72 -4.57 -25.91
C LYS A 101 4.23 -4.94 -26.02
N LEU A 102 3.46 -4.23 -26.85
CA LEU A 102 2.05 -4.54 -27.14
C LEU A 102 1.88 -5.70 -28.13
N GLU A 103 2.89 -5.97 -28.96
CA GLU A 103 2.94 -7.08 -29.92
C GLU A 103 3.20 -8.44 -29.25
N ALA A 104 2.73 -9.53 -29.89
CA ALA A 104 2.88 -10.91 -29.43
C ALA A 104 2.86 -11.92 -30.59
N LEU A 105 3.48 -13.09 -30.40
CA LEU A 105 3.44 -14.24 -31.32
C LEU A 105 2.06 -14.95 -31.31
N LYS A 106 1.82 -15.79 -32.33
CA LYS A 106 0.62 -16.63 -32.46
C LYS A 106 0.93 -17.99 -33.10
N ASP A 107 0.10 -19.00 -32.76
CA ASP A 107 0.10 -20.33 -33.37
C ASP A 107 -0.82 -20.41 -34.61
N LEU A 108 -0.80 -21.56 -35.30
CA LEU A 108 -1.67 -21.89 -36.45
C LEU A 108 -2.40 -23.22 -36.22
N ALA A 109 -3.59 -23.36 -36.82
CA ALA A 109 -4.49 -24.51 -36.66
C ALA A 109 -5.38 -24.73 -37.90
N SER A 110 -6.11 -25.86 -37.92
CA SER A 110 -7.08 -26.23 -38.97
C SER A 110 -8.27 -27.01 -38.40
N LEU A 111 -9.44 -26.84 -39.03
CA LEU A 111 -10.66 -27.60 -38.72
C LEU A 111 -10.63 -29.05 -39.28
N SER A 112 -9.67 -29.38 -40.14
CA SER A 112 -9.57 -30.66 -40.86
C SER A 112 -10.85 -30.99 -41.65
N ARG A 113 -11.35 -29.98 -42.40
CA ARG A 113 -12.63 -30.00 -43.13
C ARG A 113 -12.68 -31.10 -44.20
N ASP A 114 -13.79 -31.83 -44.25
CA ASP A 114 -14.12 -32.86 -45.25
C ASP A 114 -14.41 -32.28 -46.65
N GLY A 1 -26.59 -8.27 -4.26
CA GLY A 1 -26.59 -7.58 -2.94
C GLY A 1 -25.35 -7.95 -2.13
N MET A 2 -25.00 -7.09 -1.16
CA MET A 2 -23.78 -7.13 -0.32
C MET A 2 -22.44 -6.97 -1.10
N PRO A 3 -21.33 -6.57 -0.44
CA PRO A 3 -20.03 -6.40 -1.10
C PRO A 3 -19.48 -7.71 -1.73
N PRO A 4 -18.85 -7.67 -2.92
CA PRO A 4 -18.21 -8.85 -3.53
C PRO A 4 -17.04 -9.41 -2.69
N PRO A 5 -16.77 -10.74 -2.76
CA PRO A 5 -15.68 -11.38 -2.02
C PRO A 5 -14.26 -11.12 -2.60
N ALA A 6 -14.18 -10.29 -3.63
CA ALA A 6 -12.94 -9.83 -4.27
C ALA A 6 -12.26 -8.65 -3.53
N ASP A 7 -12.78 -8.24 -2.37
CA ASP A 7 -12.28 -7.13 -1.55
C ASP A 7 -11.00 -7.43 -0.75
N ILE A 8 -10.38 -8.57 -0.97
CA ILE A 8 -9.05 -8.96 -0.45
C ILE A 8 -8.26 -9.65 -1.58
N VAL A 9 -6.99 -9.27 -1.76
CA VAL A 9 -6.11 -9.78 -2.81
C VAL A 9 -4.71 -10.13 -2.28
N LYS A 10 -4.19 -11.31 -2.65
CA LYS A 10 -2.81 -11.73 -2.36
C LYS A 10 -1.79 -10.95 -3.20
N VAL A 11 -0.67 -10.60 -2.59
CA VAL A 11 0.46 -9.91 -3.26
C VAL A 11 1.82 -10.42 -2.76
N ALA A 12 2.85 -10.27 -3.59
CA ALA A 12 4.25 -10.53 -3.25
C ALA A 12 5.05 -9.22 -3.30
N ILE A 13 5.65 -8.81 -2.18
CA ILE A 13 6.31 -7.49 -2.04
C ILE A 13 7.83 -7.66 -1.98
N GLU A 14 8.54 -6.96 -2.86
CA GLU A 14 10.01 -6.94 -2.92
C GLU A 14 10.64 -5.80 -2.09
N TRP A 15 11.87 -6.04 -1.60
CA TRP A 15 12.75 -5.05 -0.96
C TRP A 15 14.23 -5.45 -1.18
N PRO A 16 15.17 -4.50 -1.38
CA PRO A 16 16.57 -4.84 -1.68
C PRO A 16 17.25 -5.67 -0.58
N GLY A 17 17.97 -6.72 -0.99
CA GLY A 17 18.68 -7.63 -0.08
C GLY A 17 17.78 -8.60 0.70
N ALA A 18 16.49 -8.72 0.36
CA ALA A 18 15.52 -9.58 1.02
C ALA A 18 14.67 -10.41 0.03
N TYR A 19 14.20 -11.57 0.48
CA TYR A 19 13.23 -12.40 -0.26
C TYR A 19 11.83 -11.74 -0.28
N PRO A 20 10.98 -11.99 -1.30
CA PRO A 20 9.66 -11.38 -1.40
C PRO A 20 8.74 -11.74 -0.22
N LYS A 21 8.12 -10.73 0.40
CA LYS A 21 7.12 -10.88 1.47
C LYS A 21 5.74 -11.14 0.85
N LEU A 22 5.24 -12.36 1.01
CA LEU A 22 3.85 -12.72 0.68
C LEU A 22 2.89 -12.18 1.74
N MET A 23 1.81 -11.52 1.32
CA MET A 23 0.76 -10.98 2.20
C MET A 23 -0.59 -10.80 1.48
N GLU A 24 -1.61 -10.35 2.20
CA GLU A 24 -2.93 -10.00 1.65
C GLU A 24 -3.26 -8.52 1.88
N ILE A 25 -3.53 -7.81 0.79
CA ILE A 25 -4.07 -6.44 0.80
C ILE A 25 -5.59 -6.54 0.91
N ASP A 26 -6.11 -6.17 2.08
CA ASP A 26 -7.54 -5.96 2.31
C ASP A 26 -7.93 -4.56 1.82
N GLN A 27 -8.77 -4.49 0.79
CA GLN A 27 -9.16 -3.23 0.14
C GLN A 27 -10.03 -2.32 1.04
N LYS A 28 -10.55 -2.83 2.17
CA LYS A 28 -11.25 -2.04 3.20
C LYS A 28 -10.31 -1.44 4.27
N LYS A 29 -9.11 -2.02 4.48
CA LYS A 29 -8.07 -1.47 5.38
C LYS A 29 -7.30 -0.32 4.71
N PRO A 30 -6.91 0.73 5.46
CA PRO A 30 -6.13 1.83 4.91
C PRO A 30 -4.71 1.39 4.53
N LEU A 31 -4.17 1.96 3.46
CA LEU A 31 -2.82 1.66 3.00
C LEU A 31 -1.75 2.03 4.03
N SER A 32 -1.97 3.05 4.88
CA SER A 32 -1.05 3.40 5.98
C SER A 32 -0.88 2.25 6.98
N ALA A 33 -1.98 1.59 7.39
CA ALA A 33 -1.92 0.41 8.25
C ALA A 33 -1.26 -0.79 7.56
N ILE A 34 -1.55 -1.00 6.27
CA ILE A 34 -0.95 -2.08 5.46
C ILE A 34 0.56 -1.86 5.30
N ILE A 35 1.02 -0.64 4.97
CA ILE A 35 2.44 -0.30 4.82
C ILE A 35 3.20 -0.48 6.14
N LYS A 36 2.57 -0.17 7.29
CA LYS A 36 3.13 -0.48 8.62
C LYS A 36 3.30 -1.99 8.85
N GLU A 37 2.36 -2.81 8.37
CA GLU A 37 2.44 -4.27 8.40
C GLU A 37 3.48 -4.84 7.40
N VAL A 38 3.80 -4.14 6.31
CA VAL A 38 4.93 -4.48 5.41
C VAL A 38 6.27 -4.18 6.08
N CYS A 39 6.49 -2.93 6.50
CA CYS A 39 7.80 -2.44 6.96
C CYS A 39 8.30 -3.18 8.22
N ASP A 40 7.40 -3.60 9.11
CA ASP A 40 7.70 -4.41 10.29
C ASP A 40 8.31 -5.79 9.95
N GLY A 41 7.98 -6.35 8.77
CA GLY A 41 8.54 -7.60 8.26
C GLY A 41 10.04 -7.52 7.94
N TRP A 42 10.56 -6.32 7.70
CA TRP A 42 11.99 -6.01 7.49
C TRP A 42 12.57 -5.06 8.56
N SER A 43 11.82 -4.79 9.63
CA SER A 43 12.16 -3.87 10.73
C SER A 43 12.49 -2.43 10.25
N LEU A 44 11.84 -1.98 9.18
CA LEU A 44 12.02 -0.65 8.60
C LEU A 44 11.22 0.41 9.39
N ALA A 45 11.91 1.46 9.85
CA ALA A 45 11.34 2.54 10.65
C ALA A 45 10.56 3.58 9.82
N ASN A 46 9.77 4.42 10.50
CA ASN A 46 9.07 5.58 9.95
C ASN A 46 8.18 5.25 8.73
N HIS A 47 7.20 4.36 8.91
CA HIS A 47 6.31 3.89 7.84
C HIS A 47 5.50 5.02 7.16
N GLU A 48 5.34 6.16 7.83
CA GLU A 48 4.75 7.39 7.28
C GLU A 48 5.47 7.88 6.00
N TYR A 49 6.77 7.60 5.87
CA TYR A 49 7.58 7.97 4.70
C TYR A 49 7.37 7.01 3.50
N PHE A 50 6.85 5.81 3.75
CA PHE A 50 6.78 4.72 2.77
C PHE A 50 5.49 4.68 1.93
N ALA A 51 5.59 4.03 0.79
CA ALA A 51 4.52 3.68 -0.14
C ALA A 51 4.82 2.34 -0.83
N LEU A 52 3.78 1.62 -1.19
CA LEU A 52 3.90 0.46 -2.09
C LEU A 52 3.93 0.95 -3.54
N GLN A 53 4.55 0.18 -4.42
CA GLN A 53 4.69 0.49 -5.85
C GLN A 53 4.64 -0.81 -6.66
N HIS A 54 4.15 -0.76 -7.90
CA HIS A 54 4.19 -1.91 -8.81
C HIS A 54 5.64 -2.31 -9.14
N ALA A 55 5.93 -3.62 -9.18
CA ALA A 55 7.29 -4.15 -9.36
C ALA A 55 7.82 -4.08 -10.82
N ASP A 56 6.97 -3.74 -11.79
CA ASP A 56 7.34 -3.54 -13.20
C ASP A 56 8.26 -2.31 -13.42
N SER A 57 8.70 -2.10 -14.66
CA SER A 57 9.52 -0.93 -15.07
C SER A 57 8.80 0.43 -14.92
N SER A 58 7.48 0.43 -14.67
CA SER A 58 6.68 1.61 -14.36
C SER A 58 6.98 2.19 -12.96
N ASN A 59 6.52 3.41 -12.72
CA ASN A 59 6.65 4.16 -11.46
C ASN A 59 5.36 4.15 -10.60
N PHE A 60 4.37 3.32 -10.93
CA PHE A 60 3.02 3.39 -10.36
C PHE A 60 2.98 3.10 -8.84
N TYR A 61 2.91 4.16 -8.02
CA TYR A 61 2.67 4.07 -6.59
C TYR A 61 1.23 3.62 -6.29
N ILE A 62 1.06 2.82 -5.26
CA ILE A 62 -0.25 2.39 -4.75
C ILE A 62 -0.82 3.48 -3.84
N THR A 63 -2.07 3.86 -4.09
CA THR A 63 -2.79 4.94 -3.38
C THR A 63 -4.26 4.55 -3.20
N GLU A 64 -5.00 5.27 -2.37
CA GLU A 64 -6.46 5.06 -2.19
C GLU A 64 -7.27 5.33 -3.48
N LYS A 65 -6.65 5.90 -4.52
CA LYS A 65 -7.21 6.11 -5.87
C LYS A 65 -6.64 5.16 -6.95
N ASN A 66 -5.66 4.31 -6.62
CA ASN A 66 -4.95 3.44 -7.57
C ASN A 66 -4.86 1.95 -7.13
N ARG A 67 -5.13 1.64 -5.86
CA ARG A 67 -5.12 0.26 -5.29
C ARG A 67 -6.13 -0.70 -5.92
N ASN A 68 -7.14 -0.18 -6.60
CA ASN A 68 -8.13 -0.94 -7.37
C ASN A 68 -7.50 -1.72 -8.54
N GLU A 69 -6.33 -1.29 -9.04
CA GLU A 69 -5.60 -1.97 -10.13
C GLU A 69 -4.89 -3.26 -9.68
N ILE A 70 -4.75 -3.48 -8.36
CA ILE A 70 -4.15 -4.69 -7.78
C ILE A 70 -5.12 -5.88 -7.91
N LYS A 71 -4.60 -7.02 -8.39
CA LYS A 71 -5.27 -8.33 -8.43
C LYS A 71 -4.54 -9.38 -7.58
N ASN A 72 -5.16 -10.51 -7.32
CA ASN A 72 -4.50 -11.65 -6.65
C ASN A 72 -3.28 -12.13 -7.46
N GLY A 73 -2.13 -12.22 -6.81
CA GLY A 73 -0.83 -12.55 -7.42
C GLY A 73 -0.04 -11.35 -7.97
N THR A 74 -0.44 -10.10 -7.69
CA THR A 74 0.32 -8.90 -8.11
C THR A 74 1.67 -8.83 -7.40
N ILE A 75 2.75 -8.60 -8.16
CA ILE A 75 4.08 -8.34 -7.61
C ILE A 75 4.26 -6.82 -7.38
N LEU A 76 4.59 -6.45 -6.15
CA LEU A 76 4.83 -5.08 -5.69
C LEU A 76 6.26 -4.93 -5.16
N ARG A 77 6.66 -3.71 -4.83
CA ARG A 77 7.88 -3.36 -4.09
C ARG A 77 7.60 -2.24 -3.09
N LEU A 78 8.31 -2.28 -1.97
CA LEU A 78 8.30 -1.22 -0.96
C LEU A 78 9.32 -0.13 -1.32
N THR A 79 8.95 1.14 -1.12
CA THR A 79 9.77 2.30 -1.48
C THR A 79 9.36 3.53 -0.66
N THR A 80 10.24 4.53 -0.48
CA THR A 80 9.83 5.82 0.09
C THR A 80 8.98 6.61 -0.91
N SER A 81 7.93 7.26 -0.40
CA SER A 81 6.87 7.92 -1.18
C SER A 81 7.38 9.10 -2.04
N PRO A 82 6.64 9.50 -3.09
CA PRO A 82 6.94 10.73 -3.83
C PRO A 82 6.68 11.99 -2.97
N ALA A 83 5.78 11.91 -1.98
CA ALA A 83 5.38 13.03 -1.12
C ALA A 83 6.52 13.52 -0.19
N GLN A 84 7.42 12.64 0.24
CA GLN A 84 8.57 13.00 1.08
C GLN A 84 9.73 13.67 0.32
N ASN A 85 9.70 13.66 -1.03
CA ASN A 85 10.76 14.20 -1.89
C ASN A 85 10.55 15.69 -2.24
N ALA A 86 11.66 16.44 -2.31
CA ALA A 86 11.73 17.87 -2.70
C ALA A 86 10.86 18.84 -1.87
N GLN A 87 10.94 20.14 -2.21
CA GLN A 87 10.13 21.20 -1.61
C GLN A 87 8.64 21.10 -2.03
N GLN A 88 7.73 21.40 -1.11
CA GLN A 88 6.27 21.37 -1.34
C GLN A 88 5.71 22.65 -2.00
N LEU A 89 6.50 23.73 -2.04
CA LEU A 89 6.11 25.02 -2.62
C LEU A 89 6.01 24.96 -4.16
N HIS A 90 4.99 25.62 -4.72
CA HIS A 90 4.74 25.73 -6.17
C HIS A 90 3.99 27.03 -6.51
N GLU A 91 3.94 27.38 -7.81
CA GLU A 91 3.21 28.53 -8.36
C GLU A 91 2.75 28.27 -9.81
N ARG A 92 1.82 29.11 -10.31
CA ARG A 92 1.22 29.00 -11.65
C ARG A 92 1.02 30.39 -12.29
N ILE A 93 1.17 30.47 -13.61
CA ILE A 93 0.98 31.69 -14.41
C ILE A 93 -0.49 32.15 -14.48
N GLN A 94 -0.70 33.43 -14.79
CA GLN A 94 -2.02 34.07 -14.91
C GLN A 94 -2.07 35.14 -16.04
N SER A 95 -1.23 34.96 -17.07
CA SER A 95 -0.99 35.93 -18.16
C SER A 95 -2.17 36.14 -19.13
N SER A 96 -3.14 35.23 -19.17
CA SER A 96 -4.33 35.30 -20.02
C SER A 96 -5.53 34.54 -19.42
N SER A 97 -6.74 35.09 -19.59
CA SER A 97 -8.02 34.49 -19.20
C SER A 97 -9.19 35.16 -19.97
N MET A 98 -10.32 34.46 -20.13
CA MET A 98 -11.51 34.98 -20.80
C MET A 98 -12.29 35.96 -19.89
N ASP A 99 -12.70 37.10 -20.44
CA ASP A 99 -13.49 38.12 -19.72
C ASP A 99 -14.95 37.70 -19.49
N ALA A 100 -15.51 36.87 -20.38
CA ALA A 100 -16.85 36.30 -20.30
C ALA A 100 -16.94 34.96 -21.06
N LYS A 101 -17.85 34.07 -20.63
CA LYS A 101 -18.07 32.74 -21.20
C LYS A 101 -19.57 32.42 -21.29
N LEU A 102 -20.12 32.43 -22.52
CA LEU A 102 -21.54 32.23 -22.78
C LEU A 102 -21.95 30.75 -22.87
N GLU A 103 -21.05 29.89 -23.34
CA GLU A 103 -21.19 28.43 -23.46
C GLU A 103 -22.48 27.95 -24.18
N ALA A 104 -22.91 28.72 -25.18
CA ALA A 104 -24.15 28.50 -25.92
C ALA A 104 -24.16 27.19 -26.74
N LEU A 105 -25.29 26.49 -26.72
CA LEU A 105 -25.55 25.28 -27.52
C LEU A 105 -26.00 25.62 -28.96
N LYS A 106 -25.92 24.64 -29.87
CA LYS A 106 -26.39 24.73 -31.27
C LYS A 106 -26.93 23.40 -31.80
N ASP A 107 -27.88 23.47 -32.72
CA ASP A 107 -28.44 22.33 -33.46
C ASP A 107 -27.71 22.11 -34.81
N LEU A 108 -27.67 20.86 -35.27
CA LEU A 108 -27.09 20.45 -36.56
C LEU A 108 -27.98 19.39 -37.25
N ALA A 109 -28.08 19.46 -38.58
CA ALA A 109 -28.85 18.52 -39.40
C ALA A 109 -28.15 17.16 -39.57
N SER A 110 -28.93 16.10 -39.78
CA SER A 110 -28.46 14.73 -40.05
C SER A 110 -29.51 13.90 -40.83
N LEU A 111 -29.04 12.95 -41.64
CA LEU A 111 -29.87 12.04 -42.46
C LEU A 111 -29.10 10.74 -42.81
N SER A 112 -29.84 9.70 -43.20
CA SER A 112 -29.31 8.42 -43.70
C SER A 112 -30.32 7.71 -44.61
N ARG A 113 -29.83 6.84 -45.52
CA ARG A 113 -30.64 6.06 -46.48
C ARG A 113 -31.37 4.88 -45.82
N ASP A 114 -32.36 4.33 -46.53
CA ASP A 114 -33.16 3.14 -46.17
C ASP A 114 -33.82 3.21 -44.77
N GLY A 1 -28.69 -15.72 7.42
CA GLY A 1 -28.23 -15.26 6.08
C GLY A 1 -26.73 -15.45 5.90
N MET A 2 -26.15 -14.78 4.90
CA MET A 2 -24.73 -14.84 4.55
C MET A 2 -24.27 -13.50 3.91
N PRO A 3 -23.20 -12.83 4.43
CA PRO A 3 -22.70 -11.58 3.86
C PRO A 3 -21.98 -11.79 2.50
N PRO A 4 -21.82 -10.74 1.68
CA PRO A 4 -21.04 -10.79 0.43
C PRO A 4 -19.55 -11.16 0.65
N PRO A 5 -18.88 -11.77 -0.35
CA PRO A 5 -17.45 -12.06 -0.28
C PRO A 5 -16.58 -10.79 -0.22
N ALA A 6 -15.43 -10.87 0.45
CA ALA A 6 -14.49 -9.76 0.61
C ALA A 6 -13.68 -9.47 -0.68
N ASP A 7 -13.23 -8.21 -0.82
CA ASP A 7 -12.40 -7.73 -1.94
C ASP A 7 -10.88 -7.96 -1.77
N ILE A 8 -10.49 -8.83 -0.82
CA ILE A 8 -9.09 -9.09 -0.45
C ILE A 8 -8.32 -9.77 -1.59
N VAL A 9 -7.07 -9.36 -1.78
CA VAL A 9 -6.12 -9.87 -2.79
C VAL A 9 -4.75 -10.15 -2.19
N LYS A 10 -4.14 -11.29 -2.54
CA LYS A 10 -2.75 -11.64 -2.17
C LYS A 10 -1.76 -10.92 -3.07
N VAL A 11 -0.60 -10.54 -2.53
CA VAL A 11 0.48 -9.82 -3.24
C VAL A 11 1.87 -10.31 -2.80
N ALA A 12 2.87 -10.13 -3.66
CA ALA A 12 4.28 -10.44 -3.38
C ALA A 12 5.12 -9.16 -3.48
N ILE A 13 5.67 -8.68 -2.37
CA ILE A 13 6.32 -7.36 -2.28
C ILE A 13 7.85 -7.49 -2.32
N GLU A 14 8.48 -6.78 -3.24
CA GLU A 14 9.93 -6.67 -3.39
C GLU A 14 10.56 -5.64 -2.45
N TRP A 15 11.76 -5.94 -1.94
CA TRP A 15 12.64 -5.04 -1.19
C TRP A 15 14.11 -5.50 -1.28
N PRO A 16 15.12 -4.59 -1.37
CA PRO A 16 16.51 -4.99 -1.58
C PRO A 16 17.10 -5.83 -0.42
N GLY A 17 17.97 -6.79 -0.76
CA GLY A 17 18.65 -7.65 0.21
C GLY A 17 17.76 -8.69 0.93
N ALA A 18 16.53 -8.91 0.45
CA ALA A 18 15.55 -9.81 1.05
C ALA A 18 14.72 -10.58 -0.01
N TYR A 19 14.15 -11.72 0.39
CA TYR A 19 13.17 -12.47 -0.41
C TYR A 19 11.82 -11.72 -0.47
N PRO A 20 10.99 -11.92 -1.52
CA PRO A 20 9.69 -11.26 -1.63
C PRO A 20 8.75 -11.59 -0.46
N LYS A 21 8.16 -10.55 0.15
CA LYS A 21 7.18 -10.68 1.24
C LYS A 21 5.79 -10.98 0.66
N LEU A 22 5.31 -12.20 0.86
CA LEU A 22 3.92 -12.58 0.58
C LEU A 22 3.00 -12.05 1.69
N MET A 23 1.96 -11.30 1.33
CA MET A 23 0.92 -10.83 2.25
C MET A 23 -0.41 -10.57 1.53
N GLU A 24 -1.45 -10.17 2.26
CA GLU A 24 -2.77 -9.85 1.73
C GLU A 24 -3.13 -8.38 1.93
N ILE A 25 -3.72 -7.78 0.89
CA ILE A 25 -4.26 -6.42 0.88
C ILE A 25 -5.79 -6.50 0.92
N ASP A 26 -6.37 -6.02 2.02
CA ASP A 26 -7.81 -5.79 2.16
C ASP A 26 -8.15 -4.39 1.65
N GLN A 27 -8.99 -4.30 0.62
CA GLN A 27 -9.38 -3.01 0.02
C GLN A 27 -10.20 -2.11 0.97
N LYS A 28 -10.73 -2.66 2.09
CA LYS A 28 -11.38 -1.89 3.16
C LYS A 28 -10.41 -1.31 4.20
N LYS A 29 -9.19 -1.85 4.33
CA LYS A 29 -8.15 -1.35 5.26
C LYS A 29 -7.42 -0.12 4.69
N PRO A 30 -6.98 0.83 5.53
CA PRO A 30 -6.17 1.97 5.09
C PRO A 30 -4.78 1.52 4.66
N LEU A 31 -4.26 2.16 3.60
CA LEU A 31 -2.92 1.85 3.07
C LEU A 31 -1.82 2.15 4.09
N SER A 32 -1.99 3.12 4.98
CA SER A 32 -1.05 3.41 6.08
C SER A 32 -0.88 2.21 7.04
N ALA A 33 -1.97 1.54 7.43
CA ALA A 33 -1.91 0.33 8.25
C ALA A 33 -1.27 -0.85 7.51
N ILE A 34 -1.56 -0.99 6.21
CA ILE A 34 -0.94 -2.02 5.36
C ILE A 34 0.57 -1.76 5.22
N ILE A 35 1.00 -0.52 4.92
CA ILE A 35 2.41 -0.14 4.78
C ILE A 35 3.18 -0.36 6.09
N LYS A 36 2.56 -0.14 7.26
CA LYS A 36 3.13 -0.51 8.57
C LYS A 36 3.38 -2.02 8.67
N GLU A 37 2.43 -2.86 8.24
CA GLU A 37 2.56 -4.30 8.19
C GLU A 37 3.61 -4.77 7.15
N VAL A 38 3.85 -4.02 6.06
CA VAL A 38 4.98 -4.28 5.16
C VAL A 38 6.31 -4.00 5.86
N CYS A 39 6.47 -2.78 6.40
CA CYS A 39 7.74 -2.32 6.98
C CYS A 39 8.17 -3.16 8.20
N ASP A 40 7.22 -3.52 9.08
CA ASP A 40 7.47 -4.41 10.23
C ASP A 40 7.95 -5.81 9.81
N GLY A 41 7.57 -6.28 8.61
CA GLY A 41 8.04 -7.54 8.02
C GLY A 41 9.55 -7.58 7.74
N TRP A 42 10.18 -6.41 7.57
CA TRP A 42 11.64 -6.24 7.44
C TRP A 42 12.25 -5.39 8.58
N SER A 43 11.52 -5.21 9.68
CA SER A 43 11.91 -4.40 10.85
C SER A 43 12.28 -2.93 10.53
N LEU A 44 11.73 -2.38 9.45
CA LEU A 44 11.98 -1.02 8.98
C LEU A 44 11.29 0.02 9.89
N ALA A 45 12.08 0.98 10.39
CA ALA A 45 11.61 2.10 11.21
C ALA A 45 10.82 3.13 10.38
N ASN A 46 9.90 3.84 11.06
CA ASN A 46 9.12 4.98 10.54
C ASN A 46 8.46 4.68 9.18
N HIS A 47 7.47 3.78 9.18
CA HIS A 47 6.67 3.40 8.01
C HIS A 47 5.94 4.59 7.35
N GLU A 48 5.81 5.71 8.07
CA GLU A 48 5.27 6.98 7.57
C GLU A 48 6.00 7.50 6.32
N TYR A 49 7.28 7.14 6.16
CA TYR A 49 8.10 7.53 5.01
C TYR A 49 7.79 6.72 3.74
N PHE A 50 7.13 5.56 3.89
CA PHE A 50 6.98 4.56 2.83
C PHE A 50 5.66 4.64 2.06
N ALA A 51 5.70 4.04 0.87
CA ALA A 51 4.59 3.80 -0.04
C ALA A 51 4.78 2.45 -0.75
N LEU A 52 3.69 1.75 -1.03
CA LEU A 52 3.71 0.60 -1.93
C LEU A 52 3.71 1.08 -3.38
N GLN A 53 4.25 0.26 -4.28
CA GLN A 53 4.35 0.54 -5.71
C GLN A 53 4.16 -0.76 -6.51
N HIS A 54 3.62 -0.66 -7.72
CA HIS A 54 3.55 -1.79 -8.66
C HIS A 54 4.95 -2.23 -9.13
N ALA A 55 5.09 -3.52 -9.46
CA ALA A 55 6.27 -4.07 -10.12
C ALA A 55 5.93 -5.11 -11.23
N ASP A 56 4.72 -5.71 -11.21
CA ASP A 56 4.26 -6.66 -12.23
C ASP A 56 3.94 -5.99 -13.59
N SER A 57 2.84 -5.23 -13.65
CA SER A 57 2.31 -4.65 -14.91
C SER A 57 2.78 -3.20 -15.18
N SER A 58 3.25 -2.49 -14.14
CA SER A 58 3.64 -1.07 -14.20
C SER A 58 4.55 -0.70 -13.01
N ASN A 59 4.86 0.60 -12.86
CA ASN A 59 5.59 1.20 -11.74
C ASN A 59 4.77 2.31 -11.03
N PHE A 60 3.44 2.31 -11.14
CA PHE A 60 2.57 3.25 -10.42
C PHE A 60 2.70 3.09 -8.90
N TYR A 61 2.76 4.20 -8.16
CA TYR A 61 2.65 4.19 -6.68
C TYR A 61 1.20 3.85 -6.29
N ILE A 62 1.01 3.05 -5.23
CA ILE A 62 -0.32 2.72 -4.71
C ILE A 62 -0.92 3.92 -3.96
N THR A 63 -2.21 4.18 -4.22
CA THR A 63 -3.02 5.27 -3.65
C THR A 63 -4.43 4.78 -3.39
N GLU A 64 -5.29 5.58 -2.75
CA GLU A 64 -6.70 5.24 -2.51
C GLU A 64 -7.49 4.97 -3.81
N LYS A 65 -7.02 5.49 -4.96
CA LYS A 65 -7.52 5.16 -6.30
C LYS A 65 -6.77 3.99 -6.94
N ASN A 66 -5.44 4.00 -6.92
CA ASN A 66 -4.59 3.06 -7.67
C ASN A 66 -4.54 1.66 -7.05
N ARG A 67 -4.88 1.52 -5.75
CA ARG A 67 -5.05 0.22 -5.07
C ARG A 67 -6.05 -0.71 -5.76
N ASN A 68 -7.02 -0.15 -6.50
CA ASN A 68 -8.01 -0.91 -7.28
C ASN A 68 -7.42 -1.58 -8.54
N GLU A 69 -6.22 -1.16 -8.99
CA GLU A 69 -5.48 -1.80 -10.08
C GLU A 69 -4.74 -3.08 -9.63
N ILE A 70 -4.63 -3.32 -8.31
CA ILE A 70 -4.07 -4.56 -7.74
C ILE A 70 -5.04 -5.72 -7.99
N LYS A 71 -4.50 -6.83 -8.53
CA LYS A 71 -5.16 -8.14 -8.67
C LYS A 71 -4.54 -9.20 -7.76
N ASN A 72 -5.21 -10.32 -7.56
CA ASN A 72 -4.66 -11.44 -6.80
C ASN A 72 -3.38 -11.99 -7.49
N GLY A 73 -2.28 -12.06 -6.73
CA GLY A 73 -0.95 -12.44 -7.22
C GLY A 73 -0.11 -11.30 -7.81
N THR A 74 -0.48 -10.03 -7.62
CA THR A 74 0.30 -8.87 -8.10
C THR A 74 1.67 -8.79 -7.43
N ILE A 75 2.74 -8.63 -8.23
CA ILE A 75 4.07 -8.30 -7.72
C ILE A 75 4.12 -6.79 -7.47
N LEU A 76 4.40 -6.41 -6.22
CA LEU A 76 4.58 -5.05 -5.76
C LEU A 76 6.04 -4.81 -5.31
N ARG A 77 6.34 -3.58 -4.89
CA ARG A 77 7.64 -3.14 -4.35
C ARG A 77 7.42 -2.13 -3.24
N LEU A 78 8.17 -2.26 -2.14
CA LEU A 78 8.24 -1.24 -1.09
C LEU A 78 9.25 -0.15 -1.49
N THR A 79 8.90 1.11 -1.26
CA THR A 79 9.72 2.27 -1.64
C THR A 79 9.38 3.48 -0.74
N THR A 80 10.30 4.42 -0.55
CA THR A 80 9.96 5.69 0.12
C THR A 80 9.05 6.55 -0.78
N SER A 81 8.08 7.21 -0.16
CA SER A 81 7.01 7.97 -0.81
C SER A 81 7.53 9.11 -1.72
N PRO A 82 6.84 9.44 -2.83
CA PRO A 82 7.16 10.61 -3.64
C PRO A 82 6.90 11.94 -2.90
N ALA A 83 6.04 11.94 -1.87
CA ALA A 83 5.83 13.07 -0.96
C ALA A 83 6.81 13.04 0.23
N GLN A 84 6.77 11.95 1.00
CA GLN A 84 7.55 11.70 2.23
C GLN A 84 7.50 12.84 3.28
N ASN A 85 6.37 13.56 3.38
CA ASN A 85 6.18 14.71 4.26
C ASN A 85 4.71 14.84 4.72
N ALA A 86 4.48 15.46 5.88
CA ALA A 86 3.17 15.67 6.50
C ALA A 86 3.18 16.96 7.35
N GLN A 87 2.99 18.12 6.70
CA GLN A 87 2.98 19.44 7.36
C GLN A 87 1.85 19.59 8.40
N GLN A 88 0.77 18.82 8.25
CA GLN A 88 -0.40 18.77 9.13
C GLN A 88 -0.20 17.99 10.46
N LEU A 89 0.99 17.40 10.68
CA LEU A 89 1.29 16.56 11.84
C LEU A 89 1.11 17.31 13.19
N HIS A 90 0.27 16.75 14.07
CA HIS A 90 -0.01 17.28 15.41
C HIS A 90 1.09 16.98 16.43
N GLU A 91 1.10 17.72 17.54
CA GLU A 91 1.97 17.50 18.71
C GLU A 91 1.69 16.15 19.41
N ARG A 92 2.69 15.65 20.16
CA ARG A 92 2.61 14.40 20.95
C ARG A 92 1.57 14.49 22.08
N ILE A 93 0.82 13.41 22.29
CA ILE A 93 -0.20 13.25 23.35
C ILE A 93 -0.10 11.87 24.03
N GLN A 94 -0.65 11.75 25.23
CA GLN A 94 -0.72 10.49 25.98
C GLN A 94 -1.74 9.50 25.38
N SER A 95 -1.45 8.20 25.47
CA SER A 95 -2.32 7.10 25.01
C SER A 95 -3.11 6.45 26.17
N SER A 96 -4.31 5.94 25.88
CA SER A 96 -5.15 5.17 26.81
C SER A 96 -4.55 3.81 27.16
N SER A 97 -4.90 3.27 28.35
CA SER A 97 -4.38 1.99 28.87
C SER A 97 -5.42 1.09 29.55
N MET A 98 -6.68 1.53 29.70
CA MET A 98 -7.75 0.77 30.37
C MET A 98 -8.10 -0.56 29.66
N ASP A 99 -7.88 -0.63 28.34
CA ASP A 99 -8.12 -1.83 27.52
C ASP A 99 -7.18 -3.02 27.81
N ALA A 100 -6.14 -2.83 28.64
CA ALA A 100 -5.17 -3.88 29.01
C ALA A 100 -5.77 -5.02 29.85
N LYS A 101 -6.91 -4.80 30.50
CA LYS A 101 -7.67 -5.78 31.33
C LYS A 101 -6.81 -6.45 32.43
N LEU A 102 -5.84 -5.72 32.95
CA LEU A 102 -4.77 -6.21 33.84
C LEU A 102 -5.22 -6.58 35.27
N GLU A 103 -6.47 -6.28 35.64
CA GLU A 103 -7.07 -6.57 36.96
C GLU A 103 -7.60 -8.01 37.13
N ALA A 104 -7.25 -8.90 36.20
CA ALA A 104 -7.50 -10.33 36.26
C ALA A 104 -6.90 -11.02 37.51
N LEU A 105 -7.53 -12.13 37.92
CA LEU A 105 -7.14 -12.96 39.09
C LEU A 105 -7.18 -14.46 38.75
N LYS A 106 -6.40 -15.26 39.49
CA LYS A 106 -6.29 -16.73 39.33
C LYS A 106 -6.27 -17.55 40.62
N ASP A 107 -6.14 -16.91 41.79
CA ASP A 107 -6.03 -17.55 43.11
C ASP A 107 -7.41 -17.94 43.70
N LEU A 108 -8.25 -18.58 42.89
CA LEU A 108 -9.61 -19.00 43.26
C LEU A 108 -9.59 -20.25 44.17
N ALA A 109 -10.57 -20.34 45.07
CA ALA A 109 -10.73 -21.44 46.04
C ALA A 109 -12.21 -21.64 46.44
N SER A 110 -12.53 -22.84 46.96
CA SER A 110 -13.87 -23.16 47.49
C SER A 110 -14.18 -22.43 48.82
N LEU A 111 -13.15 -22.19 49.64
CA LEU A 111 -13.25 -21.44 50.90
C LEU A 111 -13.59 -19.95 50.66
N SER A 112 -14.50 -19.41 51.45
CA SER A 112 -14.96 -18.01 51.38
C SER A 112 -13.84 -16.99 51.65
N ARG A 113 -13.83 -15.89 50.88
CA ARG A 113 -12.91 -14.76 51.05
C ARG A 113 -13.27 -13.92 52.30
N ASP A 114 -12.26 -13.35 52.97
CA ASP A 114 -12.40 -12.46 54.13
C ASP A 114 -13.12 -11.12 53.80
N GLY A 1 -13.53 -4.05 14.87
CA GLY A 1 -13.52 -5.52 15.03
C GLY A 1 -12.70 -6.21 13.97
N MET A 2 -12.78 -7.55 13.92
CA MET A 2 -12.07 -8.39 12.94
C MET A 2 -12.58 -8.14 11.50
N PRO A 3 -11.71 -8.03 10.48
CA PRO A 3 -12.13 -7.85 9.08
C PRO A 3 -12.84 -9.09 8.51
N PRO A 4 -13.74 -8.93 7.52
CA PRO A 4 -14.45 -10.03 6.87
C PRO A 4 -13.51 -10.89 6.00
N PRO A 5 -13.87 -12.17 5.73
CA PRO A 5 -13.14 -13.07 4.81
C PRO A 5 -13.45 -12.76 3.33
N ALA A 6 -13.49 -11.48 2.95
CA ALA A 6 -13.92 -10.98 1.65
C ALA A 6 -13.20 -9.66 1.26
N ASP A 7 -13.24 -9.30 -0.02
CA ASP A 7 -12.59 -8.11 -0.60
C ASP A 7 -11.05 -8.06 -0.39
N ILE A 8 -10.42 -9.23 -0.23
CA ILE A 8 -8.97 -9.39 -0.01
C ILE A 8 -8.28 -9.93 -1.27
N VAL A 9 -7.05 -9.45 -1.50
CA VAL A 9 -6.14 -9.87 -2.58
C VAL A 9 -4.74 -10.15 -2.03
N LYS A 10 -4.17 -11.31 -2.37
CA LYS A 10 -2.78 -11.66 -2.05
C LYS A 10 -1.81 -10.89 -2.96
N VAL A 11 -0.66 -10.48 -2.42
CA VAL A 11 0.40 -9.76 -3.14
C VAL A 11 1.78 -10.27 -2.73
N ALA A 12 2.75 -10.17 -3.65
CA ALA A 12 4.17 -10.44 -3.39
C ALA A 12 4.97 -9.13 -3.49
N ILE A 13 5.79 -8.80 -2.48
CA ILE A 13 6.44 -7.49 -2.35
C ILE A 13 7.96 -7.64 -2.38
N GLU A 14 8.60 -6.96 -3.33
CA GLU A 14 10.05 -6.87 -3.48
C GLU A 14 10.69 -5.83 -2.54
N TRP A 15 11.87 -6.17 -2.01
CA TRP A 15 12.79 -5.29 -1.26
C TRP A 15 14.21 -5.88 -1.29
N PRO A 16 15.28 -5.08 -1.45
CA PRO A 16 16.65 -5.59 -1.63
C PRO A 16 17.20 -6.26 -0.35
N GLY A 17 18.10 -7.24 -0.54
CA GLY A 17 18.73 -8.01 0.54
C GLY A 17 17.82 -9.03 1.23
N ALA A 18 16.63 -9.29 0.68
CA ALA A 18 15.62 -10.21 1.22
C ALA A 18 14.81 -10.91 0.10
N TYR A 19 14.17 -12.03 0.45
CA TYR A 19 13.21 -12.72 -0.42
C TYR A 19 11.88 -11.93 -0.55
N PRO A 20 11.09 -12.13 -1.63
CA PRO A 20 9.79 -11.46 -1.79
C PRO A 20 8.81 -11.80 -0.65
N LYS A 21 8.25 -10.78 -0.01
CA LYS A 21 7.29 -10.93 1.09
C LYS A 21 5.87 -11.14 0.55
N LEU A 22 5.29 -12.30 0.81
CA LEU A 22 3.87 -12.56 0.57
C LEU A 22 3.02 -11.96 1.70
N MET A 23 1.97 -11.21 1.36
CA MET A 23 0.99 -10.67 2.31
C MET A 23 -0.38 -10.50 1.63
N GLU A 24 -1.42 -10.14 2.39
CA GLU A 24 -2.80 -10.06 1.91
C GLU A 24 -3.43 -8.69 2.22
N ILE A 25 -3.73 -7.94 1.15
CA ILE A 25 -4.34 -6.61 1.21
C ILE A 25 -5.86 -6.73 1.27
N ASP A 26 -6.46 -6.28 2.37
CA ASP A 26 -7.91 -6.08 2.48
C ASP A 26 -8.25 -4.72 1.86
N GLN A 27 -9.06 -4.70 0.80
CA GLN A 27 -9.41 -3.45 0.10
C GLN A 27 -10.27 -2.48 0.94
N LYS A 28 -10.79 -2.91 2.11
CA LYS A 28 -11.46 -2.06 3.10
C LYS A 28 -10.53 -1.47 4.18
N LYS A 29 -9.34 -2.04 4.42
CA LYS A 29 -8.37 -1.54 5.43
C LYS A 29 -7.44 -0.46 4.84
N PRO A 30 -6.98 0.52 5.65
CA PRO A 30 -6.20 1.66 5.15
C PRO A 30 -4.79 1.26 4.72
N LEU A 31 -4.26 1.94 3.70
CA LEU A 31 -2.91 1.71 3.20
C LEU A 31 -1.83 2.05 4.24
N SER A 32 -2.05 3.00 5.16
CA SER A 32 -1.11 3.25 6.26
C SER A 32 -0.92 2.01 7.14
N ALA A 33 -2.01 1.32 7.50
CA ALA A 33 -1.93 0.07 8.26
C ALA A 33 -1.23 -1.06 7.46
N ILE A 34 -1.55 -1.20 6.17
CA ILE A 34 -0.89 -2.16 5.27
C ILE A 34 0.62 -1.89 5.16
N ILE A 35 1.02 -0.65 4.86
CA ILE A 35 2.44 -0.27 4.69
C ILE A 35 3.20 -0.51 6.00
N LYS A 36 2.61 -0.20 7.17
CA LYS A 36 3.18 -0.54 8.48
C LYS A 36 3.39 -2.05 8.65
N GLU A 37 2.42 -2.88 8.23
CA GLU A 37 2.49 -4.34 8.29
C GLU A 37 3.51 -4.93 7.30
N VAL A 38 3.80 -4.24 6.18
CA VAL A 38 4.91 -4.58 5.28
C VAL A 38 6.24 -4.26 5.95
N CYS A 39 6.48 -2.98 6.27
CA CYS A 39 7.74 -2.44 6.79
C CYS A 39 8.26 -3.16 8.05
N ASP A 40 7.37 -3.53 8.97
CA ASP A 40 7.74 -4.22 10.22
C ASP A 40 8.45 -5.58 10.00
N GLY A 41 8.15 -6.26 8.89
CA GLY A 41 8.79 -7.55 8.54
C GLY A 41 10.27 -7.41 8.16
N TRP A 42 10.66 -6.27 7.60
CA TRP A 42 12.05 -5.88 7.34
C TRP A 42 12.63 -4.94 8.41
N SER A 43 11.95 -4.81 9.56
CA SER A 43 12.27 -3.93 10.71
C SER A 43 12.38 -2.43 10.39
N LEU A 44 11.79 -1.99 9.27
CA LEU A 44 11.81 -0.60 8.81
C LEU A 44 10.93 0.29 9.69
N ALA A 45 11.55 1.22 10.42
CA ALA A 45 10.87 2.23 11.22
C ALA A 45 10.25 3.35 10.35
N ASN A 46 9.32 4.11 10.94
CA ASN A 46 8.68 5.29 10.35
C ASN A 46 8.03 4.99 8.98
N HIS A 47 7.00 4.13 8.97
CA HIS A 47 6.29 3.70 7.76
C HIS A 47 5.59 4.85 7.01
N GLU A 48 5.44 6.02 7.64
CA GLU A 48 4.95 7.27 7.05
C GLU A 48 5.74 7.72 5.80
N TYR A 49 7.02 7.36 5.74
CA TYR A 49 7.90 7.65 4.59
C TYR A 49 7.62 6.73 3.39
N PHE A 50 7.00 5.56 3.60
CA PHE A 50 6.87 4.49 2.62
C PHE A 50 5.53 4.45 1.86
N ALA A 51 5.57 3.78 0.71
CA ALA A 51 4.44 3.38 -0.11
C ALA A 51 4.78 2.11 -0.90
N LEU A 52 3.75 1.38 -1.30
CA LEU A 52 3.88 0.29 -2.27
C LEU A 52 3.91 0.87 -3.69
N GLN A 53 4.53 0.17 -4.63
CA GLN A 53 4.60 0.53 -6.05
C GLN A 53 4.47 -0.71 -6.93
N HIS A 54 3.82 -0.60 -8.09
CA HIS A 54 3.66 -1.71 -9.06
C HIS A 54 5.00 -2.20 -9.62
N ALA A 55 5.13 -3.54 -9.76
CA ALA A 55 6.23 -4.20 -10.47
C ALA A 55 5.75 -5.04 -11.68
N ASP A 56 4.48 -5.48 -11.69
CA ASP A 56 3.81 -6.08 -12.87
C ASP A 56 3.45 -5.06 -13.98
N SER A 57 3.65 -3.76 -13.73
CA SER A 57 3.37 -2.66 -14.64
C SER A 57 4.38 -1.51 -14.46
N SER A 58 4.10 -0.33 -15.00
CA SER A 58 4.87 0.91 -14.76
C SER A 58 4.87 1.30 -13.27
N ASN A 59 5.77 2.21 -12.89
CA ASN A 59 6.09 2.62 -11.51
C ASN A 59 4.98 3.45 -10.80
N PHE A 60 3.72 3.06 -10.91
CA PHE A 60 2.60 3.68 -10.20
C PHE A 60 2.69 3.41 -8.69
N TYR A 61 2.81 4.46 -7.87
CA TYR A 61 2.68 4.36 -6.42
C TYR A 61 1.23 4.00 -6.05
N ILE A 62 1.05 3.16 -5.04
CA ILE A 62 -0.26 2.77 -4.52
C ILE A 62 -0.82 3.86 -3.59
N THR A 63 -2.09 4.17 -3.77
CA THR A 63 -2.87 5.21 -3.06
C THR A 63 -4.29 4.70 -2.86
N GLU A 64 -5.10 5.40 -2.04
CA GLU A 64 -6.51 5.02 -1.82
C GLU A 64 -7.36 5.07 -3.11
N LYS A 65 -6.86 5.72 -4.18
CA LYS A 65 -7.40 5.66 -5.55
C LYS A 65 -6.80 4.50 -6.36
N ASN A 66 -5.48 4.37 -6.38
CA ASN A 66 -4.73 3.47 -7.28
C ASN A 66 -4.76 1.99 -6.85
N ARG A 67 -5.08 1.69 -5.59
CA ARG A 67 -5.16 0.33 -5.04
C ARG A 67 -6.18 -0.58 -5.75
N ASN A 68 -7.12 0.00 -6.51
CA ASN A 68 -8.06 -0.75 -7.36
C ASN A 68 -7.39 -1.49 -8.54
N GLU A 69 -6.16 -1.11 -8.93
CA GLU A 69 -5.36 -1.83 -9.94
C GLU A 69 -4.73 -3.13 -9.40
N ILE A 70 -4.68 -3.32 -8.08
CA ILE A 70 -4.17 -4.54 -7.46
C ILE A 70 -5.21 -5.66 -7.59
N LYS A 71 -4.76 -6.83 -8.09
CA LYS A 71 -5.51 -8.09 -8.16
C LYS A 71 -4.81 -9.21 -7.39
N ASN A 72 -5.48 -10.34 -7.17
CA ASN A 72 -4.90 -11.48 -6.47
C ASN A 72 -3.67 -12.04 -7.22
N GLY A 73 -2.53 -12.07 -6.54
CA GLY A 73 -1.22 -12.48 -7.10
C GLY A 73 -0.37 -11.34 -7.69
N THR A 74 -0.73 -10.06 -7.49
CA THR A 74 0.03 -8.91 -8.00
C THR A 74 1.43 -8.82 -7.37
N ILE A 75 2.47 -8.65 -8.19
CA ILE A 75 3.83 -8.33 -7.73
C ILE A 75 3.98 -6.81 -7.61
N LEU A 76 4.41 -6.38 -6.42
CA LEU A 76 4.67 -5.00 -6.00
C LEU A 76 6.11 -4.87 -5.47
N ARG A 77 6.52 -3.66 -5.11
CA ARG A 77 7.75 -3.37 -4.36
C ARG A 77 7.50 -2.34 -3.27
N LEU A 78 8.23 -2.42 -2.17
CA LEU A 78 8.26 -1.38 -1.15
C LEU A 78 9.26 -0.29 -1.56
N THR A 79 8.90 0.98 -1.36
CA THR A 79 9.72 2.14 -1.73
C THR A 79 9.33 3.36 -0.89
N THR A 80 10.21 4.35 -0.74
CA THR A 80 9.84 5.64 -0.13
C THR A 80 8.94 6.43 -1.09
N SER A 81 7.83 6.96 -0.56
CA SER A 81 6.80 7.70 -1.31
C SER A 81 7.30 9.06 -1.82
N PRO A 82 6.59 9.71 -2.78
CA PRO A 82 6.91 11.07 -3.21
C PRO A 82 6.45 12.16 -2.20
N ALA A 83 5.43 11.88 -1.38
CA ALA A 83 4.81 12.84 -0.46
C ALA A 83 5.41 12.81 0.97
N GLN A 84 5.69 11.62 1.50
CA GLN A 84 6.28 11.37 2.82
C GLN A 84 5.57 12.15 3.94
N ASN A 85 6.29 13.06 4.62
CA ASN A 85 5.81 13.83 5.77
C ASN A 85 5.42 15.29 5.44
N ALA A 86 5.35 15.67 4.15
CA ALA A 86 5.05 17.03 3.73
C ALA A 86 3.60 17.44 4.06
N GLN A 87 3.45 18.55 4.78
CA GLN A 87 2.18 19.12 5.30
C GLN A 87 1.40 18.19 6.26
N GLN A 88 0.46 18.77 7.01
CA GLN A 88 -0.50 18.02 7.86
C GLN A 88 -1.50 17.24 6.98
N LEU A 89 -1.79 15.99 7.35
CA LEU A 89 -2.74 15.13 6.64
C LEU A 89 -4.20 15.53 6.89
N HIS A 90 -5.08 15.25 5.92
CA HIS A 90 -6.52 15.54 5.96
C HIS A 90 -7.31 14.52 5.11
N GLU A 91 -8.54 14.21 5.54
CA GLU A 91 -9.43 13.20 4.91
C GLU A 91 -10.26 13.76 3.74
N ARG A 92 -9.65 14.69 2.98
CA ARG A 92 -10.28 15.51 1.92
C ARG A 92 -10.83 14.72 0.73
N ILE A 93 -10.42 13.46 0.61
CA ILE A 93 -10.92 12.48 -0.38
C ILE A 93 -12.37 12.01 -0.11
N GLN A 94 -12.93 12.28 1.07
CA GLN A 94 -14.31 11.91 1.44
C GLN A 94 -15.38 12.62 0.56
N SER A 95 -16.50 11.94 0.34
CA SER A 95 -17.66 12.45 -0.44
C SER A 95 -18.95 11.69 -0.09
N SER A 96 -20.10 12.38 -0.22
CA SER A 96 -21.44 11.77 -0.15
C SER A 96 -21.83 10.99 -1.42
N SER A 97 -21.09 11.16 -2.52
CA SER A 97 -21.33 10.47 -3.80
C SER A 97 -20.97 8.97 -3.78
N MET A 98 -21.51 8.22 -4.75
CA MET A 98 -21.25 6.79 -4.96
C MET A 98 -21.38 6.41 -6.45
N ASP A 99 -20.71 5.32 -6.85
CA ASP A 99 -20.65 4.84 -8.25
C ASP A 99 -20.75 3.31 -8.40
N ALA A 100 -21.09 2.59 -7.33
CA ALA A 100 -21.23 1.13 -7.28
C ALA A 100 -22.26 0.67 -6.23
N LYS A 101 -22.82 -0.53 -6.43
CA LYS A 101 -23.84 -1.18 -5.58
C LYS A 101 -23.48 -2.63 -5.21
N LEU A 102 -22.18 -2.94 -5.19
CA LEU A 102 -21.62 -4.30 -5.03
C LEU A 102 -21.58 -4.82 -3.59
N GLU A 103 -21.93 -4.00 -2.59
CA GLU A 103 -21.95 -4.38 -1.17
C GLU A 103 -22.95 -5.50 -0.84
N ALA A 104 -22.54 -6.47 -0.03
CA ALA A 104 -23.38 -7.59 0.39
C ALA A 104 -24.48 -7.18 1.40
N LEU A 105 -25.64 -7.86 1.32
CA LEU A 105 -26.83 -7.62 2.17
C LEU A 105 -27.19 -8.82 3.06
N LYS A 106 -26.33 -9.84 3.13
CA LYS A 106 -26.55 -11.09 3.89
C LYS A 106 -26.58 -10.85 5.41
N ASP A 107 -27.53 -11.48 6.10
CA ASP A 107 -27.63 -11.49 7.56
C ASP A 107 -26.76 -12.59 8.19
N LEU A 108 -26.21 -12.34 9.38
CA LEU A 108 -25.44 -13.30 10.19
C LEU A 108 -26.25 -13.87 11.38
N ALA A 109 -27.36 -13.22 11.78
CA ALA A 109 -28.26 -13.68 12.84
C ALA A 109 -29.21 -14.81 12.37
N SER A 110 -29.90 -15.44 13.32
CA SER A 110 -30.91 -16.48 13.08
C SER A 110 -32.01 -16.46 14.15
N LEU A 111 -33.24 -16.81 13.75
CA LEU A 111 -34.40 -16.99 14.64
C LEU A 111 -34.45 -18.36 15.34
N SER A 112 -33.51 -19.27 15.03
CA SER A 112 -33.47 -20.62 15.60
C SER A 112 -33.18 -20.61 17.12
N ARG A 113 -33.92 -21.43 17.88
CA ARG A 113 -33.82 -21.53 19.35
C ARG A 113 -32.58 -22.32 19.81
N ASP A 114 -32.10 -22.02 21.02
CA ASP A 114 -30.99 -22.72 21.71
C ASP A 114 -31.38 -24.13 22.20
N GLY A 1 -15.38 -4.88 12.68
CA GLY A 1 -15.74 -6.11 11.95
C GLY A 1 -14.53 -6.78 11.31
N MET A 2 -14.63 -8.08 11.02
CA MET A 2 -13.58 -8.86 10.36
C MET A 2 -13.40 -8.47 8.87
N PRO A 3 -12.21 -8.71 8.26
CA PRO A 3 -11.96 -8.47 6.83
C PRO A 3 -12.99 -9.17 5.91
N PRO A 4 -13.73 -8.44 5.04
CA PRO A 4 -14.80 -9.04 4.21
C PRO A 4 -14.27 -10.01 3.14
N PRO A 5 -15.01 -11.09 2.81
CA PRO A 5 -14.64 -12.03 1.74
C PRO A 5 -14.66 -11.36 0.35
N ALA A 6 -13.76 -11.81 -0.52
CA ALA A 6 -13.55 -11.34 -1.91
C ALA A 6 -13.18 -9.84 -2.10
N ASP A 7 -13.05 -9.07 -1.02
CA ASP A 7 -12.50 -7.70 -1.01
C ASP A 7 -10.98 -7.68 -0.72
N ILE A 8 -10.31 -8.83 -0.81
CA ILE A 8 -8.93 -9.06 -0.38
C ILE A 8 -8.12 -9.71 -1.51
N VAL A 9 -6.89 -9.24 -1.73
CA VAL A 9 -5.99 -9.69 -2.79
C VAL A 9 -4.59 -10.04 -2.25
N LYS A 10 -4.09 -11.24 -2.55
CA LYS A 10 -2.74 -11.68 -2.19
C LYS A 10 -1.69 -11.03 -3.10
N VAL A 11 -0.53 -10.67 -2.55
CA VAL A 11 0.56 -9.97 -3.25
C VAL A 11 1.94 -10.47 -2.81
N ALA A 12 2.94 -10.29 -3.67
CA ALA A 12 4.35 -10.53 -3.35
C ALA A 12 5.14 -9.21 -3.46
N ILE A 13 5.71 -8.73 -2.35
CA ILE A 13 6.33 -7.40 -2.25
C ILE A 13 7.86 -7.53 -2.25
N GLU A 14 8.51 -6.82 -3.17
CA GLU A 14 9.97 -6.73 -3.29
C GLU A 14 10.61 -5.67 -2.36
N TRP A 15 11.82 -5.95 -1.88
CA TRP A 15 12.70 -5.03 -1.16
C TRP A 15 14.18 -5.43 -1.36
N PRO A 16 15.15 -4.50 -1.50
CA PRO A 16 16.54 -4.84 -1.79
C PRO A 16 17.21 -5.67 -0.69
N GLY A 17 18.00 -6.68 -1.08
CA GLY A 17 18.72 -7.57 -0.16
C GLY A 17 17.85 -8.56 0.62
N ALA A 18 16.58 -8.73 0.25
CA ALA A 18 15.61 -9.61 0.92
C ALA A 18 14.77 -10.43 -0.08
N TYR A 19 14.27 -11.58 0.38
CA TYR A 19 13.28 -12.39 -0.35
C TYR A 19 11.92 -11.66 -0.40
N PRO A 20 11.10 -11.84 -1.46
CA PRO A 20 9.79 -11.19 -1.57
C PRO A 20 8.84 -11.58 -0.43
N LYS A 21 8.23 -10.56 0.21
CA LYS A 21 7.25 -10.73 1.29
C LYS A 21 5.86 -11.04 0.70
N LEU A 22 5.38 -12.26 0.91
CA LEU A 22 4.00 -12.63 0.63
C LEU A 22 3.07 -12.09 1.73
N MET A 23 2.02 -11.37 1.34
CA MET A 23 0.97 -10.90 2.25
C MET A 23 -0.36 -10.66 1.53
N GLU A 24 -1.40 -10.27 2.27
CA GLU A 24 -2.72 -9.93 1.72
C GLU A 24 -3.08 -8.45 1.94
N ILE A 25 -3.63 -7.83 0.91
CA ILE A 25 -4.12 -6.45 0.90
C ILE A 25 -5.65 -6.50 0.94
N ASP A 26 -6.23 -6.14 2.08
CA ASP A 26 -7.67 -5.90 2.23
C ASP A 26 -7.99 -4.50 1.67
N GLN A 27 -8.80 -4.44 0.61
CA GLN A 27 -9.14 -3.18 -0.06
C GLN A 27 -9.99 -2.23 0.81
N LYS A 28 -10.56 -2.72 1.93
CA LYS A 28 -11.27 -1.89 2.92
C LYS A 28 -10.35 -1.28 4.00
N LYS A 29 -9.16 -1.85 4.26
CA LYS A 29 -8.17 -1.32 5.22
C LYS A 29 -7.42 -0.11 4.64
N PRO A 30 -6.99 0.85 5.49
CA PRO A 30 -6.20 2.00 5.05
C PRO A 30 -4.80 1.56 4.62
N LEU A 31 -4.30 2.15 3.53
CA LEU A 31 -2.97 1.83 3.00
C LEU A 31 -1.84 2.15 4.00
N SER A 32 -1.99 3.17 4.86
CA SER A 32 -1.02 3.46 5.93
C SER A 32 -0.85 2.29 6.91
N ALA A 33 -1.94 1.65 7.34
CA ALA A 33 -1.89 0.46 8.19
C ALA A 33 -1.25 -0.74 7.46
N ILE A 34 -1.58 -0.93 6.18
CA ILE A 34 -0.99 -1.98 5.34
C ILE A 34 0.52 -1.76 5.15
N ILE A 35 0.96 -0.55 4.84
CA ILE A 35 2.39 -0.18 4.68
C ILE A 35 3.16 -0.42 5.99
N LYS A 36 2.56 -0.13 7.15
CA LYS A 36 3.13 -0.46 8.47
C LYS A 36 3.31 -1.98 8.66
N GLU A 37 2.35 -2.78 8.21
CA GLU A 37 2.44 -4.25 8.18
C GLU A 37 3.46 -4.78 7.16
N VAL A 38 3.78 -4.03 6.08
CA VAL A 38 4.91 -4.34 5.19
C VAL A 38 6.23 -4.11 5.90
N CYS A 39 6.49 -2.88 6.36
CA CYS A 39 7.81 -2.46 6.86
C CYS A 39 8.22 -3.23 8.13
N ASP A 40 7.26 -3.56 9.02
CA ASP A 40 7.50 -4.40 10.20
C ASP A 40 8.00 -5.82 9.84
N GLY A 41 7.63 -6.34 8.66
CA GLY A 41 8.11 -7.63 8.13
C GLY A 41 9.61 -7.67 7.84
N TRP A 42 10.24 -6.50 7.62
CA TRP A 42 11.69 -6.31 7.47
C TRP A 42 12.30 -5.44 8.60
N SER A 43 11.52 -5.16 9.66
CA SER A 43 11.90 -4.28 10.79
C SER A 43 12.32 -2.86 10.37
N LEU A 44 11.75 -2.34 9.26
CA LEU A 44 12.02 -1.00 8.74
C LEU A 44 11.20 0.04 9.54
N ALA A 45 11.89 1.04 10.09
CA ALA A 45 11.30 2.07 10.96
C ALA A 45 10.48 3.14 10.20
N ASN A 46 9.60 3.81 10.94
CA ASN A 46 8.83 5.00 10.53
C ASN A 46 8.09 4.82 9.19
N HIS A 47 6.98 4.08 9.21
CA HIS A 47 6.22 3.69 8.02
C HIS A 47 5.63 4.88 7.25
N GLU A 48 5.54 6.06 7.88
CA GLU A 48 5.12 7.33 7.27
C GLU A 48 5.96 7.70 6.03
N TYR A 49 7.23 7.30 6.00
CA TYR A 49 8.14 7.58 4.88
C TYR A 49 7.81 6.72 3.66
N PHE A 50 7.18 5.56 3.85
CA PHE A 50 7.01 4.53 2.83
C PHE A 50 5.69 4.61 2.06
N ALA A 51 5.70 4.01 0.88
CA ALA A 51 4.56 3.73 0.03
C ALA A 51 4.75 2.38 -0.68
N LEU A 52 3.65 1.68 -0.95
CA LEU A 52 3.65 0.53 -1.85
C LEU A 52 3.70 1.03 -3.29
N GLN A 53 4.33 0.25 -4.16
CA GLN A 53 4.49 0.52 -5.58
C GLN A 53 4.35 -0.79 -6.37
N HIS A 54 3.96 -0.71 -7.63
CA HIS A 54 3.95 -1.86 -8.53
C HIS A 54 5.37 -2.33 -8.90
N ALA A 55 5.50 -3.64 -9.12
CA ALA A 55 6.68 -4.27 -9.71
C ALA A 55 6.31 -5.07 -10.98
N ASP A 56 5.04 -5.52 -11.10
CA ASP A 56 4.48 -6.05 -12.35
C ASP A 56 4.47 -4.93 -13.42
N SER A 57 3.93 -3.75 -13.03
CA SER A 57 4.09 -2.49 -13.77
C SER A 57 5.36 -1.78 -13.26
N SER A 58 5.97 -0.91 -14.08
CA SER A 58 7.31 -0.35 -13.83
C SER A 58 7.45 0.47 -12.54
N ASN A 59 6.54 1.42 -12.27
CA ASN A 59 6.71 2.41 -11.20
C ASN A 59 5.41 3.02 -10.61
N PHE A 60 4.23 2.46 -10.88
CA PHE A 60 2.96 3.03 -10.38
C PHE A 60 2.87 2.92 -8.84
N TYR A 61 2.79 4.05 -8.12
CA TYR A 61 2.54 4.05 -6.68
C TYR A 61 1.10 3.62 -6.34
N ILE A 62 0.91 2.93 -5.21
CA ILE A 62 -0.40 2.53 -4.70
C ILE A 62 -1.03 3.66 -3.88
N THR A 63 -2.29 3.99 -4.17
CA THR A 63 -3.06 5.09 -3.57
C THR A 63 -4.55 4.70 -3.47
N GLU A 64 -5.37 5.47 -2.76
CA GLU A 64 -6.83 5.26 -2.74
C GLU A 64 -7.49 5.38 -4.15
N LYS A 65 -6.80 5.99 -5.12
CA LYS A 65 -7.22 6.13 -6.53
C LYS A 65 -6.63 5.05 -7.47
N ASN A 66 -5.69 4.21 -7.00
CA ASN A 66 -4.94 3.25 -7.83
C ASN A 66 -4.84 1.82 -7.25
N ARG A 67 -5.17 1.61 -5.96
CA ARG A 67 -5.16 0.29 -5.29
C ARG A 67 -6.08 -0.75 -5.94
N ASN A 68 -7.11 -0.30 -6.66
CA ASN A 68 -8.05 -1.13 -7.41
C ASN A 68 -7.38 -1.96 -8.54
N GLU A 69 -6.21 -1.53 -9.03
CA GLU A 69 -5.44 -2.26 -10.04
C GLU A 69 -4.75 -3.52 -9.49
N ILE A 70 -4.56 -3.61 -8.17
CA ILE A 70 -4.02 -4.79 -7.49
C ILE A 70 -5.03 -5.94 -7.58
N LYS A 71 -4.53 -7.13 -7.96
CA LYS A 71 -5.28 -8.38 -8.11
C LYS A 71 -4.51 -9.56 -7.50
N ASN A 72 -5.19 -10.70 -7.30
CA ASN A 72 -4.60 -11.88 -6.66
C ASN A 72 -3.35 -12.37 -7.42
N GLY A 73 -2.19 -12.31 -6.77
CA GLY A 73 -0.87 -12.66 -7.33
C GLY A 73 -0.06 -11.48 -7.87
N THR A 74 -0.44 -10.22 -7.62
CA THR A 74 0.28 -9.03 -8.08
C THR A 74 1.68 -8.92 -7.44
N ILE A 75 2.70 -8.65 -8.25
CA ILE A 75 4.04 -8.32 -7.76
C ILE A 75 4.12 -6.81 -7.46
N LEU A 76 4.44 -6.46 -6.23
CA LEU A 76 4.62 -5.10 -5.72
C LEU A 76 6.06 -4.88 -5.20
N ARG A 77 6.34 -3.68 -4.70
CA ARG A 77 7.63 -3.22 -4.18
C ARG A 77 7.43 -2.20 -3.07
N LEU A 78 8.19 -2.30 -1.99
CA LEU A 78 8.27 -1.28 -0.94
C LEU A 78 9.30 -0.20 -1.33
N THR A 79 8.97 1.07 -1.10
CA THR A 79 9.82 2.21 -1.45
C THR A 79 9.48 3.44 -0.60
N THR A 80 10.44 4.34 -0.34
CA THR A 80 10.14 5.64 0.27
C THR A 80 9.39 6.54 -0.72
N SER A 81 8.31 7.17 -0.26
CA SER A 81 7.33 7.88 -1.08
C SER A 81 7.87 9.18 -1.71
N PRO A 82 7.20 9.72 -2.75
CA PRO A 82 7.48 11.07 -3.25
C PRO A 82 7.18 12.16 -2.21
N ALA A 83 6.23 11.92 -1.31
CA ALA A 83 5.71 12.89 -0.34
C ALA A 83 6.70 13.23 0.80
N GLN A 84 7.47 12.24 1.30
CA GLN A 84 8.39 12.44 2.44
C GLN A 84 9.57 13.39 2.14
N ASN A 85 9.80 13.74 0.87
CA ASN A 85 10.76 14.78 0.47
C ASN A 85 10.33 16.21 0.87
N ALA A 86 9.08 16.40 1.30
CA ALA A 86 8.47 17.67 1.67
C ALA A 86 7.59 17.55 2.94
N GLN A 87 6.92 18.64 3.33
CA GLN A 87 6.03 18.75 4.50
C GLN A 87 4.68 18.00 4.33
N GLN A 88 4.51 17.20 3.28
CA GLN A 88 3.28 16.46 2.91
C GLN A 88 3.06 15.19 3.76
N LEU A 89 3.22 15.30 5.08
CA LEU A 89 3.01 14.21 6.04
C LEU A 89 1.51 13.83 6.13
N HIS A 90 1.24 12.55 6.44
CA HIS A 90 -0.10 11.96 6.46
C HIS A 90 -0.95 12.41 7.66
N GLU A 91 -2.27 12.41 7.48
CA GLU A 91 -3.27 12.59 8.54
C GLU A 91 -4.59 11.87 8.17
N ARG A 92 -5.42 11.53 9.17
CA ARG A 92 -6.64 10.72 9.01
C ARG A 92 -7.82 11.53 8.45
N ILE A 93 -7.71 11.96 7.20
CA ILE A 93 -8.81 12.56 6.41
C ILE A 93 -9.94 11.54 6.23
N GLN A 94 -11.20 12.00 6.31
CA GLN A 94 -12.38 11.14 6.16
C GLN A 94 -12.47 10.53 4.74
N SER A 95 -12.70 9.21 4.69
CA SER A 95 -12.84 8.41 3.45
C SER A 95 -13.67 7.15 3.72
N SER A 96 -14.33 6.62 2.69
CA SER A 96 -15.18 5.42 2.74
C SER A 96 -15.23 4.67 1.40
N SER A 97 -15.63 3.39 1.44
CA SER A 97 -15.70 2.50 0.28
C SER A 97 -16.76 1.41 0.48
N MET A 98 -17.53 1.10 -0.56
CA MET A 98 -18.52 0.02 -0.58
C MET A 98 -17.89 -1.36 -0.83
N ASP A 99 -18.46 -2.42 -0.27
CA ASP A 99 -18.02 -3.81 -0.48
C ASP A 99 -18.26 -4.28 -1.94
N ALA A 100 -17.41 -5.18 -2.44
CA ALA A 100 -17.42 -5.69 -3.81
C ALA A 100 -17.46 -7.24 -3.85
N LYS A 101 -18.05 -7.87 -2.84
CA LYS A 101 -18.18 -9.33 -2.67
C LYS A 101 -18.84 -9.99 -3.90
N LEU A 102 -18.14 -10.95 -4.51
CA LEU A 102 -18.57 -11.68 -5.71
C LEU A 102 -17.83 -13.02 -5.81
N GLU A 103 -18.53 -14.08 -6.24
CA GLU A 103 -17.92 -15.40 -6.50
C GLU A 103 -17.02 -15.37 -7.75
N ALA A 104 -15.79 -15.90 -7.63
CA ALA A 104 -14.76 -15.85 -8.68
C ALA A 104 -13.76 -17.02 -8.58
N LEU A 105 -13.11 -17.34 -9.70
CA LEU A 105 -12.09 -18.39 -9.86
C LEU A 105 -10.92 -17.89 -10.73
N LYS A 106 -9.76 -18.58 -10.62
CA LYS A 106 -8.54 -18.30 -11.38
C LYS A 106 -7.80 -19.61 -11.71
N ASP A 107 -7.19 -19.67 -12.90
CA ASP A 107 -6.34 -20.78 -13.37
C ASP A 107 -4.89 -20.63 -12.86
N LEU A 108 -4.68 -20.95 -11.57
CA LEU A 108 -3.34 -20.97 -10.94
C LEU A 108 -2.42 -22.01 -11.59
N ALA A 109 -1.10 -21.78 -11.50
CA ALA A 109 -0.08 -22.70 -12.03
C ALA A 109 -0.09 -24.09 -11.36
N SER A 110 -0.67 -24.21 -10.16
CA SER A 110 -0.86 -25.48 -9.44
C SER A 110 -1.82 -26.47 -10.12
N LEU A 111 -2.65 -26.01 -11.06
CA LEU A 111 -3.49 -26.87 -11.91
C LEU A 111 -2.68 -27.59 -13.01
N SER A 112 -1.50 -27.09 -13.38
CA SER A 112 -0.63 -27.69 -14.39
C SER A 112 -0.08 -29.06 -13.93
N ARG A 113 -0.15 -30.06 -14.80
CA ARG A 113 0.11 -31.48 -14.50
C ARG A 113 0.45 -32.29 -15.74
N ASP A 114 1.13 -33.42 -15.54
CA ASP A 114 1.49 -34.42 -16.58
C ASP A 114 0.28 -35.24 -17.08
N GLY A 1 -26.57 -13.35 8.79
CA GLY A 1 -25.48 -13.92 7.98
C GLY A 1 -25.30 -13.18 6.65
N MET A 2 -24.69 -13.85 5.67
CA MET A 2 -24.42 -13.35 4.30
C MET A 2 -23.70 -11.97 4.28
N PRO A 3 -22.43 -11.88 4.74
CA PRO A 3 -21.65 -10.64 4.72
C PRO A 3 -21.28 -10.19 3.29
N PRO A 4 -20.81 -8.93 3.11
CA PRO A 4 -20.34 -8.42 1.82
C PRO A 4 -19.17 -9.23 1.21
N PRO A 5 -18.93 -9.17 -0.11
CA PRO A 5 -17.88 -9.92 -0.79
C PRO A 5 -16.46 -9.69 -0.24
N ALA A 6 -15.70 -10.77 -0.07
CA ALA A 6 -14.32 -10.75 0.43
C ALA A 6 -13.31 -10.35 -0.66
N ASP A 7 -13.26 -9.06 -1.00
CA ASP A 7 -12.38 -8.46 -2.02
C ASP A 7 -10.89 -8.35 -1.59
N ILE A 8 -10.41 -9.31 -0.80
CA ILE A 8 -9.01 -9.42 -0.34
C ILE A 8 -8.15 -10.06 -1.44
N VAL A 9 -6.94 -9.56 -1.66
CA VAL A 9 -6.01 -10.01 -2.71
C VAL A 9 -4.61 -10.31 -2.15
N LYS A 10 -4.03 -11.46 -2.50
CA LYS A 10 -2.63 -11.80 -2.22
C LYS A 10 -1.69 -10.94 -3.06
N VAL A 11 -0.54 -10.61 -2.48
CA VAL A 11 0.55 -9.85 -3.13
C VAL A 11 1.92 -10.36 -2.68
N ALA A 12 2.93 -10.20 -3.56
CA ALA A 12 4.34 -10.49 -3.27
C ALA A 12 5.17 -9.19 -3.37
N ILE A 13 5.76 -8.75 -2.27
CA ILE A 13 6.41 -7.43 -2.16
C ILE A 13 7.93 -7.56 -2.16
N GLU A 14 8.59 -6.88 -3.09
CA GLU A 14 10.05 -6.79 -3.20
C GLU A 14 10.65 -5.72 -2.26
N TRP A 15 11.84 -6.00 -1.73
CA TRP A 15 12.70 -5.06 -1.00
C TRP A 15 14.19 -5.52 -1.09
N PRO A 16 15.18 -4.61 -1.19
CA PRO A 16 16.58 -5.00 -1.41
C PRO A 16 17.18 -5.83 -0.28
N GLY A 17 18.03 -6.81 -0.63
CA GLY A 17 18.72 -7.69 0.33
C GLY A 17 17.82 -8.73 1.03
N ALA A 18 16.59 -8.93 0.55
CA ALA A 18 15.60 -9.85 1.13
C ALA A 18 14.77 -10.58 0.07
N TYR A 19 14.23 -11.75 0.44
CA TYR A 19 13.24 -12.48 -0.37
C TYR A 19 11.89 -11.73 -0.40
N PRO A 20 11.05 -11.89 -1.45
CA PRO A 20 9.74 -11.24 -1.53
C PRO A 20 8.81 -11.60 -0.36
N LYS A 21 8.25 -10.58 0.30
CA LYS A 21 7.25 -10.73 1.37
C LYS A 21 5.88 -11.04 0.78
N LEU A 22 5.38 -12.26 1.00
CA LEU A 22 4.00 -12.63 0.71
C LEU A 22 3.08 -12.09 1.80
N MET A 23 2.02 -11.36 1.40
CA MET A 23 0.97 -10.89 2.31
C MET A 23 -0.37 -10.70 1.57
N GLU A 24 -1.41 -10.25 2.28
CA GLU A 24 -2.74 -9.99 1.72
C GLU A 24 -3.16 -8.53 1.95
N ILE A 25 -3.61 -7.87 0.88
CA ILE A 25 -4.21 -6.54 0.90
C ILE A 25 -5.73 -6.69 0.92
N ASP A 26 -6.35 -6.29 2.03
CA ASP A 26 -7.80 -6.11 2.13
C ASP A 26 -8.14 -4.72 1.59
N GLN A 27 -8.97 -4.64 0.55
CA GLN A 27 -9.37 -3.37 -0.05
C GLN A 27 -10.19 -2.46 0.89
N LYS A 28 -10.67 -2.98 2.04
CA LYS A 28 -11.29 -2.18 3.13
C LYS A 28 -10.27 -1.62 4.15
N LYS A 29 -9.07 -2.19 4.28
CA LYS A 29 -8.01 -1.68 5.20
C LYS A 29 -7.30 -0.46 4.61
N PRO A 30 -6.93 0.56 5.41
CA PRO A 30 -6.19 1.73 4.95
C PRO A 30 -4.76 1.37 4.56
N LEU A 31 -4.23 2.03 3.52
CA LEU A 31 -2.88 1.79 3.05
C LEU A 31 -1.80 2.15 4.08
N SER A 32 -2.03 3.14 4.96
CA SER A 32 -1.08 3.44 6.05
C SER A 32 -0.91 2.24 7.00
N ALA A 33 -2.00 1.58 7.40
CA ALA A 33 -1.92 0.37 8.24
C ALA A 33 -1.24 -0.80 7.52
N ILE A 34 -1.55 -0.99 6.23
CA ILE A 34 -0.91 -2.01 5.38
C ILE A 34 0.60 -1.74 5.25
N ILE A 35 1.01 -0.51 4.88
CA ILE A 35 2.40 -0.12 4.70
C ILE A 35 3.20 -0.25 6.01
N LYS A 36 2.58 0.03 7.17
CA LYS A 36 3.17 -0.26 8.48
C LYS A 36 3.44 -1.76 8.68
N GLU A 37 2.51 -2.63 8.28
CA GLU A 37 2.66 -4.08 8.31
C GLU A 37 3.68 -4.61 7.29
N VAL A 38 3.88 -3.92 6.14
CA VAL A 38 4.99 -4.20 5.22
C VAL A 38 6.33 -3.86 5.88
N CYS A 39 6.47 -2.63 6.39
CA CYS A 39 7.71 -2.12 6.98
C CYS A 39 8.14 -2.94 8.21
N ASP A 40 7.20 -3.30 9.09
CA ASP A 40 7.44 -4.16 10.26
C ASP A 40 7.95 -5.57 9.87
N GLY A 41 7.55 -6.07 8.69
CA GLY A 41 8.05 -7.32 8.11
C GLY A 41 9.57 -7.33 7.84
N TRP A 42 10.18 -6.15 7.66
CA TRP A 42 11.63 -5.95 7.55
C TRP A 42 12.20 -5.07 8.68
N SER A 43 11.46 -4.90 9.78
CA SER A 43 11.78 -4.06 10.96
C SER A 43 12.06 -2.56 10.65
N LEU A 44 11.61 -2.06 9.50
CA LEU A 44 11.78 -0.69 9.05
C LEU A 44 10.98 0.31 9.92
N ALA A 45 11.68 1.30 10.48
CA ALA A 45 11.09 2.38 11.26
C ALA A 45 10.40 3.44 10.37
N ASN A 46 9.47 4.20 10.96
CA ASN A 46 8.79 5.36 10.37
C ASN A 46 8.18 5.06 8.99
N HIS A 47 7.13 4.21 8.96
CA HIS A 47 6.46 3.75 7.75
C HIS A 47 5.79 4.91 6.96
N GLU A 48 5.61 6.07 7.59
CA GLU A 48 5.06 7.30 6.99
C GLU A 48 5.83 7.76 5.74
N TYR A 49 7.13 7.43 5.62
CA TYR A 49 7.94 7.78 4.46
C TYR A 49 7.68 6.87 3.24
N PHE A 50 7.04 5.72 3.43
CA PHE A 50 6.93 4.65 2.45
C PHE A 50 5.61 4.65 1.67
N ALA A 51 5.68 4.02 0.49
CA ALA A 51 4.58 3.66 -0.39
C ALA A 51 4.89 2.32 -1.07
N LEU A 52 3.84 1.55 -1.37
CA LEU A 52 3.96 0.39 -2.27
C LEU A 52 4.01 0.88 -3.72
N GLN A 53 4.56 0.09 -4.63
CA GLN A 53 4.68 0.40 -6.06
C GLN A 53 4.54 -0.87 -6.89
N HIS A 54 3.99 -0.78 -8.11
CA HIS A 54 3.92 -1.91 -9.04
C HIS A 54 5.34 -2.32 -9.50
N ALA A 55 5.69 -3.61 -9.34
CA ALA A 55 7.06 -4.08 -9.56
C ALA A 55 7.44 -4.25 -11.05
N ASP A 56 6.46 -4.51 -11.92
CA ASP A 56 6.66 -4.89 -13.33
C ASP A 56 7.01 -3.68 -14.23
N SER A 57 8.21 -3.12 -14.06
CA SER A 57 8.81 -1.94 -14.72
C SER A 57 8.07 -0.59 -14.56
N SER A 58 6.82 -0.60 -14.11
CA SER A 58 5.99 0.58 -13.88
C SER A 58 6.50 1.47 -12.73
N ASN A 59 6.27 2.78 -12.85
CA ASN A 59 6.50 3.76 -11.79
C ASN A 59 5.30 3.93 -10.83
N PHE A 60 4.15 3.30 -11.10
CA PHE A 60 2.89 3.57 -10.39
C PHE A 60 2.97 3.20 -8.90
N TYR A 61 3.02 4.23 -8.05
CA TYR A 61 2.85 4.09 -6.60
C TYR A 61 1.39 3.73 -6.27
N ILE A 62 1.18 2.94 -5.22
CA ILE A 62 -0.14 2.58 -4.72
C ILE A 62 -0.70 3.71 -3.84
N THR A 63 -1.98 4.01 -4.04
CA THR A 63 -2.74 5.09 -3.40
C THR A 63 -4.18 4.60 -3.18
N GLU A 64 -5.00 5.33 -2.43
CA GLU A 64 -6.40 4.98 -2.20
C GLU A 64 -7.25 4.95 -3.50
N LYS A 65 -6.72 5.49 -4.62
CA LYS A 65 -7.27 5.34 -5.98
C LYS A 65 -6.60 4.21 -6.77
N ASN A 66 -5.26 4.11 -6.73
CA ASN A 66 -4.47 3.18 -7.55
C ASN A 66 -4.53 1.72 -7.05
N ARG A 67 -4.86 1.50 -5.76
CA ARG A 67 -5.02 0.16 -5.18
C ARG A 67 -6.06 -0.72 -5.87
N ASN A 68 -7.01 -0.12 -6.60
CA ASN A 68 -7.99 -0.83 -7.44
C ASN A 68 -7.36 -1.56 -8.64
N GLU A 69 -6.14 -1.20 -9.04
CA GLU A 69 -5.37 -1.91 -10.08
C GLU A 69 -4.67 -3.19 -9.56
N ILE A 70 -4.63 -3.41 -8.24
CA ILE A 70 -4.08 -4.63 -7.62
C ILE A 70 -5.09 -5.78 -7.78
N LYS A 71 -4.59 -6.94 -8.21
CA LYS A 71 -5.30 -8.22 -8.32
C LYS A 71 -4.59 -9.34 -7.54
N ASN A 72 -5.27 -10.46 -7.34
CA ASN A 72 -4.70 -11.60 -6.61
C ASN A 72 -3.43 -12.15 -7.31
N GLY A 73 -2.30 -12.11 -6.60
CA GLY A 73 -0.97 -12.48 -7.11
C GLY A 73 -0.14 -11.32 -7.70
N THR A 74 -0.51 -10.05 -7.48
CA THR A 74 0.25 -8.89 -7.98
C THR A 74 1.63 -8.81 -7.31
N ILE A 75 2.69 -8.65 -8.12
CA ILE A 75 4.03 -8.35 -7.62
C ILE A 75 4.16 -6.84 -7.39
N LEU A 76 4.49 -6.45 -6.16
CA LEU A 76 4.70 -5.08 -5.70
C LEU A 76 6.14 -4.88 -5.20
N ARG A 77 6.50 -3.64 -4.86
CA ARG A 77 7.81 -3.24 -4.34
C ARG A 77 7.63 -2.16 -3.27
N LEU A 78 8.32 -2.30 -2.14
CA LEU A 78 8.40 -1.26 -1.12
C LEU A 78 9.41 -0.19 -1.53
N THR A 79 9.07 1.08 -1.34
CA THR A 79 9.89 2.24 -1.74
C THR A 79 9.49 3.47 -0.92
N THR A 80 10.41 4.42 -0.66
CA THR A 80 10.02 5.70 -0.06
C THR A 80 9.27 6.55 -1.10
N SER A 81 8.19 7.22 -0.67
CA SER A 81 7.31 8.00 -1.55
C SER A 81 8.02 9.23 -2.15
N PRO A 82 7.50 9.84 -3.24
CA PRO A 82 8.10 11.01 -3.88
C PRO A 82 8.33 12.23 -2.94
N ALA A 83 7.55 12.32 -1.86
CA ALA A 83 7.65 13.35 -0.82
C ALA A 83 8.31 12.85 0.49
N GLN A 84 8.61 11.55 0.60
CA GLN A 84 9.01 10.86 1.85
C GLN A 84 8.05 11.14 3.02
N ASN A 85 6.75 11.21 2.70
CA ASN A 85 5.62 11.53 3.58
C ASN A 85 4.35 10.79 3.11
N ALA A 86 3.33 10.71 3.97
CA ALA A 86 2.09 9.97 3.69
C ALA A 86 1.32 10.51 2.46
N GLN A 87 1.37 11.82 2.23
CA GLN A 87 0.89 12.46 0.99
C GLN A 87 1.97 12.31 -0.10
N GLN A 88 1.71 11.50 -1.12
CA GLN A 88 2.63 11.24 -2.24
C GLN A 88 2.76 12.42 -3.23
N LEU A 89 1.78 13.33 -3.25
CA LEU A 89 1.71 14.47 -4.16
C LEU A 89 2.46 15.70 -3.64
N HIS A 90 3.21 16.35 -4.52
CA HIS A 90 3.84 17.67 -4.28
C HIS A 90 2.91 18.86 -4.58
N GLU A 91 1.75 18.60 -5.21
CA GLU A 91 0.77 19.62 -5.63
C GLU A 91 0.12 20.36 -4.44
N ARG A 92 -0.18 21.66 -4.62
CA ARG A 92 -0.77 22.56 -3.62
C ARG A 92 -1.90 23.41 -4.23
N ILE A 93 -3.02 23.55 -3.52
CA ILE A 93 -4.23 24.27 -3.98
C ILE A 93 -4.05 25.79 -3.88
N GLN A 94 -3.53 26.28 -2.74
CA GLN A 94 -3.35 27.71 -2.46
C GLN A 94 -2.18 27.98 -1.50
N SER A 95 -1.52 29.13 -1.64
CA SER A 95 -0.46 29.63 -0.77
C SER A 95 -0.97 30.17 0.58
N SER A 96 -0.05 30.48 1.50
CA SER A 96 -0.31 31.12 2.80
C SER A 96 0.83 32.06 3.20
N SER A 97 0.56 33.05 4.06
CA SER A 97 1.55 34.02 4.54
C SER A 97 2.63 33.39 5.46
N MET A 98 2.28 32.33 6.21
CA MET A 98 3.18 31.56 7.07
C MET A 98 2.77 30.08 7.13
N ASP A 99 3.57 29.20 6.51
CA ASP A 99 3.44 27.75 6.66
C ASP A 99 4.01 27.25 8.00
N ALA A 100 5.06 27.91 8.51
CA ALA A 100 5.73 27.61 9.78
C ALA A 100 4.94 28.16 10.99
N LYS A 101 3.71 27.69 11.19
CA LYS A 101 2.77 28.15 12.24
C LYS A 101 3.31 27.98 13.67
N LEU A 102 4.23 27.04 13.86
CA LEU A 102 4.95 26.75 15.11
C LEU A 102 6.08 27.75 15.46
N GLU A 103 6.45 28.66 14.55
CA GLU A 103 7.55 29.62 14.76
C GLU A 103 7.21 30.68 15.84
N ALA A 104 8.21 31.05 16.65
CA ALA A 104 8.13 32.05 17.72
C ALA A 104 9.48 32.79 17.91
N LEU A 105 9.43 33.93 18.61
CA LEU A 105 10.57 34.81 18.88
C LEU A 105 10.44 35.53 20.24
N LYS A 106 11.57 36.02 20.77
CA LYS A 106 11.65 36.77 22.03
C LYS A 106 11.06 38.18 21.92
N ASP A 107 10.62 38.74 23.04
CA ASP A 107 10.19 40.14 23.16
C ASP A 107 11.36 41.14 23.04
N LEU A 108 11.06 42.38 22.66
CA LEU A 108 12.03 43.48 22.49
C LEU A 108 11.42 44.85 22.84
N ALA A 109 12.28 45.87 22.98
CA ALA A 109 11.93 47.24 23.32
C ALA A 109 12.89 48.26 22.67
N SER A 110 12.51 49.55 22.69
CA SER A 110 13.27 50.66 22.07
C SER A 110 13.09 51.98 22.82
N LEU A 111 14.02 52.92 22.63
CA LEU A 111 13.97 54.29 23.15
C LEU A 111 12.98 55.21 22.37
N SER A 112 12.39 54.72 21.28
CA SER A 112 11.42 55.45 20.44
C SER A 112 10.04 55.67 21.13
N ARG A 113 9.75 54.97 22.23
CA ARG A 113 8.51 55.07 23.02
C ARG A 113 8.36 56.45 23.68
N ASP A 114 7.10 56.88 23.87
CA ASP A 114 6.70 58.12 24.55
C ASP A 114 6.91 58.07 26.08
N GLY A 1 -24.94 -23.85 1.56
CA GLY A 1 -24.76 -22.98 0.38
C GLY A 1 -23.31 -22.57 0.18
N MET A 2 -23.01 -21.96 -0.98
CA MET A 2 -21.66 -21.46 -1.31
C MET A 2 -21.21 -20.29 -0.42
N PRO A 3 -19.89 -20.11 -0.17
CA PRO A 3 -19.37 -18.94 0.55
C PRO A 3 -19.56 -17.63 -0.25
N PRO A 4 -19.65 -16.46 0.42
CA PRO A 4 -19.77 -15.16 -0.24
C PRO A 4 -18.47 -14.73 -0.95
N PRO A 5 -18.54 -13.86 -1.97
CA PRO A 5 -17.37 -13.26 -2.62
C PRO A 5 -16.63 -12.27 -1.71
N ALA A 6 -15.37 -11.96 -2.05
CA ALA A 6 -14.52 -11.00 -1.35
C ALA A 6 -13.56 -10.27 -2.31
N ASP A 7 -13.15 -9.05 -1.94
CA ASP A 7 -12.28 -8.15 -2.71
C ASP A 7 -10.84 -8.05 -2.18
N ILE A 8 -10.48 -8.90 -1.21
CA ILE A 8 -9.11 -9.03 -0.67
C ILE A 8 -8.20 -9.68 -1.73
N VAL A 9 -6.98 -9.15 -1.88
CA VAL A 9 -6.04 -9.55 -2.94
C VAL A 9 -4.65 -9.90 -2.40
N LYS A 10 -4.19 -11.12 -2.68
CA LYS A 10 -2.84 -11.62 -2.36
C LYS A 10 -1.77 -10.97 -3.24
N VAL A 11 -0.64 -10.59 -2.65
CA VAL A 11 0.49 -9.90 -3.32
C VAL A 11 1.84 -10.43 -2.87
N ALA A 12 2.87 -10.25 -3.69
CA ALA A 12 4.27 -10.52 -3.36
C ALA A 12 5.08 -9.22 -3.41
N ILE A 13 5.67 -8.80 -2.28
CA ILE A 13 6.33 -7.49 -2.13
C ILE A 13 7.85 -7.64 -2.14
N GLU A 14 8.51 -6.94 -3.05
CA GLU A 14 9.97 -6.85 -3.19
C GLU A 14 10.60 -5.79 -2.29
N TRP A 15 11.80 -6.09 -1.77
CA TRP A 15 12.70 -5.17 -1.06
C TRP A 15 14.16 -5.69 -1.15
N PRO A 16 15.19 -4.83 -1.30
CA PRO A 16 16.58 -5.27 -1.43
C PRO A 16 17.10 -6.09 -0.23
N GLY A 17 17.99 -7.07 -0.52
CA GLY A 17 18.64 -7.91 0.49
C GLY A 17 17.75 -8.94 1.18
N ALA A 18 16.53 -9.18 0.67
CA ALA A 18 15.54 -10.11 1.23
C ALA A 18 14.70 -10.82 0.15
N TYR A 19 14.11 -11.96 0.52
CA TYR A 19 13.12 -12.68 -0.30
C TYR A 19 11.78 -11.92 -0.38
N PRO A 20 10.96 -12.12 -1.42
CA PRO A 20 9.66 -11.44 -1.54
C PRO A 20 8.71 -11.78 -0.39
N LYS A 21 8.11 -10.75 0.23
CA LYS A 21 7.11 -10.90 1.30
C LYS A 21 5.73 -11.15 0.71
N LEU A 22 5.21 -12.37 0.87
CA LEU A 22 3.84 -12.73 0.54
C LEU A 22 2.88 -12.22 1.63
N MET A 23 1.84 -11.50 1.22
CA MET A 23 0.80 -10.95 2.13
C MET A 23 -0.53 -10.71 1.39
N GLU A 24 -1.58 -10.30 2.12
CA GLU A 24 -2.91 -10.04 1.56
C GLU A 24 -3.38 -8.61 1.87
N ILE A 25 -3.59 -7.82 0.80
CA ILE A 25 -4.12 -6.45 0.85
C ILE A 25 -5.65 -6.52 0.93
N ASP A 26 -6.21 -6.14 2.09
CA ASP A 26 -7.63 -5.92 2.25
C ASP A 26 -7.99 -4.52 1.75
N GLN A 27 -8.82 -4.43 0.70
CA GLN A 27 -9.21 -3.16 0.08
C GLN A 27 -10.06 -2.25 1.00
N LYS A 28 -10.58 -2.76 2.14
CA LYS A 28 -11.25 -1.94 3.17
C LYS A 28 -10.28 -1.32 4.18
N LYS A 29 -9.11 -1.93 4.42
CA LYS A 29 -8.07 -1.40 5.34
C LYS A 29 -7.28 -0.25 4.70
N PRO A 30 -6.90 0.80 5.44
CA PRO A 30 -6.12 1.93 4.92
C PRO A 30 -4.71 1.48 4.53
N LEU A 31 -4.18 2.04 3.45
CA LEU A 31 -2.82 1.73 2.99
C LEU A 31 -1.75 2.09 4.02
N SER A 32 -1.95 3.11 4.85
CA SER A 32 -1.04 3.46 5.96
C SER A 32 -0.87 2.31 6.96
N ALA A 33 -1.96 1.67 7.38
CA ALA A 33 -1.91 0.49 8.25
C ALA A 33 -1.27 -0.72 7.56
N ILE A 34 -1.59 -0.94 6.27
CA ILE A 34 -1.02 -2.03 5.47
C ILE A 34 0.49 -1.84 5.29
N ILE A 35 0.96 -0.65 4.94
CA ILE A 35 2.39 -0.32 4.76
C ILE A 35 3.15 -0.51 6.08
N LYS A 36 2.54 -0.17 7.24
CA LYS A 36 3.11 -0.46 8.56
C LYS A 36 3.24 -1.97 8.83
N GLU A 37 2.27 -2.77 8.39
CA GLU A 37 2.32 -4.23 8.46
C GLU A 37 3.34 -4.85 7.49
N VAL A 38 3.69 -4.17 6.39
CA VAL A 38 4.80 -4.56 5.50
C VAL A 38 6.15 -4.28 6.16
N CYS A 39 6.44 -3.01 6.45
CA CYS A 39 7.77 -2.52 6.88
C CYS A 39 8.30 -3.18 8.16
N ASP A 40 7.40 -3.58 9.08
CA ASP A 40 7.74 -4.29 10.32
C ASP A 40 8.44 -5.65 10.07
N GLY A 41 8.16 -6.30 8.94
CA GLY A 41 8.80 -7.56 8.54
C GLY A 41 10.28 -7.44 8.18
N TRP A 42 10.70 -6.25 7.73
CA TRP A 42 12.10 -5.87 7.46
C TRP A 42 12.67 -4.90 8.51
N SER A 43 11.96 -4.69 9.62
CA SER A 43 12.29 -3.75 10.71
C SER A 43 12.51 -2.30 10.24
N LEU A 44 11.83 -1.89 9.16
CA LEU A 44 11.96 -0.55 8.56
C LEU A 44 11.11 0.47 9.34
N ALA A 45 11.77 1.50 9.86
CA ALA A 45 11.16 2.57 10.67
C ALA A 45 10.39 3.61 9.82
N ASN A 46 9.57 4.42 10.50
CA ASN A 46 8.85 5.58 9.94
C ASN A 46 7.98 5.22 8.71
N HIS A 47 6.96 4.37 8.90
CA HIS A 47 6.10 3.86 7.82
C HIS A 47 5.35 4.99 7.08
N GLU A 48 5.18 6.16 7.70
CA GLU A 48 4.64 7.38 7.09
C GLU A 48 5.41 7.82 5.84
N TYR A 49 6.71 7.51 5.75
CA TYR A 49 7.57 7.84 4.62
C TYR A 49 7.36 6.90 3.43
N PHE A 50 6.74 5.74 3.63
CA PHE A 50 6.66 4.65 2.65
C PHE A 50 5.36 4.63 1.84
N ALA A 51 5.45 3.94 0.70
CA ALA A 51 4.38 3.58 -0.23
C ALA A 51 4.69 2.22 -0.87
N LEU A 52 3.63 1.54 -1.33
CA LEU A 52 3.76 0.37 -2.20
C LEU A 52 3.77 0.85 -3.66
N GLN A 53 4.34 0.05 -4.56
CA GLN A 53 4.48 0.38 -5.98
C GLN A 53 4.42 -0.87 -6.85
N HIS A 54 3.88 -0.79 -8.06
CA HIS A 54 3.87 -1.89 -9.03
C HIS A 54 5.28 -2.26 -9.50
N ALA A 55 5.62 -3.56 -9.46
CA ALA A 55 6.82 -4.12 -10.07
C ALA A 55 6.64 -4.52 -11.55
N ASP A 56 5.45 -4.27 -12.11
CA ASP A 56 5.08 -4.49 -13.52
C ASP A 56 5.86 -3.58 -14.50
N SER A 57 5.60 -3.70 -15.80
CA SER A 57 6.23 -2.92 -16.89
C SER A 57 6.05 -1.39 -16.79
N SER A 58 5.18 -0.91 -15.89
CA SER A 58 5.07 0.50 -15.49
C SER A 58 4.91 0.61 -13.97
N ASN A 59 5.74 1.45 -13.35
CA ASN A 59 5.90 1.54 -11.89
C ASN A 59 4.96 2.57 -11.25
N PHE A 60 3.64 2.36 -11.39
CA PHE A 60 2.63 3.16 -10.70
C PHE A 60 2.71 2.98 -9.18
N TYR A 61 2.67 4.06 -8.40
CA TYR A 61 2.53 3.99 -6.95
C TYR A 61 1.11 3.55 -6.55
N ILE A 62 0.99 2.80 -5.45
CA ILE A 62 -0.30 2.41 -4.86
C ILE A 62 -0.81 3.56 -3.98
N THR A 63 -2.08 3.92 -4.18
CA THR A 63 -2.78 5.02 -3.48
C THR A 63 -4.24 4.64 -3.26
N GLU A 64 -4.97 5.36 -2.41
CA GLU A 64 -6.41 5.14 -2.21
C GLU A 64 -7.25 5.38 -3.49
N LYS A 65 -6.66 6.00 -4.53
CA LYS A 65 -7.24 6.20 -5.87
C LYS A 65 -6.78 5.17 -6.92
N ASN A 66 -5.72 4.39 -6.65
CA ASN A 66 -5.08 3.49 -7.62
C ASN A 66 -4.95 2.01 -7.15
N ARG A 67 -5.19 1.72 -5.87
CA ARG A 67 -5.14 0.35 -5.28
C ARG A 67 -6.12 -0.65 -5.91
N ASN A 68 -7.16 -0.18 -6.59
CA ASN A 68 -8.10 -1.00 -7.34
C ASN A 68 -7.45 -1.79 -8.50
N GLU A 69 -6.28 -1.35 -8.99
CA GLU A 69 -5.52 -2.02 -10.05
C GLU A 69 -4.79 -3.30 -9.57
N ILE A 70 -4.68 -3.50 -8.25
CA ILE A 70 -4.10 -4.71 -7.65
C ILE A 70 -5.07 -5.90 -7.81
N LYS A 71 -4.54 -7.05 -8.22
CA LYS A 71 -5.23 -8.36 -8.33
C LYS A 71 -4.47 -9.45 -7.58
N ASN A 72 -5.11 -10.60 -7.35
CA ASN A 72 -4.45 -11.77 -6.75
C ASN A 72 -3.23 -12.21 -7.58
N GLY A 73 -2.06 -12.29 -6.92
CA GLY A 73 -0.77 -12.61 -7.53
C GLY A 73 0.03 -11.39 -8.06
N THR A 74 -0.39 -10.16 -7.77
CA THR A 74 0.35 -8.94 -8.18
C THR A 74 1.69 -8.84 -7.47
N ILE A 75 2.77 -8.61 -8.24
CA ILE A 75 4.10 -8.31 -7.68
C ILE A 75 4.21 -6.80 -7.44
N LEU A 76 4.53 -6.42 -6.20
CA LEU A 76 4.75 -5.05 -5.75
C LEU A 76 6.19 -4.85 -5.25
N ARG A 77 6.57 -3.62 -4.95
CA ARG A 77 7.79 -3.21 -4.27
C ARG A 77 7.47 -2.22 -3.15
N LEU A 78 8.15 -2.35 -2.01
CA LEU A 78 8.13 -1.31 -0.97
C LEU A 78 9.11 -0.19 -1.39
N THR A 79 8.75 1.07 -1.16
CA THR A 79 9.54 2.24 -1.59
C THR A 79 9.19 3.48 -0.75
N THR A 80 10.11 4.44 -0.58
CA THR A 80 9.76 5.75 0.02
C THR A 80 8.95 6.60 -0.97
N SER A 81 7.89 7.22 -0.46
CA SER A 81 6.83 7.91 -1.22
C SER A 81 7.27 9.23 -1.86
N PRO A 82 6.75 9.59 -3.05
CA PRO A 82 6.92 10.94 -3.61
C PRO A 82 6.21 12.03 -2.78
N ALA A 83 5.27 11.66 -1.90
CA ALA A 83 4.51 12.55 -1.01
C ALA A 83 5.16 12.81 0.36
N GLN A 84 6.45 12.45 0.56
CA GLN A 84 7.21 12.77 1.77
C GLN A 84 7.27 14.29 2.06
N ASN A 85 7.41 14.63 3.35
CA ASN A 85 7.43 16.02 3.86
C ASN A 85 8.44 16.15 5.02
N ALA A 86 9.21 17.24 5.05
CA ALA A 86 10.17 17.56 6.12
C ALA A 86 9.52 18.02 7.45
N GLN A 87 8.23 18.37 7.43
CA GLN A 87 7.46 18.77 8.62
C GLN A 87 7.44 17.68 9.71
N GLN A 88 7.72 18.06 10.96
CA GLN A 88 7.63 17.19 12.13
C GLN A 88 6.17 16.89 12.51
N LEU A 89 5.90 15.65 12.94
CA LEU A 89 4.56 15.12 13.25
C LEU A 89 4.54 14.42 14.62
N HIS A 90 3.32 14.15 15.12
CA HIS A 90 3.05 13.45 16.40
C HIS A 90 1.81 12.55 16.30
N GLU A 91 1.67 11.62 17.24
CA GLU A 91 0.61 10.60 17.27
C GLU A 91 0.29 10.10 18.69
N ARG A 92 -0.82 9.37 18.84
CA ARG A 92 -1.25 8.67 20.07
C ARG A 92 -1.79 7.27 19.72
N ILE A 93 -1.44 6.27 20.53
CA ILE A 93 -1.86 4.88 20.33
C ILE A 93 -3.36 4.71 20.66
N GLN A 94 -4.15 4.19 19.72
CA GLN A 94 -5.55 3.85 19.91
C GLN A 94 -5.72 2.50 20.63
N SER A 95 -6.55 2.46 21.68
CA SER A 95 -6.94 1.21 22.36
C SER A 95 -7.92 0.40 21.50
N SER A 96 -7.71 -0.92 21.39
CA SER A 96 -8.53 -1.84 20.59
C SER A 96 -8.36 -3.30 21.04
N SER A 97 -9.39 -4.13 20.82
CA SER A 97 -9.41 -5.57 21.14
C SER A 97 -10.19 -6.35 20.08
N MET A 98 -9.68 -7.54 19.71
CA MET A 98 -10.26 -8.43 18.69
C MET A 98 -9.80 -9.89 18.87
N ASP A 99 -10.39 -10.80 18.08
CA ASP A 99 -9.97 -12.21 17.94
C ASP A 99 -9.96 -12.65 16.46
N ALA A 100 -9.32 -13.79 16.18
CA ALA A 100 -9.10 -14.33 14.83
C ALA A 100 -8.92 -15.87 14.83
N LYS A 101 -9.00 -16.48 13.64
CA LYS A 101 -8.71 -17.91 13.42
C LYS A 101 -7.25 -18.25 13.73
N LEU A 102 -7.01 -19.47 14.24
CA LEU A 102 -5.67 -19.96 14.60
C LEU A 102 -4.74 -20.10 13.38
N GLU A 103 -3.43 -19.89 13.60
CA GLU A 103 -2.39 -20.04 12.57
C GLU A 103 -2.09 -21.50 12.20
N ALA A 104 -1.51 -21.68 11.01
CA ALA A 104 -1.02 -22.97 10.47
C ALA A 104 0.28 -22.77 9.68
N LEU A 105 1.04 -23.85 9.46
CA LEU A 105 2.34 -23.81 8.76
C LEU A 105 2.20 -23.38 7.29
N LYS A 106 3.11 -22.52 6.82
CA LYS A 106 3.15 -21.98 5.44
C LYS A 106 4.01 -22.83 4.47
N ASP A 107 4.74 -23.81 4.99
CA ASP A 107 5.73 -24.61 4.24
C ASP A 107 5.13 -25.67 3.30
N LEU A 108 3.81 -25.90 3.36
CA LEU A 108 3.07 -26.93 2.60
C LEU A 108 2.83 -26.53 1.12
N ALA A 109 3.87 -26.05 0.45
CA ALA A 109 3.89 -25.69 -0.98
C ALA A 109 4.00 -26.92 -1.93
N SER A 110 4.22 -28.12 -1.38
CA SER A 110 4.50 -29.40 -2.09
C SER A 110 5.80 -29.43 -2.90
N LEU A 111 6.28 -30.64 -3.21
CA LEU A 111 7.52 -30.89 -3.97
C LEU A 111 7.39 -30.44 -5.43
N SER A 112 8.47 -29.88 -5.99
CA SER A 112 8.55 -29.42 -7.39
C SER A 112 8.37 -30.56 -8.40
N ARG A 113 7.74 -30.27 -9.55
CA ARG A 113 7.41 -31.23 -10.63
C ARG A 113 8.12 -30.95 -11.96
N ASP A 114 9.06 -29.99 -11.99
CA ASP A 114 9.87 -29.61 -13.16
C ASP A 114 10.86 -30.71 -13.60
#